data_6NQ7
# 
_entry.id   6NQ7 
# 
_audit_conform.dict_name       mmcif_pdbx.dic 
_audit_conform.dict_version    5.379 
_audit_conform.dict_location   http://mmcif.pdb.org/dictionaries/ascii/mmcif_pdbx.dic 
# 
loop_
_database_2.database_id 
_database_2.database_code 
_database_2.pdbx_database_accession 
_database_2.pdbx_DOI 
PDB   6NQ7         pdb_00006nq7 10.2210/pdb6nq7/pdb 
WWPDB D_1000238015 ?            ?                   
# 
_pdbx_database_status.status_code                     REL 
_pdbx_database_status.status_code_sf                  REL 
_pdbx_database_status.status_code_mr                  ? 
_pdbx_database_status.entry_id                        6NQ7 
_pdbx_database_status.recvd_initial_deposition_date   2019-01-19 
_pdbx_database_status.SG_entry                        N 
_pdbx_database_status.deposit_site                    RCSB 
_pdbx_database_status.process_site                    RCSB 
_pdbx_database_status.status_code_cs                  ? 
_pdbx_database_status.methods_development_category    ? 
_pdbx_database_status.pdb_format_compatible           Y 
_pdbx_database_status.status_code_nmr_data            ? 
# 
loop_
_audit_author.name 
_audit_author.pdbx_ordinal 
_audit_author.identifier_ORCID 
'Guo, G.'   1 ? 
'Chang, Y.' 2 ? 
'Liu, Q.'   3 ? 
# 
_citation.abstract                  ? 
_citation.abstract_id_CAS           ? 
_citation.book_id_ISBN              ? 
_citation.book_publisher            ? 
_citation.book_publisher_city       ? 
_citation.book_title                ? 
_citation.coordinate_linkage        ? 
_citation.country                   UK 
_citation.database_id_Medline       ? 
_citation.details                   ? 
_citation.id                        primary 
_citation.journal_abbrev            Structure 
_citation.journal_id_ASTM           STRUE6 
_citation.journal_id_CSD            2005 
_citation.journal_id_ISSN           0969-2126 
_citation.journal_full              ? 
_citation.journal_issue             ? 
_citation.journal_volume            27 
_citation.language                  ? 
_citation.page_first                1013 
_citation.page_last                 1021.e3 
_citation.title                     'Ion and pH Sensitivity of a TMBIM Ca2+Channel.' 
_citation.year                      2019 
_citation.database_id_CSD           ? 
_citation.pdbx_database_id_DOI      10.1016/j.str.2019.03.003 
_citation.pdbx_database_id_PubMed   30930064 
_citation.unpublished_flag          ? 
# 
loop_
_citation_author.citation_id 
_citation_author.name 
_citation_author.ordinal 
_citation_author.identifier_ORCID 
primary 'Guo, G.'      1  ? 
primary 'Xu, M.'       2  ? 
primary 'Chang, Y.'    3  ? 
primary 'Luyten, T.'   4  ? 
primary 'Seitaj, B.'   5  ? 
primary 'Liu, W.'      6  ? 
primary 'Zhu, P.'      7  ? 
primary 'Bultynck, G.' 8  ? 
primary 'Shi, L.'      9  ? 
primary 'Quick, M.'    10 ? 
primary 'Liu, Q.'      11 ? 
# 
_cell.angle_alpha                  90.00 
_cell.angle_alpha_esd              ? 
_cell.angle_beta                   93.95 
_cell.angle_beta_esd               ? 
_cell.angle_gamma                  90.00 
_cell.angle_gamma_esd              ? 
_cell.entry_id                     6NQ7 
_cell.details                      ? 
_cell.formula_units_Z              ? 
_cell.length_a                     33.864 
_cell.length_a_esd                 ? 
_cell.length_b                     63.037 
_cell.length_b_esd                 ? 
_cell.length_c                     47.336 
_cell.length_c_esd                 ? 
_cell.volume                       ? 
_cell.volume_esd                   ? 
_cell.Z_PDB                        2 
_cell.reciprocal_angle_alpha       ? 
_cell.reciprocal_angle_beta        ? 
_cell.reciprocal_angle_gamma       ? 
_cell.reciprocal_angle_alpha_esd   ? 
_cell.reciprocal_angle_beta_esd    ? 
_cell.reciprocal_angle_gamma_esd   ? 
_cell.reciprocal_length_a          ? 
_cell.reciprocal_length_b          ? 
_cell.reciprocal_length_c          ? 
_cell.reciprocal_length_a_esd      ? 
_cell.reciprocal_length_b_esd      ? 
_cell.reciprocal_length_c_esd      ? 
_cell.pdbx_unique_axis             ? 
# 
_symmetry.entry_id                         6NQ7 
_symmetry.cell_setting                     ? 
_symmetry.Int_Tables_number                4 
_symmetry.space_group_name_Hall            ? 
_symmetry.space_group_name_H-M             'P 1 21 1' 
_symmetry.pdbx_full_space_group_name_H-M   ? 
# 
loop_
_entity.id 
_entity.type 
_entity.src_method 
_entity.pdbx_description 
_entity.formula_weight 
_entity.pdbx_number_of_molecules 
_entity.pdbx_ec 
_entity.pdbx_mutation 
_entity.pdbx_fragment 
_entity.details 
1 polymer     man 'Uncharacterized protein YetJ' 23313.910 1  ? ? ? ? 
2 non-polymer syn 'GADOLINIUM ATOM'              157.250   1  ? ? ? ? 
3 water       nat water                          18.015    31 ? ? ? ? 
# 
_entity_poly.entity_id                      1 
_entity_poly.type                           'polypeptide(L)' 
_entity_poly.nstd_linkage                   no 
_entity_poly.nstd_monomer                   no 
_entity_poly.pdbx_seq_one_letter_code       
;HESKQSIMQRILTVFVFTLLIATVGLFIGQFVPVALMLPLSILEVAMIILAFWMRRRKAVGYAFVYTFAFVSGITLFPIV
SHYASIAGAYVVLEAFGSTFVIFAVLGTIGAKMKKDLSFLWSFLLVAVLALAVVGIFNIFSPLNSAAMMAYSVIGTIVFS
LYILYDLNQIKHRHITEDLIPVMALSLYLDFINLFINLLRFFGILSSDD
;
_entity_poly.pdbx_seq_one_letter_code_can   
;HESKQSIMQRILTVFVFTLLIATVGLFIGQFVPVALMLPLSILEVAMIILAFWMRRRKAVGYAFVYTFAFVSGITLFPIV
SHYASIAGAYVVLEAFGSTFVIFAVLGTIGAKMKKDLSFLWSFLLVAVLALAVVGIFNIFSPLNSAAMMAYSVIGTIVFS
LYILYDLNQIKHRHITEDLIPVMALSLYLDFINLFINLLRFFGILSSDD
;
_entity_poly.pdbx_strand_id                 A 
_entity_poly.pdbx_target_identifier         ? 
# 
loop_
_entity_poly_seq.entity_id 
_entity_poly_seq.num 
_entity_poly_seq.mon_id 
_entity_poly_seq.hetero 
1 1   HIS n 
1 2   GLU n 
1 3   SER n 
1 4   LYS n 
1 5   GLN n 
1 6   SER n 
1 7   ILE n 
1 8   MET n 
1 9   GLN n 
1 10  ARG n 
1 11  ILE n 
1 12  LEU n 
1 13  THR n 
1 14  VAL n 
1 15  PHE n 
1 16  VAL n 
1 17  PHE n 
1 18  THR n 
1 19  LEU n 
1 20  LEU n 
1 21  ILE n 
1 22  ALA n 
1 23  THR n 
1 24  VAL n 
1 25  GLY n 
1 26  LEU n 
1 27  PHE n 
1 28  ILE n 
1 29  GLY n 
1 30  GLN n 
1 31  PHE n 
1 32  VAL n 
1 33  PRO n 
1 34  VAL n 
1 35  ALA n 
1 36  LEU n 
1 37  MET n 
1 38  LEU n 
1 39  PRO n 
1 40  LEU n 
1 41  SER n 
1 42  ILE n 
1 43  LEU n 
1 44  GLU n 
1 45  VAL n 
1 46  ALA n 
1 47  MET n 
1 48  ILE n 
1 49  ILE n 
1 50  LEU n 
1 51  ALA n 
1 52  PHE n 
1 53  TRP n 
1 54  MET n 
1 55  ARG n 
1 56  ARG n 
1 57  ARG n 
1 58  LYS n 
1 59  ALA n 
1 60  VAL n 
1 61  GLY n 
1 62  TYR n 
1 63  ALA n 
1 64  PHE n 
1 65  VAL n 
1 66  TYR n 
1 67  THR n 
1 68  PHE n 
1 69  ALA n 
1 70  PHE n 
1 71  VAL n 
1 72  SER n 
1 73  GLY n 
1 74  ILE n 
1 75  THR n 
1 76  LEU n 
1 77  PHE n 
1 78  PRO n 
1 79  ILE n 
1 80  VAL n 
1 81  SER n 
1 82  HIS n 
1 83  TYR n 
1 84  ALA n 
1 85  SER n 
1 86  ILE n 
1 87  ALA n 
1 88  GLY n 
1 89  ALA n 
1 90  TYR n 
1 91  VAL n 
1 92  VAL n 
1 93  LEU n 
1 94  GLU n 
1 95  ALA n 
1 96  PHE n 
1 97  GLY n 
1 98  SER n 
1 99  THR n 
1 100 PHE n 
1 101 VAL n 
1 102 ILE n 
1 103 PHE n 
1 104 ALA n 
1 105 VAL n 
1 106 LEU n 
1 107 GLY n 
1 108 THR n 
1 109 ILE n 
1 110 GLY n 
1 111 ALA n 
1 112 LYS n 
1 113 MET n 
1 114 LYS n 
1 115 LYS n 
1 116 ASP n 
1 117 LEU n 
1 118 SER n 
1 119 PHE n 
1 120 LEU n 
1 121 TRP n 
1 122 SER n 
1 123 PHE n 
1 124 LEU n 
1 125 LEU n 
1 126 VAL n 
1 127 ALA n 
1 128 VAL n 
1 129 LEU n 
1 130 ALA n 
1 131 LEU n 
1 132 ALA n 
1 133 VAL n 
1 134 VAL n 
1 135 GLY n 
1 136 ILE n 
1 137 PHE n 
1 138 ASN n 
1 139 ILE n 
1 140 PHE n 
1 141 SER n 
1 142 PRO n 
1 143 LEU n 
1 144 ASN n 
1 145 SER n 
1 146 ALA n 
1 147 ALA n 
1 148 MET n 
1 149 MET n 
1 150 ALA n 
1 151 TYR n 
1 152 SER n 
1 153 VAL n 
1 154 ILE n 
1 155 GLY n 
1 156 THR n 
1 157 ILE n 
1 158 VAL n 
1 159 PHE n 
1 160 SER n 
1 161 LEU n 
1 162 TYR n 
1 163 ILE n 
1 164 LEU n 
1 165 TYR n 
1 166 ASP n 
1 167 LEU n 
1 168 ASN n 
1 169 GLN n 
1 170 ILE n 
1 171 LYS n 
1 172 HIS n 
1 173 ARG n 
1 174 HIS n 
1 175 ILE n 
1 176 THR n 
1 177 GLU n 
1 178 ASP n 
1 179 LEU n 
1 180 ILE n 
1 181 PRO n 
1 182 VAL n 
1 183 MET n 
1 184 ALA n 
1 185 LEU n 
1 186 SER n 
1 187 LEU n 
1 188 TYR n 
1 189 LEU n 
1 190 ASP n 
1 191 PHE n 
1 192 ILE n 
1 193 ASN n 
1 194 LEU n 
1 195 PHE n 
1 196 ILE n 
1 197 ASN n 
1 198 LEU n 
1 199 LEU n 
1 200 ARG n 
1 201 PHE n 
1 202 PHE n 
1 203 GLY n 
1 204 ILE n 
1 205 LEU n 
1 206 SER n 
1 207 SER n 
1 208 ASP n 
1 209 ASP n 
# 
_entity_src_gen.entity_id                          1 
_entity_src_gen.pdbx_src_id                        1 
_entity_src_gen.pdbx_alt_source_flag               sample 
_entity_src_gen.pdbx_seq_type                      'Biological sequence' 
_entity_src_gen.pdbx_beg_seq_num                   1 
_entity_src_gen.pdbx_end_seq_num                   209 
_entity_src_gen.gene_src_common_name               ? 
_entity_src_gen.gene_src_genus                     ? 
_entity_src_gen.pdbx_gene_src_gene                 'yetJ, BSU07200' 
_entity_src_gen.gene_src_species                   ? 
_entity_src_gen.gene_src_strain                    168 
_entity_src_gen.gene_src_tissue                    ? 
_entity_src_gen.gene_src_tissue_fraction           ? 
_entity_src_gen.gene_src_details                   ? 
_entity_src_gen.pdbx_gene_src_fragment             ? 
_entity_src_gen.pdbx_gene_src_scientific_name      'Bacillus subtilis (strain 168)' 
_entity_src_gen.pdbx_gene_src_ncbi_taxonomy_id     224308 
_entity_src_gen.pdbx_gene_src_variant              ? 
_entity_src_gen.pdbx_gene_src_cell_line            ? 
_entity_src_gen.pdbx_gene_src_atcc                 ? 
_entity_src_gen.pdbx_gene_src_organ                ? 
_entity_src_gen.pdbx_gene_src_organelle            ? 
_entity_src_gen.pdbx_gene_src_cell                 ? 
_entity_src_gen.pdbx_gene_src_cellular_location    ? 
_entity_src_gen.host_org_common_name               ? 
_entity_src_gen.pdbx_host_org_scientific_name      
;Escherichia coli 'BL21-Gold(DE3)pLysS AG'
;
_entity_src_gen.pdbx_host_org_ncbi_taxonomy_id     866768 
_entity_src_gen.host_org_genus                     ? 
_entity_src_gen.pdbx_host_org_gene                 ? 
_entity_src_gen.pdbx_host_org_organ                ? 
_entity_src_gen.host_org_species                   ? 
_entity_src_gen.pdbx_host_org_tissue               ? 
_entity_src_gen.pdbx_host_org_tissue_fraction      ? 
_entity_src_gen.pdbx_host_org_strain               ? 
_entity_src_gen.pdbx_host_org_variant              ? 
_entity_src_gen.pdbx_host_org_cell_line            ? 
_entity_src_gen.pdbx_host_org_atcc                 ? 
_entity_src_gen.pdbx_host_org_culture_collection   ? 
_entity_src_gen.pdbx_host_org_cell                 ? 
_entity_src_gen.pdbx_host_org_organelle            ? 
_entity_src_gen.pdbx_host_org_cellular_location    ? 
_entity_src_gen.pdbx_host_org_vector_type          ? 
_entity_src_gen.pdbx_host_org_vector               ? 
_entity_src_gen.host_org_details                   ? 
_entity_src_gen.expression_system_id               ? 
_entity_src_gen.plasmid_name                       ? 
_entity_src_gen.plasmid_details                    ? 
_entity_src_gen.pdbx_description                   ? 
# 
_struct_ref.id                         1 
_struct_ref.db_name                    UNP 
_struct_ref.db_code                    YETJ_BACSU 
_struct_ref.pdbx_db_accession          O31539 
_struct_ref.pdbx_db_isoform            ? 
_struct_ref.entity_id                  1 
_struct_ref.pdbx_seq_one_letter_code   
;HESKQSIMQRILTVFVFTLLIATVGLFIGQFVPVALMLPLSILEVAMIILAFWMRRRKAVGYAFVYTFAFVSGITLFPIV
SHYASIAGAYVVLEAFGSTFVIFAVLGTIGAKMKKDLSFLWSFLLVAVLALAVVGIFNIFSPLNSAAMMAYSVIGTIVFS
LYILYDLNQIKHRHITEDLIPVMALSLYLDFINLFINLLRFFGILSSDD
;
_struct_ref.pdbx_align_begin           6 
# 
_struct_ref_seq.align_id                      1 
_struct_ref_seq.ref_id                        1 
_struct_ref_seq.pdbx_PDB_id_code              6NQ7 
_struct_ref_seq.pdbx_strand_id                A 
_struct_ref_seq.seq_align_beg                 1 
_struct_ref_seq.pdbx_seq_align_beg_ins_code   ? 
_struct_ref_seq.seq_align_end                 209 
_struct_ref_seq.pdbx_seq_align_end_ins_code   ? 
_struct_ref_seq.pdbx_db_accession             O31539 
_struct_ref_seq.db_align_beg                  6 
_struct_ref_seq.pdbx_db_align_beg_ins_code    ? 
_struct_ref_seq.db_align_end                  214 
_struct_ref_seq.pdbx_db_align_end_ins_code    ? 
_struct_ref_seq.pdbx_auth_seq_align_beg       6 
_struct_ref_seq.pdbx_auth_seq_align_end       214 
# 
loop_
_chem_comp.id 
_chem_comp.type 
_chem_comp.mon_nstd_flag 
_chem_comp.name 
_chem_comp.pdbx_synonyms 
_chem_comp.formula 
_chem_comp.formula_weight 
ALA 'L-peptide linking' y ALANINE           ? 'C3 H7 N O2'     89.093  
ARG 'L-peptide linking' y ARGININE          ? 'C6 H15 N4 O2 1' 175.209 
ASN 'L-peptide linking' y ASPARAGINE        ? 'C4 H8 N2 O3'    132.118 
ASP 'L-peptide linking' y 'ASPARTIC ACID'   ? 'C4 H7 N O4'     133.103 
GD  non-polymer         . 'GADOLINIUM ATOM' ? Gd               157.250 
GLN 'L-peptide linking' y GLUTAMINE         ? 'C5 H10 N2 O3'   146.144 
GLU 'L-peptide linking' y 'GLUTAMIC ACID'   ? 'C5 H9 N O4'     147.129 
GLY 'peptide linking'   y GLYCINE           ? 'C2 H5 N O2'     75.067  
HIS 'L-peptide linking' y HISTIDINE         ? 'C6 H10 N3 O2 1' 156.162 
HOH non-polymer         . WATER             ? 'H2 O'           18.015  
ILE 'L-peptide linking' y ISOLEUCINE        ? 'C6 H13 N O2'    131.173 
LEU 'L-peptide linking' y LEUCINE           ? 'C6 H13 N O2'    131.173 
LYS 'L-peptide linking' y LYSINE            ? 'C6 H15 N2 O2 1' 147.195 
MET 'L-peptide linking' y METHIONINE        ? 'C5 H11 N O2 S'  149.211 
PHE 'L-peptide linking' y PHENYLALANINE     ? 'C9 H11 N O2'    165.189 
PRO 'L-peptide linking' y PROLINE           ? 'C5 H9 N O2'     115.130 
SER 'L-peptide linking' y SERINE            ? 'C3 H7 N O3'     105.093 
THR 'L-peptide linking' y THREONINE         ? 'C4 H9 N O3'     119.119 
TRP 'L-peptide linking' y TRYPTOPHAN        ? 'C11 H12 N2 O2'  204.225 
TYR 'L-peptide linking' y TYROSINE          ? 'C9 H11 N O3'    181.189 
VAL 'L-peptide linking' y VALINE            ? 'C5 H11 N O2'    117.146 
# 
_exptl.absorpt_coefficient_mu     ? 
_exptl.absorpt_correction_T_max   ? 
_exptl.absorpt_correction_T_min   ? 
_exptl.absorpt_correction_type    ? 
_exptl.absorpt_process_details    ? 
_exptl.entry_id                   6NQ7 
_exptl.crystals_number            1 
_exptl.details                    ? 
_exptl.method                     'X-RAY DIFFRACTION' 
_exptl.method_details             ? 
# 
_exptl_crystal.colour                      ? 
_exptl_crystal.density_diffrn              ? 
_exptl_crystal.density_Matthews            2.22 
_exptl_crystal.density_method              ? 
_exptl_crystal.density_percent_sol         44.57 
_exptl_crystal.description                 ? 
_exptl_crystal.F_000                       ? 
_exptl_crystal.id                          1 
_exptl_crystal.preparation                 ? 
_exptl_crystal.size_max                    ? 
_exptl_crystal.size_mid                    ? 
_exptl_crystal.size_min                    ? 
_exptl_crystal.size_rad                    ? 
_exptl_crystal.colour_lustre               ? 
_exptl_crystal.colour_modifier             ? 
_exptl_crystal.colour_primary              ? 
_exptl_crystal.density_meas                ? 
_exptl_crystal.density_meas_esd            ? 
_exptl_crystal.density_meas_gt             ? 
_exptl_crystal.density_meas_lt             ? 
_exptl_crystal.density_meas_temp           ? 
_exptl_crystal.density_meas_temp_esd       ? 
_exptl_crystal.density_meas_temp_gt        ? 
_exptl_crystal.density_meas_temp_lt        ? 
_exptl_crystal.pdbx_crystal_image_url      ? 
_exptl_crystal.pdbx_crystal_image_format   ? 
_exptl_crystal.pdbx_mosaicity              ? 
_exptl_crystal.pdbx_mosaicity_esd          ? 
# 
_exptl_crystal_grow.apparatus       ? 
_exptl_crystal_grow.atmosphere      ? 
_exptl_crystal_grow.crystal_id      1 
_exptl_crystal_grow.details         ? 
_exptl_crystal_grow.method          'LIPIDIC CUBIC PHASE' 
_exptl_crystal_grow.method_ref      ? 
_exptl_crystal_grow.pH              8.0 
_exptl_crystal_grow.pressure        ? 
_exptl_crystal_grow.pressure_esd    ? 
_exptl_crystal_grow.seeding         ? 
_exptl_crystal_grow.seeding_ref     ? 
_exptl_crystal_grow.temp            298 
_exptl_crystal_grow.temp_details    ? 
_exptl_crystal_grow.temp_esd        ? 
_exptl_crystal_grow.time            ? 
_exptl_crystal_grow.pdbx_details    '0.1 M Tris, pH 7.8, 5% PGA-LM (w/v), and 30% PEG 400 (v/v)' 
_exptl_crystal_grow.pdbx_pH_range   ? 
# 
_diffrn.ambient_environment              ? 
_diffrn.ambient_temp                     100 
_diffrn.ambient_temp_details             ? 
_diffrn.ambient_temp_esd                 ? 
_diffrn.crystal_id                       1 
_diffrn.crystal_support                  ? 
_diffrn.crystal_treatment                ? 
_diffrn.details                          ? 
_diffrn.id                               1 
_diffrn.ambient_pressure                 ? 
_diffrn.ambient_pressure_esd             ? 
_diffrn.ambient_pressure_gt              ? 
_diffrn.ambient_pressure_lt              ? 
_diffrn.ambient_temp_gt                  ? 
_diffrn.ambient_temp_lt                  ? 
_diffrn.pdbx_serial_crystal_experiment   N 
# 
_diffrn_detector.details                      ? 
_diffrn_detector.detector                     PIXEL 
_diffrn_detector.diffrn_id                    1 
_diffrn_detector.type                         'DECTRIS PILATUS 6M' 
_diffrn_detector.area_resol_mean              ? 
_diffrn_detector.dtime                        ? 
_diffrn_detector.pdbx_frames_total            ? 
_diffrn_detector.pdbx_collection_time_total   ? 
_diffrn_detector.pdbx_collection_date         2016-02-22 
_diffrn_detector.pdbx_frequency               ? 
# 
_diffrn_radiation.collimation                      ? 
_diffrn_radiation.diffrn_id                        1 
_diffrn_radiation.filter_edge                      ? 
_diffrn_radiation.inhomogeneity                    ? 
_diffrn_radiation.monochromator                    ? 
_diffrn_radiation.polarisn_norm                    ? 
_diffrn_radiation.polarisn_ratio                   ? 
_diffrn_radiation.probe                            ? 
_diffrn_radiation.type                             ? 
_diffrn_radiation.xray_symbol                      ? 
_diffrn_radiation.wavelength_id                    1 
_diffrn_radiation.pdbx_monochromatic_or_laue_m_l   M 
_diffrn_radiation.pdbx_wavelength_list             ? 
_diffrn_radiation.pdbx_wavelength                  ? 
_diffrn_radiation.pdbx_diffrn_protocol             'SINGLE WAVELENGTH' 
_diffrn_radiation.pdbx_analyzer                    ? 
_diffrn_radiation.pdbx_scattering_type             x-ray 
# 
_diffrn_radiation_wavelength.id           1 
_diffrn_radiation_wavelength.wavelength   0.9791 
_diffrn_radiation_wavelength.wt           1.0 
# 
_diffrn_source.current                     ? 
_diffrn_source.details                     ? 
_diffrn_source.diffrn_id                   1 
_diffrn_source.power                       ? 
_diffrn_source.size                        ? 
_diffrn_source.source                      SYNCHROTRON 
_diffrn_source.target                      ? 
_diffrn_source.type                        'APS BEAMLINE 24-ID-C' 
_diffrn_source.voltage                     ? 
_diffrn_source.take-off_angle              ? 
_diffrn_source.pdbx_wavelength_list        0.9791 
_diffrn_source.pdbx_wavelength             ? 
_diffrn_source.pdbx_synchrotron_beamline   24-ID-C 
_diffrn_source.pdbx_synchrotron_site       APS 
# 
_reflns.B_iso_Wilson_estimate            ? 
_reflns.entry_id                         6NQ7 
_reflns.data_reduction_details           ? 
_reflns.data_reduction_method            ? 
_reflns.d_resolution_high                2.50 
_reflns.d_resolution_low                 47.22 
_reflns.details                          ? 
_reflns.limit_h_max                      ? 
_reflns.limit_h_min                      ? 
_reflns.limit_k_max                      ? 
_reflns.limit_k_min                      ? 
_reflns.limit_l_max                      ? 
_reflns.limit_l_min                      ? 
_reflns.number_all                       ? 
_reflns.number_obs                       6634 
_reflns.observed_criterion               ? 
_reflns.observed_criterion_F_max         ? 
_reflns.observed_criterion_F_min         ? 
_reflns.observed_criterion_I_max         ? 
_reflns.observed_criterion_I_min         ? 
_reflns.observed_criterion_sigma_F       ? 
_reflns.observed_criterion_sigma_I       ? 
_reflns.percent_possible_obs             95.3 
_reflns.R_free_details                   ? 
_reflns.Rmerge_F_all                     ? 
_reflns.Rmerge_F_obs                     ? 
_reflns.Friedel_coverage                 ? 
_reflns.number_gt                        ? 
_reflns.threshold_expression             ? 
_reflns.pdbx_redundancy                  7.0 
_reflns.pdbx_Rmerge_I_obs                ? 
_reflns.pdbx_Rmerge_I_all                ? 
_reflns.pdbx_Rsym_value                  ? 
_reflns.pdbx_netI_over_av_sigmaI         ? 
_reflns.pdbx_netI_over_sigmaI            6.0 
_reflns.pdbx_res_netI_over_av_sigmaI_2   ? 
_reflns.pdbx_res_netI_over_sigmaI_2      ? 
_reflns.pdbx_chi_squared                 ? 
_reflns.pdbx_scaling_rejects             ? 
_reflns.pdbx_d_res_high_opt              ? 
_reflns.pdbx_d_res_low_opt               ? 
_reflns.pdbx_d_res_opt_method            ? 
_reflns.phase_calculation_details        ? 
_reflns.pdbx_Rrim_I_all                  ? 
_reflns.pdbx_Rpim_I_all                  ? 
_reflns.pdbx_d_opt                       ? 
_reflns.pdbx_number_measured_all         ? 
_reflns.pdbx_diffrn_id                   1 
_reflns.pdbx_ordinal                     1 
_reflns.pdbx_CC_half                     ? 
_reflns.pdbx_R_split                     ? 
# 
_reflns_shell.d_res_high                  2.50 
_reflns_shell.d_res_low                   2.63 
_reflns_shell.meanI_over_sigI_all         ? 
_reflns_shell.meanI_over_sigI_obs         ? 
_reflns_shell.number_measured_all         ? 
_reflns_shell.number_measured_obs         ? 
_reflns_shell.number_possible             ? 
_reflns_shell.number_unique_all           ? 
_reflns_shell.number_unique_obs           ? 
_reflns_shell.percent_possible_all        ? 
_reflns_shell.percent_possible_obs        ? 
_reflns_shell.Rmerge_F_all                ? 
_reflns_shell.Rmerge_F_obs                ? 
_reflns_shell.Rmerge_I_all                ? 
_reflns_shell.Rmerge_I_obs                ? 
_reflns_shell.meanI_over_sigI_gt          ? 
_reflns_shell.meanI_over_uI_all           ? 
_reflns_shell.meanI_over_uI_gt            ? 
_reflns_shell.number_measured_gt          ? 
_reflns_shell.number_unique_gt            ? 
_reflns_shell.percent_possible_gt         ? 
_reflns_shell.Rmerge_F_gt                 ? 
_reflns_shell.Rmerge_I_gt                 ? 
_reflns_shell.pdbx_redundancy             ? 
_reflns_shell.pdbx_Rsym_value             ? 
_reflns_shell.pdbx_chi_squared            ? 
_reflns_shell.pdbx_netI_over_sigmaI_all   ? 
_reflns_shell.pdbx_netI_over_sigmaI_obs   ? 
_reflns_shell.pdbx_Rrim_I_all             ? 
_reflns_shell.pdbx_Rpim_I_all             ? 
_reflns_shell.pdbx_rejects                ? 
_reflns_shell.pdbx_ordinal                1 
_reflns_shell.pdbx_diffrn_id              1 
_reflns_shell.pdbx_CC_half                ? 
_reflns_shell.pdbx_R_split                ? 
# 
_refine.aniso_B[1][1]                            1.06 
_refine.aniso_B[1][2]                            -0.00 
_refine.aniso_B[1][3]                            -1.28 
_refine.aniso_B[2][2]                            1.37 
_refine.aniso_B[2][3]                            0.00 
_refine.aniso_B[3][3]                            -2.23 
_refine.B_iso_max                                ? 
_refine.B_iso_mean                               38.990 
_refine.B_iso_min                                ? 
_refine.correlation_coeff_Fo_to_Fc               0.917 
_refine.correlation_coeff_Fo_to_Fc_free          0.898 
_refine.details                                  'HYDROGENS HAVE BEEN ADDED IN THE RIDING POSITIONS' 
_refine.diff_density_max                         ? 
_refine.diff_density_max_esd                     ? 
_refine.diff_density_min                         ? 
_refine.diff_density_min_esd                     ? 
_refine.diff_density_rms                         ? 
_refine.diff_density_rms_esd                     ? 
_refine.entry_id                                 6NQ7 
_refine.pdbx_refine_id                           'X-RAY DIFFRACTION' 
_refine.ls_abs_structure_details                 ? 
_refine.ls_abs_structure_Flack                   ? 
_refine.ls_abs_structure_Flack_esd               ? 
_refine.ls_abs_structure_Rogers                  ? 
_refine.ls_abs_structure_Rogers_esd              ? 
_refine.ls_d_res_high                            2.50 
_refine.ls_d_res_low                             47.22 
_refine.ls_extinction_coef                       ? 
_refine.ls_extinction_coef_esd                   ? 
_refine.ls_extinction_expression                 ? 
_refine.ls_extinction_method                     ? 
_refine.ls_goodness_of_fit_all                   ? 
_refine.ls_goodness_of_fit_all_esd               ? 
_refine.ls_goodness_of_fit_obs                   ? 
_refine.ls_goodness_of_fit_obs_esd               ? 
_refine.ls_hydrogen_treatment                    ? 
_refine.ls_matrix_type                           ? 
_refine.ls_number_constraints                    ? 
_refine.ls_number_parameters                     ? 
_refine.ls_number_reflns_all                     ? 
_refine.ls_number_reflns_obs                     6273 
_refine.ls_number_reflns_R_free                  343 
_refine.ls_number_reflns_R_work                  ? 
_refine.ls_number_restraints                     ? 
_refine.ls_percent_reflns_obs                    95.04 
_refine.ls_percent_reflns_R_free                 5.2 
_refine.ls_R_factor_all                          ? 
_refine.ls_R_factor_obs                          0.24347 
_refine.ls_R_factor_R_free                       0.26025 
_refine.ls_R_factor_R_free_error                 ? 
_refine.ls_R_factor_R_free_error_details         ? 
_refine.ls_R_factor_R_work                       0.24258 
_refine.ls_R_Fsqd_factor_obs                     ? 
_refine.ls_R_I_factor_obs                        ? 
_refine.ls_redundancy_reflns_all                 ? 
_refine.ls_redundancy_reflns_obs                 ? 
_refine.ls_restrained_S_all                      ? 
_refine.ls_restrained_S_obs                      ? 
_refine.ls_shift_over_esd_max                    ? 
_refine.ls_shift_over_esd_mean                   ? 
_refine.ls_structure_factor_coef                 ? 
_refine.ls_weighting_details                     ? 
_refine.ls_weighting_scheme                      ? 
_refine.ls_wR_factor_all                         ? 
_refine.ls_wR_factor_obs                         ? 
_refine.ls_wR_factor_R_free                      ? 
_refine.ls_wR_factor_R_work                      ? 
_refine.occupancy_max                            ? 
_refine.occupancy_min                            ? 
_refine.solvent_model_details                    ? 
_refine.solvent_model_param_bsol                 ? 
_refine.solvent_model_param_ksol                 ? 
_refine.ls_R_factor_gt                           ? 
_refine.ls_goodness_of_fit_gt                    ? 
_refine.ls_goodness_of_fit_ref                   ? 
_refine.ls_shift_over_su_max                     ? 
_refine.ls_shift_over_su_max_lt                  ? 
_refine.ls_shift_over_su_mean                    ? 
_refine.ls_shift_over_su_mean_lt                 ? 
_refine.pdbx_ls_sigma_I                          ? 
_refine.pdbx_ls_sigma_F                          ? 
_refine.pdbx_ls_sigma_Fsqd                       ? 
_refine.pdbx_data_cutoff_high_absF               ? 
_refine.pdbx_data_cutoff_high_rms_absF           ? 
_refine.pdbx_data_cutoff_low_absF                ? 
_refine.pdbx_isotropic_thermal_model             ? 
_refine.pdbx_ls_cross_valid_method               THROUGHOUT 
_refine.pdbx_method_to_determine_struct          'MOLECULAR REPLACEMENT' 
_refine.pdbx_starting_model                      4PGR 
_refine.pdbx_stereochemistry_target_values       ? 
_refine.pdbx_R_Free_selection_details            RANDOM 
_refine.pdbx_stereochem_target_val_spec_case     ? 
_refine.pdbx_overall_ESU_R                       ? 
_refine.pdbx_overall_ESU_R_Free                  0.343 
_refine.pdbx_solvent_vdw_probe_radii             1.20 
_refine.pdbx_solvent_ion_probe_radii             0.80 
_refine.pdbx_solvent_shrinkage_radii             0.80 
_refine.pdbx_real_space_R                        ? 
_refine.pdbx_density_correlation                 ? 
_refine.pdbx_pd_number_of_powder_patterns        ? 
_refine.pdbx_pd_number_of_points                 ? 
_refine.pdbx_pd_meas_number_of_points            ? 
_refine.pdbx_pd_proc_ls_prof_R_factor            ? 
_refine.pdbx_pd_proc_ls_prof_wR_factor           ? 
_refine.pdbx_pd_Marquardt_correlation_coeff      ? 
_refine.pdbx_pd_Fsqrd_R_factor                   ? 
_refine.pdbx_pd_ls_matrix_band_width             ? 
_refine.pdbx_overall_phase_error                 ? 
_refine.pdbx_overall_SU_R_free_Cruickshank_DPI   ? 
_refine.pdbx_overall_SU_R_free_Blow_DPI          ? 
_refine.pdbx_overall_SU_R_Blow_DPI               ? 
_refine.pdbx_TLS_residual_ADP_flag               ? 
_refine.pdbx_diffrn_id                           1 
_refine.overall_SU_B                             12.076 
_refine.overall_SU_ML                            0.276 
_refine.overall_SU_R_Cruickshank_DPI             ? 
_refine.overall_SU_R_free                        ? 
_refine.overall_FOM_free_R_set                   ? 
_refine.overall_FOM_work_R_set                   ? 
_refine.pdbx_average_fsc_overall                 ? 
_refine.pdbx_average_fsc_work                    ? 
_refine.pdbx_average_fsc_free                    ? 
# 
_refine_hist.pdbx_refine_id                   'X-RAY DIFFRACTION' 
_refine_hist.cycle_id                         1 
_refine_hist.pdbx_number_atoms_protein        1592 
_refine_hist.pdbx_number_atoms_nucleic_acid   0 
_refine_hist.pdbx_number_atoms_ligand         1 
_refine_hist.number_atoms_solvent             31 
_refine_hist.number_atoms_total               1624 
_refine_hist.d_res_high                       2.50 
_refine_hist.d_res_low                        47.22 
# 
loop_
_refine_ls_restr.pdbx_refine_id 
_refine_ls_restr.criterion 
_refine_ls_restr.dev_ideal 
_refine_ls_restr.dev_ideal_target 
_refine_ls_restr.number 
_refine_ls_restr.rejects 
_refine_ls_restr.type 
_refine_ls_restr.weight 
_refine_ls_restr.pdbx_restraint_function 
'X-RAY DIFFRACTION' ? 0.007  0.019  1636 ? r_bond_refined_d             ? ? 
'X-RAY DIFFRACTION' ? 0.001  0.020  1647 ? r_bond_other_d               ? ? 
'X-RAY DIFFRACTION' ? 0.986  1.962  2223 ? r_angle_refined_deg          ? ? 
'X-RAY DIFFRACTION' ? 0.883  3.000  3740 ? r_angle_other_deg            ? ? 
'X-RAY DIFFRACTION' ? 3.998  5.000  203  ? r_dihedral_angle_1_deg       ? ? 
'X-RAY DIFFRACTION' ? 37.771 22.000 55   ? r_dihedral_angle_2_deg       ? ? 
'X-RAY DIFFRACTION' ? 14.147 15.000 262  ? r_dihedral_angle_3_deg       ? ? 
'X-RAY DIFFRACTION' ? 16.207 15.000 5    ? r_dihedral_angle_4_deg       ? ? 
'X-RAY DIFFRACTION' ? 0.058  0.200  276  ? r_chiral_restr               ? ? 
'X-RAY DIFFRACTION' ? 0.003  0.020  1780 ? r_gen_planes_refined         ? ? 
'X-RAY DIFFRACTION' ? 0.001  0.020  395  ? r_gen_planes_other           ? ? 
'X-RAY DIFFRACTION' ? ?      ?      ?    ? r_nbd_refined                ? ? 
'X-RAY DIFFRACTION' ? ?      ?      ?    ? r_nbd_other                  ? ? 
'X-RAY DIFFRACTION' ? ?      ?      ?    ? r_nbtor_refined              ? ? 
'X-RAY DIFFRACTION' ? ?      ?      ?    ? r_nbtor_other                ? ? 
'X-RAY DIFFRACTION' ? ?      ?      ?    ? r_xyhbond_nbd_refined        ? ? 
'X-RAY DIFFRACTION' ? ?      ?      ?    ? r_xyhbond_nbd_other          ? ? 
'X-RAY DIFFRACTION' ? ?      ?      ?    ? r_metal_ion_refined          ? ? 
'X-RAY DIFFRACTION' ? ?      ?      ?    ? r_metal_ion_other            ? ? 
'X-RAY DIFFRACTION' ? ?      ?      ?    ? r_symmetry_vdw_refined       ? ? 
'X-RAY DIFFRACTION' ? ?      ?      ?    ? r_symmetry_vdw_other         ? ? 
'X-RAY DIFFRACTION' ? ?      ?      ?    ? r_symmetry_hbond_refined     ? ? 
'X-RAY DIFFRACTION' ? ?      ?      ?    ? r_symmetry_hbond_other       ? ? 
'X-RAY DIFFRACTION' ? ?      ?      ?    ? r_symmetry_metal_ion_refined ? ? 
'X-RAY DIFFRACTION' ? ?      ?      ?    ? r_symmetry_metal_ion_other   ? ? 
'X-RAY DIFFRACTION' ? 1.022  3.867  815  ? r_mcbond_it                  ? ? 
'X-RAY DIFFRACTION' ? 1.021  3.864  814  ? r_mcbond_other               ? ? 
'X-RAY DIFFRACTION' ? 1.775  5.796  1017 ? r_mcangle_it                 ? ? 
'X-RAY DIFFRACTION' ? 1.774  5.799  1018 ? r_mcangle_other              ? ? 
'X-RAY DIFFRACTION' ? 1.028  4.008  820  ? r_scbond_it                  ? ? 
'X-RAY DIFFRACTION' ? 1.027  4.007  821  ? r_scbond_other               ? ? 
'X-RAY DIFFRACTION' ? ?      ?      ?    ? r_scangle_it                 ? ? 
'X-RAY DIFFRACTION' ? 1.731  5.953  1207 ? r_scangle_other              ? ? 
'X-RAY DIFFRACTION' ? 3.446  31.638 1901 ? r_long_range_B_refined       ? ? 
'X-RAY DIFFRACTION' ? 3.399  31.564 1895 ? r_long_range_B_other         ? ? 
'X-RAY DIFFRACTION' ? ?      ?      ?    ? r_rigid_bond_restr           ? ? 
'X-RAY DIFFRACTION' ? ?      ?      ?    ? r_sphericity_free            ? ? 
'X-RAY DIFFRACTION' ? ?      ?      ?    ? r_sphericity_bonded          ? ? 
# 
_refine_ls_shell.pdbx_refine_id                   'X-RAY DIFFRACTION' 
_refine_ls_shell.d_res_high                       2.500 
_refine_ls_shell.d_res_low                        2.565 
_refine_ls_shell.number_reflns_all                ? 
_refine_ls_shell.number_reflns_obs                ? 
_refine_ls_shell.number_reflns_R_free             19 
_refine_ls_shell.number_reflns_R_work             360 
_refine_ls_shell.percent_reflns_obs               73.03 
_refine_ls_shell.percent_reflns_R_free            ? 
_refine_ls_shell.R_factor_all                     ? 
_refine_ls_shell.R_factor_obs                     ? 
_refine_ls_shell.R_factor_R_free                  0.381 
_refine_ls_shell.R_factor_R_free_error            ? 
_refine_ls_shell.R_factor_R_work                  0.263 
_refine_ls_shell.redundancy_reflns_all            ? 
_refine_ls_shell.redundancy_reflns_obs            ? 
_refine_ls_shell.wR_factor_all                    ? 
_refine_ls_shell.wR_factor_obs                    ? 
_refine_ls_shell.wR_factor_R_free                 ? 
_refine_ls_shell.wR_factor_R_work                 ? 
_refine_ls_shell.pdbx_total_number_of_bins_used   20 
_refine_ls_shell.pdbx_phase_error                 ? 
_refine_ls_shell.pdbx_fsc_work                    ? 
_refine_ls_shell.pdbx_fsc_free                    ? 
# 
_struct.entry_id                     6NQ7 
_struct.title                        'Crystal structure of YetJ from Bacillus Subtilis crystallized in lipidic cubic phase' 
_struct.pdbx_model_details           ? 
_struct.pdbx_formula_weight          ? 
_struct.pdbx_formula_weight_method   ? 
_struct.pdbx_model_type_details      ? 
_struct.pdbx_CASP_flag               N 
# 
_struct_keywords.entry_id        6NQ7 
_struct_keywords.text            'Ca2+ channel structure, closed state, pH sensor, MEMBRANE PROTEIN' 
_struct_keywords.pdbx_keywords   'MEMBRANE PROTEIN' 
# 
loop_
_struct_asym.id 
_struct_asym.pdbx_blank_PDB_chainid_flag 
_struct_asym.pdbx_modified 
_struct_asym.entity_id 
_struct_asym.details 
A N N 1 ? 
B N N 2 ? 
C N N 3 ? 
# 
loop_
_struct_conf.conf_type_id 
_struct_conf.id 
_struct_conf.pdbx_PDB_helix_id 
_struct_conf.beg_label_comp_id 
_struct_conf.beg_label_asym_id 
_struct_conf.beg_label_seq_id 
_struct_conf.pdbx_beg_PDB_ins_code 
_struct_conf.end_label_comp_id 
_struct_conf.end_label_asym_id 
_struct_conf.end_label_seq_id 
_struct_conf.pdbx_end_PDB_ins_code 
_struct_conf.beg_auth_comp_id 
_struct_conf.beg_auth_asym_id 
_struct_conf.beg_auth_seq_id 
_struct_conf.end_auth_comp_id 
_struct_conf.end_auth_asym_id 
_struct_conf.end_auth_seq_id 
_struct_conf.pdbx_PDB_helix_class 
_struct_conf.details 
_struct_conf.pdbx_PDB_helix_length 
HELX_P HELX_P1  AA1 SER A 6   ? GLY A 29  ? SER A 11  GLY A 34  1 ? 24 
HELX_P HELX_P2  AA2 GLN A 30  ? VAL A 32  ? GLN A 35  VAL A 37  5 ? 3  
HELX_P HELX_P3  AA3 PRO A 39  ? ARG A 57  ? PRO A 44  ARG A 62  1 ? 19 
HELX_P HELX_P4  AA4 GLY A 61  ? THR A 75  ? GLY A 66  THR A 80  1 ? 15 
HELX_P HELX_P5  AA5 LEU A 76  ? GLY A 88  ? LEU A 81  GLY A 93  1 ? 13 
HELX_P HELX_P6  AA6 ALA A 89  ? MET A 113 ? ALA A 94  MET A 118 1 ? 25 
HELX_P HELX_P7  AA7 LEU A 117 ? PHE A 119 ? LEU A 122 PHE A 124 5 ? 3  
HELX_P HELX_P8  AA8 LEU A 120 ? SER A 141 ? LEU A 125 SER A 146 1 ? 22 
HELX_P HELX_P9  AA9 ASN A 144 ? ARG A 173 ? ASN A 149 ARG A 178 1 ? 30 
HELX_P HELX_P10 AB1 THR A 176 ? ASP A 178 ? THR A 181 ASP A 183 5 ? 3  
HELX_P HELX_P11 AB2 LEU A 179 ? ASP A 208 ? LEU A 184 ASP A 213 1 ? 30 
# 
_struct_conf_type.id          HELX_P 
_struct_conf_type.criteria    ? 
_struct_conf_type.reference   ? 
# 
loop_
_struct_conn.id 
_struct_conn.conn_type_id 
_struct_conn.pdbx_leaving_atom_flag 
_struct_conn.pdbx_PDB_id 
_struct_conn.ptnr1_label_asym_id 
_struct_conn.ptnr1_label_comp_id 
_struct_conn.ptnr1_label_seq_id 
_struct_conn.ptnr1_label_atom_id 
_struct_conn.pdbx_ptnr1_label_alt_id 
_struct_conn.pdbx_ptnr1_PDB_ins_code 
_struct_conn.pdbx_ptnr1_standard_comp_id 
_struct_conn.ptnr1_symmetry 
_struct_conn.ptnr2_label_asym_id 
_struct_conn.ptnr2_label_comp_id 
_struct_conn.ptnr2_label_seq_id 
_struct_conn.ptnr2_label_atom_id 
_struct_conn.pdbx_ptnr2_label_alt_id 
_struct_conn.pdbx_ptnr2_PDB_ins_code 
_struct_conn.ptnr1_auth_asym_id 
_struct_conn.ptnr1_auth_comp_id 
_struct_conn.ptnr1_auth_seq_id 
_struct_conn.ptnr2_auth_asym_id 
_struct_conn.ptnr2_auth_comp_id 
_struct_conn.ptnr2_auth_seq_id 
_struct_conn.ptnr2_symmetry 
_struct_conn.pdbx_ptnr3_label_atom_id 
_struct_conn.pdbx_ptnr3_label_seq_id 
_struct_conn.pdbx_ptnr3_label_comp_id 
_struct_conn.pdbx_ptnr3_label_asym_id 
_struct_conn.pdbx_ptnr3_label_alt_id 
_struct_conn.pdbx_ptnr3_PDB_ins_code 
_struct_conn.details 
_struct_conn.pdbx_dist_value 
_struct_conn.pdbx_value_order 
_struct_conn.pdbx_role 
metalc1 metalc ? ? A HIS 82  ND1 ? ? ? 1_555 B GD  . GD ? ? A HIS 87  A GD  301 1_555 ? ? ? ? ? ? ? 2.396 ? ? 
metalc2 metalc ? ? A HIS 174 ND1 ? ? ? 1_555 B GD  . GD ? ? A HIS 179 A GD  301 1_554 ? ? ? ? ? ? ? 2.388 ? ? 
metalc3 metalc ? ? B GD  .   GD  ? ? ? 1_555 C HOH . O  ? ? A GD  301 A HOH 425 1_555 ? ? ? ? ? ? ? 2.326 ? ? 
metalc4 metalc ? ? B GD  .   GD  ? ? ? 1_555 C HOH . O  ? ? A GD  301 A HOH 429 1_555 ? ? ? ? ? ? ? 2.325 ? ? 
# 
_struct_conn_type.id          metalc 
_struct_conn_type.criteria    ? 
_struct_conn_type.reference   ? 
# 
_struct_site.id                   AC1 
_struct_site.pdbx_evidence_code   Software 
_struct_site.pdbx_auth_asym_id    A 
_struct_site.pdbx_auth_comp_id    GD 
_struct_site.pdbx_auth_seq_id     301 
_struct_site.pdbx_auth_ins_code   ? 
_struct_site.pdbx_num_residues    4 
_struct_site.details              'binding site for residue GD A 301' 
# 
loop_
_struct_site_gen.id 
_struct_site_gen.site_id 
_struct_site_gen.pdbx_num_res 
_struct_site_gen.label_comp_id 
_struct_site_gen.label_asym_id 
_struct_site_gen.label_seq_id 
_struct_site_gen.pdbx_auth_ins_code 
_struct_site_gen.auth_comp_id 
_struct_site_gen.auth_asym_id 
_struct_site_gen.auth_seq_id 
_struct_site_gen.label_atom_id 
_struct_site_gen.label_alt_id 
_struct_site_gen.symmetry 
_struct_site_gen.details 
1 AC1 4 HIS A 82  ? HIS A 87  . ? 1_555 ? 
2 AC1 4 HIS A 174 ? HIS A 179 . ? 1_556 ? 
3 AC1 4 HOH C .   ? HOH A 425 . ? 1_555 ? 
4 AC1 4 HOH C .   ? HOH A 429 . ? 1_555 ? 
# 
_atom_sites.entry_id                    6NQ7 
_atom_sites.fract_transf_matrix[1][1]   0.01488696 
_atom_sites.fract_transf_matrix[1][2]   0.02291339 
_atom_sites.fract_transf_matrix[1][3]   -0.01138091 
_atom_sites.fract_transf_matrix[2][1]   0.00041294 
_atom_sites.fract_transf_matrix[2][2]   -0.00726898 
_atom_sites.fract_transf_matrix[2][3]   -0.01409461 
_atom_sites.fract_transf_matrix[3][1]   -0.01751834 
_atom_sites.fract_transf_matrix[3][2]   0.01035649 
_atom_sites.fract_transf_matrix[3][3]   -0.00585437 
_atom_sites.fract_transf_vector[1]      -0.331748 
_atom_sites.fract_transf_vector[2]      -0.005949 
_atom_sites.fract_transf_vector[3]      0.497353 
# 
loop_
_atom_type.symbol 
C  
GD 
N  
O  
S  
# 
loop_
_atom_site.group_PDB 
_atom_site.id 
_atom_site.type_symbol 
_atom_site.label_atom_id 
_atom_site.label_alt_id 
_atom_site.label_comp_id 
_atom_site.label_asym_id 
_atom_site.label_entity_id 
_atom_site.label_seq_id 
_atom_site.pdbx_PDB_ins_code 
_atom_site.Cartn_x 
_atom_site.Cartn_y 
_atom_site.Cartn_z 
_atom_site.occupancy 
_atom_site.B_iso_or_equiv 
_atom_site.pdbx_formal_charge 
_atom_site.auth_seq_id 
_atom_site.auth_comp_id 
_atom_site.auth_asym_id 
_atom_site.auth_atom_id 
_atom_site.pdbx_PDB_model_num 
ATOM   1    N  N   . GLN A 1 5   ? 8.897   -18.138 15.277  1.00 41.94 ? 10  GLN A N   1 
ATOM   2    C  CA  . GLN A 1 5   ? 10.285  -18.553 15.651  1.00 41.15 ? 10  GLN A CA  1 
ATOM   3    C  C   . GLN A 1 5   ? 11.332  -17.754 14.864  1.00 40.79 ? 10  GLN A C   1 
ATOM   4    O  O   . GLN A 1 5   ? 12.111  -17.004 15.456  1.00 41.35 ? 10  GLN A O   1 
ATOM   5    C  CB  . GLN A 1 5   ? 10.474  -20.062 15.443  1.00 40.76 ? 10  GLN A CB  1 
ATOM   6    N  N   . SER A 1 6   ? 11.332  -17.907 13.539  1.00 39.84 ? 11  SER A N   1 
ATOM   7    C  CA  . SER A 1 6   ? 12.289  -17.205 12.667  1.00 40.40 ? 11  SER A CA  1 
ATOM   8    C  C   . SER A 1 6   ? 11.910  -15.729 12.472  1.00 41.03 ? 11  SER A C   1 
ATOM   9    O  O   . SER A 1 6   ? 10.809  -15.303 12.834  1.00 40.15 ? 11  SER A O   1 
ATOM   10   C  CB  . SER A 1 6   ? 12.412  -17.909 11.306  1.00 39.91 ? 11  SER A CB  1 
ATOM   11   O  OG  . SER A 1 6   ? 11.235  -17.771 10.531  1.00 39.76 ? 11  SER A OG  1 
ATOM   12   N  N   . ILE A 1 7   ? 12.833  -14.965 11.888  1.00 40.66 ? 12  ILE A N   1 
ATOM   13   C  CA  . ILE A 1 7   ? 12.660  -13.521 11.694  1.00 41.44 ? 12  ILE A CA  1 
ATOM   14   C  C   . ILE A 1 7   ? 11.589  -13.199 10.639  1.00 41.98 ? 12  ILE A C   1 
ATOM   15   O  O   . ILE A 1 7   ? 10.825  -12.242 10.808  1.00 41.31 ? 12  ILE A O   1 
ATOM   16   C  CB  . ILE A 1 7   ? 14.015  -12.834 11.373  1.00 42.20 ? 12  ILE A CB  1 
ATOM   17   C  CG1 . ILE A 1 7   ? 14.933  -12.934 12.597  1.00 42.73 ? 12  ILE A CG1 1 
ATOM   18   C  CG2 . ILE A 1 7   ? 13.825  -11.365 10.984  1.00 42.88 ? 12  ILE A CG2 1 
ATOM   19   C  CD1 . ILE A 1 7   ? 16.360  -12.495 12.363  1.00 43.34 ? 12  ILE A CD1 1 
ATOM   20   N  N   . MET A 1 8   ? 11.531  -13.998 9.573   1.00 42.82 ? 13  MET A N   1 
ATOM   21   C  CA  . MET A 1 8   ? 10.509  -13.849 8.527   1.00 44.14 ? 13  MET A CA  1 
ATOM   22   C  C   . MET A 1 8   ? 9.086   -14.029 9.074   1.00 43.43 ? 13  MET A C   1 
ATOM   23   O  O   . MET A 1 8   ? 8.181   -13.266 8.721   1.00 42.96 ? 13  MET A O   1 
ATOM   24   C  CB  . MET A 1 8   ? 10.756  -14.843 7.383   1.00 45.68 ? 13  MET A CB  1 
ATOM   25   C  CG  . MET A 1 8   ? 9.980   -14.537 6.109   1.00 48.33 ? 13  MET A CG  1 
ATOM   26   S  SD  . MET A 1 8   ? 10.111  -15.839 4.867   1.00 52.11 ? 13  MET A SD  1 
ATOM   27   C  CE  . MET A 1 8   ? 9.083   -17.112 5.605   1.00 51.49 ? 13  MET A CE  1 
ATOM   28   N  N   . GLN A 1 9   ? 8.898   -15.041 9.921   1.00 42.44 ? 14  GLN A N   1 
ATOM   29   C  CA  . GLN A 1 9   ? 7.596   -15.305 10.540  1.00 42.91 ? 14  GLN A CA  1 
ATOM   30   C  C   . GLN A 1 9   ? 7.187   -14.221 11.538  1.00 41.11 ? 14  GLN A C   1 
ATOM   31   O  O   . GLN A 1 9   ? 6.010   -13.870 11.615  1.00 41.05 ? 14  GLN A O   1 
ATOM   32   C  CB  . GLN A 1 9   ? 7.584   -16.673 11.230  1.00 44.88 ? 14  GLN A CB  1 
ATOM   33   C  CG  . GLN A 1 9   ? 7.696   -17.846 10.265  1.00 47.28 ? 14  GLN A CG  1 
ATOM   34   C  CD  . GLN A 1 9   ? 7.403   -19.198 10.910  1.00 49.40 ? 14  GLN A CD  1 
ATOM   35   O  OE1 . GLN A 1 9   ? 6.826   -19.278 11.998  1.00 50.92 ? 14  GLN A OE1 1 
ATOM   36   N  NE2 . GLN A 1 9   ? 7.793   -20.273 10.227  1.00 49.69 ? 14  GLN A NE2 1 
ATOM   37   N  N   . ARG A 1 10  ? 8.151   -13.707 12.301  1.00 39.40 ? 15  ARG A N   1 
ATOM   38   C  CA  . ARG A 1 10  ? 7.899   -12.592 13.219  1.00 39.30 ? 15  ARG A CA  1 
ATOM   39   C  C   . ARG A 1 10  ? 7.496   -11.301 12.487  1.00 37.70 ? 15  ARG A C   1 
ATOM   40   O  O   . ARG A 1 10  ? 6.634   -10.564 12.969  1.00 38.10 ? 15  ARG A O   1 
ATOM   41   C  CB  . ARG A 1 10  ? 9.105   -12.340 14.137  1.00 40.47 ? 15  ARG A CB  1 
ATOM   42   C  CG  . ARG A 1 10  ? 9.243   -13.349 15.273  1.00 41.79 ? 15  ARG A CG  1 
ATOM   43   C  CD  . ARG A 1 10  ? 10.057  -12.799 16.437  1.00 43.03 ? 15  ARG A CD  1 
ATOM   44   N  NE  . ARG A 1 10  ? 11.489  -12.728 16.140  1.00 44.65 ? 15  ARG A NE  1 
ATOM   45   C  CZ  . ARG A 1 10  ? 12.401  -12.075 16.867  1.00 45.50 ? 15  ARG A CZ  1 
ATOM   46   N  NH1 . ARG A 1 10  ? 12.064  -11.393 17.965  1.00 45.96 ? 15  ARG A NH1 1 
ATOM   47   N  NH2 . ARG A 1 10  ? 13.676  -12.097 16.486  1.00 46.08 ? 15  ARG A NH2 1 
ATOM   48   N  N   . ILE A 1 11  ? 8.112   -11.039 11.334  1.00 35.39 ? 16  ILE A N   1 
ATOM   49   C  CA  . ILE A 1 11  ? 7.728   -9.906  10.482  1.00 33.74 ? 16  ILE A CA  1 
ATOM   50   C  C   . ILE A 1 11  ? 6.306   -10.076 9.942   1.00 33.31 ? 16  ILE A C   1 
ATOM   51   O  O   . ILE A 1 11  ? 5.508   -9.135  9.988   1.00 32.78 ? 16  ILE A O   1 
ATOM   52   C  CB  . ILE A 1 11  ? 8.730   -9.691  9.317   1.00 33.23 ? 16  ILE A CB  1 
ATOM   53   C  CG1 . ILE A 1 11  ? 10.068  -9.172  9.864   1.00 32.95 ? 16  ILE A CG1 1 
ATOM   54   C  CG2 . ILE A 1 11  ? 8.183   -8.707  8.279   1.00 33.03 ? 16  ILE A CG2 1 
ATOM   55   C  CD1 . ILE A 1 11  ? 11.237  -9.359  8.916   1.00 33.07 ? 16  ILE A CD1 1 
ATOM   56   N  N   . LEU A 1 12  ? 6.002   -11.265 9.426   1.00 33.32 ? 17  LEU A N   1 
ATOM   57   C  CA  . LEU A 1 12  ? 4.656   -11.574 8.928   1.00 33.33 ? 17  LEU A CA  1 
ATOM   58   C  C   . LEU A 1 12  ? 3.595   -11.652 10.035  1.00 33.34 ? 17  LEU A C   1 
ATOM   59   O  O   . LEU A 1 12  ? 2.420   -11.399 9.776   1.00 34.14 ? 17  LEU A O   1 
ATOM   60   C  CB  . LEU A 1 12  ? 4.663   -12.869 8.114   1.00 33.43 ? 17  LEU A CB  1 
ATOM   61   C  CG  . LEU A 1 12  ? 5.466   -12.794 6.811   1.00 33.62 ? 17  LEU A CG  1 
ATOM   62   C  CD1 . LEU A 1 12  ? 5.730   -14.189 6.257   1.00 33.46 ? 17  LEU A CD1 1 
ATOM   63   C  CD2 . LEU A 1 12  ? 4.755   -11.928 5.780   1.00 33.63 ? 17  LEU A CD2 1 
ATOM   64   N  N   . THR A 1 13  ? 4.004   -12.008 11.252  1.00 33.50 ? 18  THR A N   1 
ATOM   65   C  CA  . THR A 1 13  ? 3.123   -11.946 12.425  1.00 33.90 ? 18  THR A CA  1 
ATOM   66   C  C   . THR A 1 13  ? 2.730   -10.499 12.735  1.00 33.58 ? 18  THR A C   1 
ATOM   67   O  O   . THR A 1 13  ? 1.572   -10.223 13.053  1.00 32.64 ? 18  THR A O   1 
ATOM   68   C  CB  . THR A 1 13  ? 3.781   -12.586 13.670  1.00 34.24 ? 18  THR A CB  1 
ATOM   69   O  OG1 . THR A 1 13  ? 4.017   -13.979 13.423  1.00 35.20 ? 18  THR A OG1 1 
ATOM   70   C  CG2 . THR A 1 13  ? 2.892   -12.448 14.914  1.00 34.06 ? 18  THR A CG2 1 
ATOM   71   N  N   . VAL A 1 14  ? 3.696   -9.586  12.647  1.00 33.82 ? 19  VAL A N   1 
ATOM   72   C  CA  . VAL A 1 14  ? 3.430   -8.160  12.859  1.00 33.32 ? 19  VAL A CA  1 
ATOM   73   C  C   . VAL A 1 14  ? 2.560   -7.629  11.716  1.00 32.95 ? 19  VAL A C   1 
ATOM   74   O  O   . VAL A 1 14  ? 1.583   -6.913  11.957  1.00 30.98 ? 19  VAL A O   1 
ATOM   75   C  CB  . VAL A 1 14  ? 4.735   -7.338  12.988  1.00 33.28 ? 19  VAL A CB  1 
ATOM   76   C  CG1 . VAL A 1 14  ? 4.442   -5.842  13.056  1.00 33.38 ? 19  VAL A CG1 1 
ATOM   77   C  CG2 . VAL A 1 14  ? 5.523   -7.767  14.222  1.00 33.59 ? 19  VAL A CG2 1 
ATOM   78   N  N   . PHE A 1 15  ? 2.929   -7.995  10.486  1.00 33.19 ? 20  PHE A N   1 
ATOM   79   C  CA  . PHE A 1 15  ? 2.183   -7.637  9.278   1.00 33.51 ? 20  PHE A CA  1 
ATOM   80   C  C   . PHE A 1 15  ? 0.687   -7.936  9.380   1.00 33.05 ? 20  PHE A C   1 
ATOM   81   O  O   . PHE A 1 15  ? -0.127  -7.070  9.064   1.00 32.09 ? 20  PHE A O   1 
ATOM   82   C  CB  . PHE A 1 15  ? 2.776   -8.350  8.058   1.00 34.52 ? 20  PHE A CB  1 
ATOM   83   C  CG  . PHE A 1 15  ? 1.975   -8.178  6.796   1.00 35.38 ? 20  PHE A CG  1 
ATOM   84   C  CD1 . PHE A 1 15  ? 1.760   -6.909  6.259   1.00 36.00 ? 20  PHE A CD1 1 
ATOM   85   C  CD2 . PHE A 1 15  ? 1.440   -9.284  6.138   1.00 35.91 ? 20  PHE A CD2 1 
ATOM   86   C  CE1 . PHE A 1 15  ? 1.022   -6.746  5.093   1.00 36.06 ? 20  PHE A CE1 1 
ATOM   87   C  CE2 . PHE A 1 15  ? 0.704   -9.127  4.970   1.00 36.41 ? 20  PHE A CE2 1 
ATOM   88   C  CZ  . PHE A 1 15  ? 0.497   -7.857  4.447   1.00 36.74 ? 20  PHE A CZ  1 
ATOM   89   N  N   . VAL A 1 16  ? 0.326   -9.140  9.823   1.00 33.44 ? 21  VAL A N   1 
ATOM   90   C  CA  . VAL A 1 16  ? -1.099  -9.497  9.960   1.00 34.38 ? 21  VAL A CA  1 
ATOM   91   C  C   . VAL A 1 16  ? -1.825  -8.643  11.004  1.00 34.38 ? 21  VAL A C   1 
ATOM   92   O  O   . VAL A 1 16  ? -2.974  -8.253  10.788  1.00 34.94 ? 21  VAL A O   1 
ATOM   93   C  CB  . VAL A 1 16  ? -1.362  -11.011 10.205  1.00 35.10 ? 21  VAL A CB  1 
ATOM   94   C  CG1 . VAL A 1 16  ? -0.929  -11.831 8.996   1.00 34.96 ? 21  VAL A CG1 1 
ATOM   95   C  CG2 . VAL A 1 16  ? -0.703  -11.532 11.478  1.00 35.58 ? 21  VAL A CG2 1 
ATOM   96   N  N   . PHE A 1 17  ? -1.149  -8.327  12.109  1.00 34.58 ? 22  PHE A N   1 
ATOM   97   C  CA  . PHE A 1 17  ? -1.727  -7.458  13.142  1.00 34.56 ? 22  PHE A CA  1 
ATOM   98   C  C   . PHE A 1 17  ? -1.976  -6.022  12.682  1.00 34.47 ? 22  PHE A C   1 
ATOM   99   O  O   . PHE A 1 17  ? -2.978  -5.429  13.090  1.00 34.33 ? 22  PHE A O   1 
ATOM   100  C  CB  . PHE A 1 17  ? -0.891  -7.467  14.431  1.00 35.53 ? 22  PHE A CB  1 
ATOM   101  C  CG  . PHE A 1 17  ? -1.085  -8.706  15.270  1.00 36.79 ? 22  PHE A CG  1 
ATOM   102  C  CD1 . PHE A 1 17  ? -2.361  -9.088  15.693  1.00 37.25 ? 22  PHE A CD1 1 
ATOM   103  C  CD2 . PHE A 1 17  ? -0.001  -9.489  15.647  1.00 37.19 ? 22  PHE A CD2 1 
ATOM   104  C  CE1 . PHE A 1 17  ? -2.546  -10.228 16.459  1.00 38.03 ? 22  PHE A CE1 1 
ATOM   105  C  CE2 . PHE A 1 17  ? -0.182  -10.629 16.417  1.00 37.90 ? 22  PHE A CE2 1 
ATOM   106  C  CZ  . PHE A 1 17  ? -1.454  -10.996 16.826  1.00 37.84 ? 22  PHE A CZ  1 
ATOM   107  N  N   . THR A 1 18  ? -1.095  -5.471  11.839  1.00 34.58 ? 23  THR A N   1 
ATOM   108  C  CA  . THR A 1 18  ? -1.324  -4.137  11.258  1.00 34.97 ? 23  THR A CA  1 
ATOM   109  C  C   . THR A 1 18  ? -2.526  -4.141  10.305  1.00 35.74 ? 23  THR A C   1 
ATOM   110  O  O   . THR A 1 18  ? -3.265  -3.161  10.237  1.00 35.98 ? 23  THR A O   1 
ATOM   111  C  CB  . THR A 1 18  ? -0.092  -3.570  10.518  1.00 35.48 ? 23  THR A CB  1 
ATOM   112  O  OG1 . THR A 1 18  ? 0.265   -4.420  9.419   1.00 37.32 ? 23  THR A OG1 1 
ATOM   113  C  CG2 . THR A 1 18  ? 1.089   -3.422  11.457  1.00 36.11 ? 23  THR A CG2 1 
ATOM   114  N  N   . LEU A 1 19  ? -2.708  -5.241  9.574   1.00 36.14 ? 24  LEU A N   1 
ATOM   115  C  CA  . LEU A 1 19  ? -3.917  -5.454  8.762   1.00 36.16 ? 24  LEU A CA  1 
ATOM   116  C  C   . LEU A 1 19  ? -5.181  -5.491  9.626   1.00 35.99 ? 24  LEU A C   1 
ATOM   117  O  O   . LEU A 1 19  ? -6.197  -4.890  9.266   1.00 36.98 ? 24  LEU A O   1 
ATOM   118  C  CB  . LEU A 1 19  ? -3.811  -6.746  7.933   1.00 36.82 ? 24  LEU A CB  1 
ATOM   119  C  CG  . LEU A 1 19  ? -3.361  -6.605  6.475   1.00 36.88 ? 24  LEU A CG  1 
ATOM   120  C  CD1 . LEU A 1 19  ? -2.091  -5.790  6.327   1.00 37.05 ? 24  LEU A CD1 1 
ATOM   121  C  CD2 . LEU A 1 19  ? -3.187  -7.986  5.866   1.00 37.50 ? 24  LEU A CD2 1 
ATOM   122  N  N   . LEU A 1 20  ? -5.111  -6.194  10.753  1.00 34.56 ? 25  LEU A N   1 
ATOM   123  C  CA  . LEU A 1 20  ? -6.234  -6.267  11.691  1.00 34.09 ? 25  LEU A CA  1 
ATOM   124  C  C   . LEU A 1 20  ? -6.510  -4.911  12.335  1.00 33.30 ? 25  LEU A C   1 
ATOM   125  O  O   . LEU A 1 20  ? -7.654  -4.469  12.383  1.00 32.69 ? 25  LEU A O   1 
ATOM   126  C  CB  . LEU A 1 20  ? -5.983  -7.333  12.768  1.00 34.15 ? 25  LEU A CB  1 
ATOM   127  C  CG  . LEU A 1 20  ? -5.968  -8.779  12.245  1.00 34.65 ? 25  LEU A CG  1 
ATOM   128  C  CD1 . LEU A 1 20  ? -5.329  -9.725  13.251  1.00 34.65 ? 25  LEU A CD1 1 
ATOM   129  C  CD2 . LEU A 1 20  ? -7.372  -9.249  11.881  1.00 34.45 ? 25  LEU A CD2 1 
ATOM   130  N  N   . ILE A 1 21  ? -5.453  -4.255  12.807  1.00 33.34 ? 26  ILE A N   1 
ATOM   131  C  CA  . ILE A 1 21  ? -5.557  -2.918  13.411  1.00 33.35 ? 26  ILE A CA  1 
ATOM   132  C  C   . ILE A 1 21  ? -6.095  -1.886  12.407  1.00 33.06 ? 26  ILE A C   1 
ATOM   133  O  O   . ILE A 1 21  ? -6.916  -1.044  12.772  1.00 33.64 ? 26  ILE A O   1 
ATOM   134  C  CB  . ILE A 1 21  ? -4.199  -2.465  14.002  1.00 33.37 ? 26  ILE A CB  1 
ATOM   135  C  CG1 . ILE A 1 21  ? -3.840  -3.322  15.221  1.00 33.95 ? 26  ILE A CG1 1 
ATOM   136  C  CG2 . ILE A 1 21  ? -4.232  -1.003  14.424  1.00 33.38 ? 26  ILE A CG2 1 
ATOM   137  C  CD1 . ILE A 1 21  ? -2.355  -3.396  15.501  1.00 33.67 ? 26  ILE A CD1 1 
ATOM   138  N  N   . ALA A 1 22  ? -5.636  -1.965  11.157  1.00 32.65 ? 27  ALA A N   1 
ATOM   139  C  CA  . ALA A 1 22  ? -6.148  -1.117  10.074  1.00 32.96 ? 27  ALA A CA  1 
ATOM   140  C  C   . ALA A 1 22  ? -7.629  -1.353  9.754   1.00 33.48 ? 27  ALA A C   1 
ATOM   141  O  O   . ALA A 1 22  ? -8.357  -0.401  9.455   1.00 33.36 ? 27  ALA A O   1 
ATOM   142  C  CB  . ALA A 1 22  ? -5.315  -1.309  8.819   1.00 32.95 ? 27  ALA A CB  1 
ATOM   143  N  N   . THR A 1 23  ? -8.064  -2.611  9.812   1.00 34.07 ? 28  THR A N   1 
ATOM   144  C  CA  . THR A 1 23  ? -9.468  -2.974  9.567   1.00 34.68 ? 28  THR A CA  1 
ATOM   145  C  C   . THR A 1 23  ? -10.427 -2.377  10.612  1.00 35.56 ? 28  THR A C   1 
ATOM   146  O  O   . THR A 1 23  ? -11.555 -1.992  10.277  1.00 34.54 ? 28  THR A O   1 
ATOM   147  C  CB  . THR A 1 23  ? -9.639  -4.508  9.514   1.00 34.87 ? 28  THR A CB  1 
ATOM   148  O  OG1 . THR A 1 23  ? -8.757  -5.050  8.523   1.00 34.38 ? 28  THR A OG1 1 
ATOM   149  C  CG2 . THR A 1 23  ? -11.077 -4.899  9.169   1.00 34.77 ? 28  THR A CG2 1 
ATOM   150  N  N   . VAL A 1 24  ? -9.972  -2.293  11.863  1.00 36.50 ? 29  VAL A N   1 
ATOM   151  C  CA  . VAL A 1 24  ? -10.735 -1.628  12.923  1.00 37.70 ? 29  VAL A CA  1 
ATOM   152  C  C   . VAL A 1 24  ? -10.755 -0.115  12.671  1.00 39.30 ? 29  VAL A C   1 
ATOM   153  O  O   . VAL A 1 24  ? -11.792 0.528   12.835  1.00 40.39 ? 29  VAL A O   1 
ATOM   154  C  CB  . VAL A 1 24  ? -10.176 -1.922  14.335  1.00 38.13 ? 29  VAL A CB  1 
ATOM   155  C  CG1 . VAL A 1 24  ? -10.980 -1.174  15.397  1.00 38.29 ? 29  VAL A CG1 1 
ATOM   156  C  CG2 . VAL A 1 24  ? -10.201 -3.418  14.628  1.00 38.73 ? 29  VAL A CG2 1 
ATOM   157  N  N   . GLY A 1 25  ? -9.609  0.445   12.277  1.00 39.68 ? 30  GLY A N   1 
ATOM   158  C  CA  . GLY A 1 25  ? -9.535  1.844   11.853  1.00 39.56 ? 30  GLY A CA  1 
ATOM   159  C  C   . GLY A 1 25  ? -10.496 2.162   10.719  1.00 39.67 ? 30  GLY A C   1 
ATOM   160  O  O   . GLY A 1 25  ? -11.213 3.162   10.771  1.00 38.33 ? 30  GLY A O   1 
ATOM   161  N  N   . LEU A 1 26  ? -10.519 1.294   9.706   1.00 40.11 ? 31  LEU A N   1 
ATOM   162  C  CA  . LEU A 1 26  ? -11.428 1.434   8.557   1.00 40.90 ? 31  LEU A CA  1 
ATOM   163  C  C   . LEU A 1 26  ? -12.903 1.455   8.968   1.00 40.79 ? 31  LEU A C   1 
ATOM   164  O  O   . LEU A 1 26  ? -13.678 2.260   8.451   1.00 40.48 ? 31  LEU A O   1 
ATOM   165  C  CB  . LEU A 1 26  ? -11.185 0.306   7.550   1.00 41.86 ? 31  LEU A CB  1 
ATOM   166  C  CG  . LEU A 1 26  ? -11.925 0.357   6.212   1.00 42.40 ? 31  LEU A CG  1 
ATOM   167  C  CD1 . LEU A 1 26  ? -11.491 1.565   5.395   1.00 43.25 ? 31  LEU A CD1 1 
ATOM   168  C  CD2 . LEU A 1 26  ? -11.674 -0.925  5.440   1.00 42.72 ? 31  LEU A CD2 1 
ATOM   169  N  N   . PHE A 1 27  ? -13.277 0.568   9.891   1.00 41.07 ? 32  PHE A N   1 
ATOM   170  C  CA  . PHE A 1 27  ? -14.627 0.546   10.462  1.00 41.26 ? 32  PHE A CA  1 
ATOM   171  C  C   . PHE A 1 27  ? -14.946 1.850   11.203  1.00 40.16 ? 32  PHE A C   1 
ATOM   172  O  O   . PHE A 1 27  ? -16.000 2.440   10.978  1.00 40.81 ? 32  PHE A O   1 
ATOM   173  C  CB  . PHE A 1 27  ? -14.800 -0.661  11.395  1.00 42.83 ? 32  PHE A CB  1 
ATOM   174  C  CG  . PHE A 1 27  ? -16.126 -0.696  12.110  1.00 45.00 ? 32  PHE A CG  1 
ATOM   175  C  CD1 . PHE A 1 27  ? -17.277 -1.126  11.448  1.00 46.07 ? 32  PHE A CD1 1 
ATOM   176  C  CD2 . PHE A 1 27  ? -16.227 -0.303  13.444  1.00 45.37 ? 32  PHE A CD2 1 
ATOM   177  C  CE1 . PHE A 1 27  ? -18.503 -1.158  12.102  1.00 46.56 ? 32  PHE A CE1 1 
ATOM   178  C  CE2 . PHE A 1 27  ? -17.447 -0.332  14.102  1.00 46.54 ? 32  PHE A CE2 1 
ATOM   179  C  CZ  . PHE A 1 27  ? -18.587 -0.761  13.431  1.00 47.45 ? 32  PHE A CZ  1 
ATOM   180  N  N   . ILE A 1 28  ? -14.035 2.292   12.072  1.00 39.03 ? 33  ILE A N   1 
ATOM   181  C  CA  . ILE A 1 28  ? -14.185 3.566   12.794  1.00 38.90 ? 33  ILE A CA  1 
ATOM   182  C  C   . ILE A 1 28  ? -14.281 4.744   11.809  1.00 38.32 ? 33  ILE A C   1 
ATOM   183  O  O   . ILE A 1 28  ? -15.080 5.661   12.012  1.00 36.81 ? 33  ILE A O   1 
ATOM   184  C  CB  . ILE A 1 28  ? -13.030 3.803   13.812  1.00 39.43 ? 33  ILE A CB  1 
ATOM   185  C  CG1 . ILE A 1 28  ? -13.048 2.756   14.944  1.00 40.76 ? 33  ILE A CG1 1 
ATOM   186  C  CG2 . ILE A 1 28  ? -13.087 5.203   14.417  1.00 39.53 ? 33  ILE A CG2 1 
ATOM   187  C  CD1 . ILE A 1 28  ? -14.250 2.806   15.871  1.00 41.41 ? 33  ILE A CD1 1 
ATOM   188  N  N   . GLY A 1 29  ? -13.488 4.687   10.737  1.00 38.11 ? 34  GLY A N   1 
ATOM   189  C  CA  . GLY A 1 29  ? -13.439 5.732   9.710   1.00 38.45 ? 34  GLY A CA  1 
ATOM   190  C  C   . GLY A 1 29  ? -14.733 6.130   9.009   1.00 39.05 ? 34  GLY A C   1 
ATOM   191  O  O   . GLY A 1 29  ? -14.795 7.210   8.414   1.00 38.36 ? 34  GLY A O   1 
ATOM   192  N  N   . GLN A 1 30  ? -15.758 5.277   9.064   1.00 40.27 ? 35  GLN A N   1 
ATOM   193  C  CA  . GLN A 1 30  ? -17.070 5.605   8.484   1.00 41.68 ? 35  GLN A CA  1 
ATOM   194  C  C   . GLN A 1 30  ? -17.802 6.757   9.177   1.00 41.56 ? 35  GLN A C   1 
ATOM   195  O  O   . GLN A 1 30  ? -18.638 7.414   8.554   1.00 43.87 ? 35  GLN A O   1 
ATOM   196  C  CB  . GLN A 1 30  ? -17.981 4.371   8.431   1.00 41.99 ? 35  GLN A CB  1 
ATOM   197  C  CG  . GLN A 1 30  ? -18.667 4.023   9.742   1.00 42.55 ? 35  GLN A CG  1 
ATOM   198  C  CD  . GLN A 1 30  ? -19.415 2.711   9.661   1.00 43.02 ? 35  GLN A CD  1 
ATOM   199  O  OE1 . GLN A 1 30  ? -20.433 2.614   8.978   1.00 42.59 ? 35  GLN A OE1 1 
ATOM   200  N  NE2 . GLN A 1 30  ? -18.918 1.692   10.357  1.00 44.06 ? 35  GLN A NE2 1 
ATOM   201  N  N   . PHE A 1 31  ? -17.491 7.002   10.449  1.00 41.21 ? 36  PHE A N   1 
ATOM   202  C  CA  . PHE A 1 31  ? -18.164 8.053   11.227  1.00 41.67 ? 36  PHE A CA  1 
ATOM   203  C  C   . PHE A 1 31  ? -17.544 9.440   11.087  1.00 42.99 ? 36  PHE A C   1 
ATOM   204  O  O   . PHE A 1 31  ? -17.996 10.375  11.746  1.00 44.43 ? 36  PHE A O   1 
ATOM   205  C  CB  . PHE A 1 31  ? -18.231 7.656   12.706  1.00 39.90 ? 36  PHE A CB  1 
ATOM   206  C  CG  . PHE A 1 31  ? -18.824 6.297   12.934  1.00 38.96 ? 36  PHE A CG  1 
ATOM   207  C  CD1 . PHE A 1 31  ? -20.073 5.975   12.411  1.00 38.48 ? 36  PHE A CD1 1 
ATOM   208  C  CD2 . PHE A 1 31  ? -18.133 5.330   13.655  1.00 39.19 ? 36  PHE A CD2 1 
ATOM   209  C  CE1 . PHE A 1 31  ? -20.623 4.721   12.609  1.00 38.74 ? 36  PHE A CE1 1 
ATOM   210  C  CE2 . PHE A 1 31  ? -18.680 4.070   13.855  1.00 38.67 ? 36  PHE A CE2 1 
ATOM   211  C  CZ  . PHE A 1 31  ? -19.927 3.768   13.333  1.00 38.46 ? 36  PHE A CZ  1 
ATOM   212  N  N   . VAL A 1 32  ? -16.531 9.583   10.232  1.00 45.35 ? 37  VAL A N   1 
ATOM   213  C  CA  . VAL A 1 32  ? -15.895 10.877  9.983   1.00 47.52 ? 37  VAL A CA  1 
ATOM   214  C  C   . VAL A 1 32  ? -16.837 11.699  9.097   1.00 50.69 ? 37  VAL A C   1 
ATOM   215  O  O   . VAL A 1 32  ? -17.214 11.237  8.018   1.00 50.83 ? 37  VAL A O   1 
ATOM   216  C  CB  . VAL A 1 32  ? -14.512 10.713  9.300   1.00 47.16 ? 37  VAL A CB  1 
ATOM   217  C  CG1 . VAL A 1 32  ? -13.903 12.066  8.935   1.00 46.76 ? 37  VAL A CG1 1 
ATOM   218  C  CG2 . VAL A 1 32  ? -13.559 9.935   10.203  1.00 46.85 ? 37  VAL A CG2 1 
ATOM   219  N  N   . PRO A 1 33  ? -17.228 12.912  9.546   1.00 54.74 ? 38  PRO A N   1 
ATOM   220  C  CA  . PRO A 1 33  ? -18.105 13.745  8.715   1.00 56.33 ? 38  PRO A CA  1 
ATOM   221  C  C   . PRO A 1 33  ? -17.371 14.347  7.513   1.00 57.59 ? 38  PRO A C   1 
ATOM   222  O  O   . PRO A 1 33  ? -16.135 14.336  7.465   1.00 57.56 ? 38  PRO A O   1 
ATOM   223  C  CB  . PRO A 1 33  ? -18.562 14.840  9.681   1.00 56.42 ? 38  PRO A CB  1 
ATOM   224  C  CG  . PRO A 1 33  ? -17.428 14.985  10.632  1.00 56.70 ? 38  PRO A CG  1 
ATOM   225  C  CD  . PRO A 1 33  ? -16.833 13.611  10.786  1.00 56.00 ? 38  PRO A CD  1 
ATOM   226  N  N   . VAL A 1 34  ? -18.139 14.853  6.551   1.00 58.50 ? 39  VAL A N   1 
ATOM   227  C  CA  . VAL A 1 34  ? -17.579 15.439  5.327   1.00 61.59 ? 39  VAL A CA  1 
ATOM   228  C  C   . VAL A 1 34  ? -16.783 16.728  5.598   1.00 62.81 ? 39  VAL A C   1 
ATOM   229  O  O   . VAL A 1 34  ? -15.843 17.038  4.861   1.00 63.60 ? 39  VAL A O   1 
ATOM   230  C  CB  . VAL A 1 34  ? -18.678 15.679  4.255   1.00 63.11 ? 39  VAL A CB  1 
ATOM   231  C  CG1 . VAL A 1 34  ? -19.596 16.841  4.634   1.00 63.05 ? 39  VAL A CG1 1 
ATOM   232  C  CG2 . VAL A 1 34  ? -18.055 15.899  2.879   1.00 63.92 ? 39  VAL A CG2 1 
ATOM   233  N  N   . ALA A 1 35  ? -17.157 17.458  6.653   1.00 62.92 ? 40  ALA A N   1 
ATOM   234  C  CA  . ALA A 1 35  ? -16.441 18.664  7.088   1.00 62.51 ? 40  ALA A CA  1 
ATOM   235  C  C   . ALA A 1 35  ? -14.975 18.394  7.434   1.00 62.97 ? 40  ALA A C   1 
ATOM   236  O  O   . ALA A 1 35  ? -14.094 19.164  7.046   1.00 64.87 ? 40  ALA A O   1 
ATOM   237  C  CB  . ALA A 1 35  ? -17.145 19.290  8.282   1.00 62.65 ? 40  ALA A CB  1 
ATOM   238  N  N   . LEU A 1 36  ? -14.727 17.294  8.148   1.00 61.69 ? 41  LEU A N   1 
ATOM   239  C  CA  . LEU A 1 36  ? -13.369 16.911  8.587   1.00 61.12 ? 41  LEU A CA  1 
ATOM   240  C  C   . LEU A 1 36  ? -12.623 15.981  7.610   1.00 59.73 ? 41  LEU A C   1 
ATOM   241  O  O   . LEU A 1 36  ? -11.539 15.481  7.929   1.00 59.22 ? 41  LEU A O   1 
ATOM   242  C  CB  . LEU A 1 36  ? -13.427 16.278  9.989   1.00 61.58 ? 41  LEU A CB  1 
ATOM   243  C  CG  . LEU A 1 36  ? -13.389 17.266  11.159  1.00 62.29 ? 41  LEU A CG  1 
ATOM   244  C  CD1 . LEU A 1 36  ? -14.495 18.311  11.077  1.00 62.36 ? 41  LEU A CD1 1 
ATOM   245  C  CD2 . LEU A 1 36  ? -13.465 16.506  12.470  1.00 62.21 ? 41  LEU A CD2 1 
ATOM   246  N  N   . MET A 1 37  ? -13.183 15.776  6.419   1.00 58.05 ? 42  MET A N   1 
ATOM   247  C  CA  . MET A 1 37  ? -12.628 14.859  5.437   1.00 56.49 ? 42  MET A CA  1 
ATOM   248  C  C   . MET A 1 37  ? -11.739 15.629  4.468   1.00 52.68 ? 42  MET A C   1 
ATOM   249  O  O   . MET A 1 37  ? -12.168 16.626  3.884   1.00 51.00 ? 42  MET A O   1 
ATOM   250  C  CB  . MET A 1 37  ? -13.768 14.181  4.682   1.00 59.63 ? 42  MET A CB  1 
ATOM   251  C  CG  . MET A 1 37  ? -13.365 12.941  3.912   1.00 61.14 ? 42  MET A CG  1 
ATOM   252  S  SD  . MET A 1 37  ? -14.808 12.123  3.212   1.00 66.52 ? 42  MET A SD  1 
ATOM   253  C  CE  . MET A 1 37  ? -15.587 11.461  4.685   1.00 65.25 ? 42  MET A CE  1 
ATOM   254  N  N   . LEU A 1 38  ? -10.502 15.164  4.304   1.00 49.49 ? 43  LEU A N   1 
ATOM   255  C  CA  . LEU A 1 38  ? -9.561  15.768  3.358   1.00 46.70 ? 43  LEU A CA  1 
ATOM   256  C  C   . LEU A 1 38  ? -9.923  15.387  1.912   1.00 44.56 ? 43  LEU A C   1 
ATOM   257  O  O   . LEU A 1 38  ? -10.679 14.436  1.696   1.00 42.34 ? 43  LEU A O   1 
ATOM   258  C  CB  . LEU A 1 38  ? -8.123  15.333  3.672   1.00 46.89 ? 43  LEU A CB  1 
ATOM   259  C  CG  . LEU A 1 38  ? -7.507  15.889  4.964   1.00 46.72 ? 43  LEU A CG  1 
ATOM   260  C  CD1 . LEU A 1 38  ? -6.285  15.074  5.371   1.00 46.87 ? 43  LEU A CD1 1 
ATOM   261  C  CD2 . LEU A 1 38  ? -7.146  17.361  4.816   1.00 45.93 ? 43  LEU A CD2 1 
ATOM   262  N  N   . PRO A 1 39  ? -9.392  16.134  0.919   1.00 42.61 ? 44  PRO A N   1 
ATOM   263  C  CA  . PRO A 1 39  ? -9.620  15.796  -0.490  1.00 41.81 ? 44  PRO A CA  1 
ATOM   264  C  C   . PRO A 1 39  ? -9.100  14.414  -0.876  1.00 41.34 ? 44  PRO A C   1 
ATOM   265  O  O   . PRO A 1 39  ? -8.087  13.961  -0.334  1.00 41.76 ? 44  PRO A O   1 
ATOM   266  C  CB  . PRO A 1 39  ? -8.836  16.874  -1.248  1.00 42.36 ? 44  PRO A CB  1 
ATOM   267  C  CG  . PRO A 1 39  ? -8.760  18.021  -0.312  1.00 42.74 ? 44  PRO A CG  1 
ATOM   268  C  CD  . PRO A 1 39  ? -8.695  17.427  1.063   1.00 42.35 ? 44  PRO A CD  1 
ATOM   269  N  N   . LEU A 1 40  ? -9.791  13.774  -1.817  1.00 40.42 ? 45  LEU A N   1 
ATOM   270  C  CA  . LEU A 1 40  ? -9.423  12.443  -2.309  1.00 39.79 ? 45  LEU A CA  1 
ATOM   271  C  C   . LEU A 1 40  ? -8.007  12.422  -2.902  1.00 38.75 ? 45  LEU A C   1 
ATOM   272  O  O   . LEU A 1 40  ? -7.247  11.488  -2.644  1.00 36.89 ? 45  LEU A O   1 
ATOM   273  C  CB  . LEU A 1 40  ? -10.442 11.962  -3.353  1.00 39.66 ? 45  LEU A CB  1 
ATOM   274  C  CG  . LEU A 1 40  ? -10.300 10.532  -3.887  1.00 40.27 ? 45  LEU A CG  1 
ATOM   275  C  CD1 . LEU A 1 40  ? -10.669 9.513   -2.814  1.00 40.07 ? 45  LEU A CD1 1 
ATOM   276  C  CD2 . LEU A 1 40  ? -11.157 10.344  -5.133  1.00 40.41 ? 45  LEU A CD2 1 
ATOM   277  N  N   . SER A 1 41  ? -7.672  13.449  -3.687  1.00 38.96 ? 46  SER A N   1 
ATOM   278  C  CA  . SER A 1 41  ? -6.327  13.606  -4.273  1.00 39.42 ? 46  SER A CA  1 
ATOM   279  C  C   . SER A 1 41  ? -5.210  13.512  -3.231  1.00 39.51 ? 46  SER A C   1 
ATOM   280  O  O   . SER A 1 41  ? -4.261  12.741  -3.399  1.00 37.92 ? 46  SER A O   1 
ATOM   281  C  CB  . SER A 1 41  ? -6.198  14.952  -5.000  1.00 39.81 ? 46  SER A CB  1 
ATOM   282  O  OG  . SER A 1 41  ? -6.851  14.924  -6.255  1.00 42.03 ? 46  SER A OG  1 
ATOM   283  N  N   . ILE A 1 42  ? -5.344  14.304  -2.168  1.00 39.65 ? 47  ILE A N   1 
ATOM   284  C  CA  . ILE A 1 42  ? -4.348  14.377  -1.094  1.00 39.58 ? 47  ILE A CA  1 
ATOM   285  C  C   . ILE A 1 42  ? -4.198  13.042  -0.367  1.00 39.64 ? 47  ILE A C   1 
ATOM   286  O  O   . ILE A 1 42  ? -3.074  12.618  -0.094  1.00 40.83 ? 47  ILE A O   1 
ATOM   287  C  CB  . ILE A 1 42  ? -4.675  15.524  -0.096  1.00 40.06 ? 47  ILE A CB  1 
ATOM   288  C  CG1 . ILE A 1 42  ? -4.435  16.878  -0.779  1.00 41.12 ? 47  ILE A CG1 1 
ATOM   289  C  CG2 . ILE A 1 42  ? -3.830  15.423  1.176   1.00 39.89 ? 47  ILE A CG2 1 
ATOM   290  C  CD1 . ILE A 1 42  ? -4.972  18.085  -0.034  1.00 41.70 ? 47  ILE A CD1 1 
ATOM   291  N  N   . LEU A 1 43  ? -5.318  12.390  -0.060  1.00 39.79 ? 48  LEU A N   1 
ATOM   292  C  CA  . LEU A 1 43  ? -5.288  11.113  0.670   1.00 40.67 ? 48  LEU A CA  1 
ATOM   293  C  C   . LEU A 1 43  ? -4.576  10.014  -0.118  1.00 40.22 ? 48  LEU A C   1 
ATOM   294  O  O   . LEU A 1 43  ? -3.763  9.278   0.442   1.00 40.19 ? 48  LEU A O   1 
ATOM   295  C  CB  . LEU A 1 43  ? -6.703  10.652  1.050   1.00 40.98 ? 48  LEU A CB  1 
ATOM   296  C  CG  . LEU A 1 43  ? -7.458  11.534  2.053   1.00 41.89 ? 48  LEU A CG  1 
ATOM   297  C  CD1 . LEU A 1 43  ? -8.949  11.222  2.047   1.00 41.83 ? 48  LEU A CD1 1 
ATOM   298  C  CD2 . LEU A 1 43  ? -6.883  11.392  3.456   1.00 42.16 ? 48  LEU A CD2 1 
ATOM   299  N  N   . GLU A 1 44  ? -4.871  9.926   -1.413  1.00 40.24 ? 49  GLU A N   1 
ATOM   300  C  CA  . GLU A 1 44  ? -4.265  8.912   -2.283  1.00 40.93 ? 49  GLU A CA  1 
ATOM   301  C  C   . GLU A 1 44  ? -2.745  9.052   -2.398  1.00 39.73 ? 49  GLU A C   1 
ATOM   302  O  O   . GLU A 1 44  ? -2.024  8.066   -2.236  1.00 39.31 ? 49  GLU A O   1 
ATOM   303  C  CB  . GLU A 1 44  ? -4.893  8.952   -3.681  1.00 42.94 ? 49  GLU A CB  1 
ATOM   304  C  CG  . GLU A 1 44  ? -6.346  8.491   -3.725  1.00 43.81 ? 49  GLU A CG  1 
ATOM   305  C  CD  . GLU A 1 44  ? -7.053  8.854   -5.025  1.00 46.47 ? 49  GLU A CD  1 
ATOM   306  O  OE1 . GLU A 1 44  ? -7.887  8.045   -5.494  1.00 47.39 ? 49  GLU A OE1 1 
ATOM   307  O  OE2 . GLU A 1 44  ? -6.780  9.941   -5.586  1.00 47.68 ? 49  GLU A OE2 1 
ATOM   308  N  N   . VAL A 1 45  ? -2.265  10.270  -2.663  1.00 38.88 ? 50  VAL A N   1 
ATOM   309  C  CA  . VAL A 1 45  ? -0.824  10.504  -2.856  1.00 38.78 ? 50  VAL A CA  1 
ATOM   310  C  C   . VAL A 1 45  ? -0.007  10.505  -1.546  1.00 38.08 ? 50  VAL A C   1 
ATOM   311  O  O   . VAL A 1 45  ? 1.196   10.232  -1.567  1.00 36.18 ? 50  VAL A O   1 
ATOM   312  C  CB  . VAL A 1 45  ? -0.556  11.797  -3.676  1.00 39.00 ? 50  VAL A CB  1 
ATOM   313  C  CG1 . VAL A 1 45  ? -0.683  13.050  -2.817  1.00 39.06 ? 50  VAL A CG1 1 
ATOM   314  C  CG2 . VAL A 1 45  ? 0.818   11.745  -4.335  1.00 39.29 ? 50  VAL A CG2 1 
ATOM   315  N  N   . ALA A 1 46  ? -0.645  10.814  -0.417  1.00 38.15 ? 51  ALA A N   1 
ATOM   316  C  CA  . ALA A 1 46  ? 0.039   10.782  0.884   1.00 38.22 ? 51  ALA A CA  1 
ATOM   317  C  C   . ALA A 1 46  ? 0.561   9.384   1.241   1.00 38.69 ? 51  ALA A C   1 
ATOM   318  O  O   . ALA A 1 46  ? 1.623   9.259   1.854   1.00 38.82 ? 51  ALA A O   1 
ATOM   319  C  CB  . ALA A 1 46  ? -0.871  11.304  1.983   1.00 38.00 ? 51  ALA A CB  1 
ATOM   320  N  N   . MET A 1 47  ? -0.175  8.344   0.842   1.00 38.80 ? 52  MET A N   1 
ATOM   321  C  CA  . MET A 1 47  ? 0.248   6.953   1.069   1.00 38.92 ? 52  MET A CA  1 
ATOM   322  C  C   . MET A 1 47  ? 1.463   6.561   0.225   1.00 37.87 ? 52  MET A C   1 
ATOM   323  O  O   . MET A 1 47  ? 2.272   5.730   0.648   1.00 37.90 ? 52  MET A O   1 
ATOM   324  C  CB  . MET A 1 47  ? -0.902  5.973   0.791   1.00 39.79 ? 52  MET A CB  1 
ATOM   325  C  CG  . MET A 1 47  ? -2.153  6.181   1.637   1.00 40.60 ? 52  MET A CG  1 
ATOM   326  S  SD  . MET A 1 47  ? -1.834  6.311   3.410   1.00 42.18 ? 52  MET A SD  1 
ATOM   327  C  CE  . MET A 1 47  ? -3.508  6.507   4.018   1.00 43.01 ? 52  MET A CE  1 
ATOM   328  N  N   . ILE A 1 48  ? 1.584   7.147   -0.964  1.00 36.82 ? 53  ILE A N   1 
ATOM   329  C  CA  . ILE A 1 48  ? 2.758   6.937   -1.813  1.00 36.88 ? 53  ILE A CA  1 
ATOM   330  C  C   . ILE A 1 48  ? 3.971   7.609   -1.168  1.00 37.05 ? 53  ILE A C   1 
ATOM   331  O  O   . ILE A 1 48  ? 5.051   7.018   -1.106  1.00 37.69 ? 53  ILE A O   1 
ATOM   332  C  CB  . ILE A 1 48  ? 2.544   7.486   -3.241  1.00 37.29 ? 53  ILE A CB  1 
ATOM   333  C  CG1 . ILE A 1 48  ? 1.379   6.761   -3.929  1.00 37.61 ? 53  ILE A CG1 1 
ATOM   334  C  CG2 . ILE A 1 48  ? 3.814   7.334   -4.078  1.00 37.46 ? 53  ILE A CG2 1 
ATOM   335  C  CD1 . ILE A 1 48  ? 0.929   7.409   -5.219  1.00 38.59 ? 53  ILE A CD1 1 
ATOM   336  N  N   . ILE A 1 49  ? 3.769   8.837   -0.689  1.00 36.14 ? 54  ILE A N   1 
ATOM   337  C  CA  . ILE A 1 49  ? 4.819   9.633   -0.043  1.00 36.18 ? 54  ILE A CA  1 
ATOM   338  C  C   . ILE A 1 49  ? 5.302   8.975   1.256   1.00 36.27 ? 54  ILE A C   1 
ATOM   339  O  O   . ILE A 1 49  ? 6.504   8.959   1.531   1.00 35.68 ? 54  ILE A O   1 
ATOM   340  C  CB  . ILE A 1 49  ? 4.338   11.089  0.222   1.00 36.50 ? 54  ILE A CB  1 
ATOM   341  C  CG1 . ILE A 1 49  ? 4.091   11.823  -1.107  1.00 36.64 ? 54  ILE A CG1 1 
ATOM   342  C  CG2 . ILE A 1 49  ? 5.346   11.878  1.056   1.00 35.92 ? 54  ILE A CG2 1 
ATOM   343  C  CD1 . ILE A 1 49  ? 3.056   12.924  -1.012  1.00 36.94 ? 54  ILE A CD1 1 
ATOM   344  N  N   . LEU A 1 50  ? 4.372   8.441   2.047   1.00 36.69 ? 55  LEU A N   1 
ATOM   345  C  CA  . LEU A 1 50  ? 4.733   7.735   3.283   1.00 37.37 ? 55  LEU A CA  1 
ATOM   346  C  C   . LEU A 1 50  ? 5.453   6.412   3.004   1.00 38.17 ? 55  LEU A C   1 
ATOM   347  O  O   . LEU A 1 50  ? 6.375   6.052   3.731   1.00 36.29 ? 55  LEU A O   1 
ATOM   348  C  CB  . LEU A 1 50  ? 3.502   7.504   4.162   1.00 37.91 ? 55  LEU A CB  1 
ATOM   349  C  CG  . LEU A 1 50  ? 2.855   8.762   4.755   1.00 37.54 ? 55  LEU A CG  1 
ATOM   350  C  CD1 . LEU A 1 50  ? 1.443   8.447   5.226   1.00 37.71 ? 55  LEU A CD1 1 
ATOM   351  C  CD2 . LEU A 1 50  ? 3.688   9.346   5.887   1.00 37.60 ? 55  LEU A CD2 1 
ATOM   352  N  N   . ALA A 1 51  ? 5.044   5.704   1.949   1.00 40.38 ? 56  ALA A N   1 
ATOM   353  C  CA  . ALA A 1 51  ? 5.732   4.475   1.514   1.00 42.56 ? 56  ALA A CA  1 
ATOM   354  C  C   . ALA A 1 51  ? 7.194   4.730   1.163   1.00 44.71 ? 56  ALA A C   1 
ATOM   355  O  O   . ALA A 1 51  ? 8.068   3.929   1.508   1.00 46.07 ? 56  ALA A O   1 
ATOM   356  C  CB  . ALA A 1 51  ? 5.020   3.848   0.325   1.00 42.38 ? 56  ALA A CB  1 
ATOM   357  N  N   . PHE A 1 52  ? 7.448   5.838   0.471   1.00 46.52 ? 57  PHE A N   1 
ATOM   358  C  CA  . PHE A 1 52  ? 8.815   6.281   0.196   1.00 48.89 ? 57  PHE A CA  1 
ATOM   359  C  C   . PHE A 1 52  ? 9.560   6.674   1.477   1.00 48.54 ? 57  PHE A C   1 
ATOM   360  O  O   . PHE A 1 52  ? 10.699  6.257   1.680   1.00 50.17 ? 57  PHE A O   1 
ATOM   361  C  CB  . PHE A 1 52  ? 8.825   7.455   -0.789  1.00 51.13 ? 57  PHE A CB  1 
ATOM   362  C  CG  . PHE A 1 52  ? 10.154  8.150   -0.880  1.00 53.93 ? 57  PHE A CG  1 
ATOM   363  C  CD1 . PHE A 1 52  ? 11.248  7.507   -1.450  1.00 56.10 ? 57  PHE A CD1 1 
ATOM   364  C  CD2 . PHE A 1 52  ? 10.323  9.438   -0.372  1.00 55.63 ? 57  PHE A CD2 1 
ATOM   365  C  CE1 . PHE A 1 52  ? 12.485  8.138   -1.525  1.00 57.10 ? 57  PHE A CE1 1 
ATOM   366  C  CE2 . PHE A 1 52  ? 11.555  10.075  -0.444  1.00 56.38 ? 57  PHE A CE2 1 
ATOM   367  C  CZ  . PHE A 1 52  ? 12.639  9.425   -1.022  1.00 57.39 ? 57  PHE A CZ  1 
ATOM   368  N  N   . TRP A 1 53  ? 8.914   7.474   2.327   1.00 48.03 ? 58  TRP A N   1 
ATOM   369  C  CA  . TRP A 1 53  ? 9.541   8.016   3.541   1.00 48.17 ? 58  TRP A CA  1 
ATOM   370  C  C   . TRP A 1 53  ? 9.832   6.936   4.590   1.00 49.14 ? 58  TRP A C   1 
ATOM   371  O  O   . TRP A 1 53  ? 10.968  6.821   5.064   1.00 49.25 ? 58  TRP A O   1 
ATOM   372  C  CB  . TRP A 1 53  ? 8.657   9.129   4.128   1.00 48.11 ? 58  TRP A CB  1 
ATOM   373  C  CG  . TRP A 1 53  ? 9.240   9.901   5.294   1.00 48.46 ? 58  TRP A CG  1 
ATOM   374  C  CD1 . TRP A 1 53  ? 10.531  9.875   5.755   1.00 48.32 ? 58  TRP A CD1 1 
ATOM   375  C  CD2 . TRP A 1 53  ? 8.545   10.844  6.118   1.00 49.04 ? 58  TRP A CD2 1 
ATOM   376  N  NE1 . TRP A 1 53  ? 10.669  10.719  6.827   1.00 48.32 ? 58  TRP A NE1 1 
ATOM   377  C  CE2 . TRP A 1 53  ? 9.469   11.332  7.068   1.00 49.11 ? 58  TRP A CE2 1 
ATOM   378  C  CE3 . TRP A 1 53  ? 7.224   11.318  6.151   1.00 49.88 ? 58  TRP A CE3 1 
ATOM   379  C  CZ2 . TRP A 1 53  ? 9.114   12.274  8.046   1.00 49.97 ? 58  TRP A CZ2 1 
ATOM   380  C  CZ3 . TRP A 1 53  ? 6.871   12.259  7.125   1.00 49.85 ? 58  TRP A CZ3 1 
ATOM   381  C  CH2 . TRP A 1 53  ? 7.816   12.723  8.058   1.00 49.44 ? 58  TRP A CH2 1 
ATOM   382  N  N   . MET A 1 54  ? 8.820   6.136   4.924   1.00 49.89 ? 59  MET A N   1 
ATOM   383  C  CA  . MET A 1 54  ? 8.949   5.082   5.944   1.00 50.75 ? 59  MET A CA  1 
ATOM   384  C  C   . MET A 1 54  ? 9.974   4.000   5.582   1.00 51.58 ? 59  MET A C   1 
ATOM   385  O  O   . MET A 1 54  ? 10.499  3.332   6.470   1.00 52.45 ? 59  MET A O   1 
ATOM   386  C  CB  . MET A 1 54  ? 7.591   4.418   6.230   1.00 51.98 ? 59  MET A CB  1 
ATOM   387  C  CG  . MET A 1 54  ? 6.504   5.317   6.823   1.00 52.13 ? 59  MET A CG  1 
ATOM   388  S  SD  . MET A 1 54  ? 6.895   6.111   8.393   1.00 54.28 ? 59  MET A SD  1 
ATOM   389  C  CE  . MET A 1 54  ? 7.541   7.693   7.847   1.00 54.72 ? 59  MET A CE  1 
ATOM   390  N  N   . ARG A 1 55  ? 10.251  3.829   4.290   1.00 52.99 ? 60  ARG A N   1 
ATOM   391  C  CA  . ARG A 1 55  ? 11.301  2.919   3.817   1.00 54.28 ? 60  ARG A CA  1 
ATOM   392  C  C   . ARG A 1 55  ? 12.710  3.338   4.269   1.00 57.14 ? 60  ARG A C   1 
ATOM   393  O  O   . ARG A 1 55  ? 13.506  2.493   4.683   1.00 57.71 ? 60  ARG A O   1 
ATOM   394  C  CB  . ARG A 1 55  ? 11.253  2.820   2.289   1.00 53.55 ? 60  ARG A CB  1 
ATOM   395  C  CG  . ARG A 1 55  ? 12.158  1.755   1.686   1.00 52.57 ? 60  ARG A CG  1 
ATOM   396  C  CD  . ARG A 1 55  ? 11.765  1.446   0.249   1.00 51.70 ? 60  ARG A CD  1 
ATOM   397  N  NE  . ARG A 1 55  ? 10.460  0.789   0.168   1.00 51.36 ? 60  ARG A NE  1 
ATOM   398  C  CZ  . ARG A 1 55  ? 10.215  -0.493  0.452   1.00 51.52 ? 60  ARG A CZ  1 
ATOM   399  N  NH1 . ARG A 1 55  ? 11.185  -1.324  0.844   1.00 51.50 ? 60  ARG A NH1 1 
ATOM   400  N  NH2 . ARG A 1 55  ? 8.972   -0.960  0.335   1.00 52.22 ? 60  ARG A NH2 1 
ATOM   401  N  N   . ARG A 1 56  ? 13.004  4.636   4.186   1.00 60.26 ? 61  ARG A N   1 
ATOM   402  C  CA  . ARG A 1 56  ? 14.320  5.179   4.558   1.00 62.04 ? 61  ARG A CA  1 
ATOM   403  C  C   . ARG A 1 56  ? 14.438  5.612   6.029   1.00 64.38 ? 61  ARG A C   1 
ATOM   404  O  O   . ARG A 1 56  ? 15.495  6.100   6.434   1.00 65.62 ? 61  ARG A O   1 
ATOM   405  C  CB  . ARG A 1 56  ? 14.674  6.364   3.650   1.00 61.16 ? 61  ARG A CB  1 
ATOM   406  N  N   . ARG A 1 57  ? 13.373  5.442   6.818   1.00 67.65 ? 62  ARG A N   1 
ATOM   407  C  CA  . ARG A 1 57  ? 13.393  5.808   8.246   1.00 69.11 ? 62  ARG A CA  1 
ATOM   408  C  C   . ARG A 1 57  ? 14.261  4.858   9.072   1.00 68.94 ? 62  ARG A C   1 
ATOM   409  O  O   . ARG A 1 57  ? 14.349  3.664   8.773   1.00 69.75 ? 62  ARG A O   1 
ATOM   410  C  CB  . ARG A 1 57  ? 11.974  5.854   8.845   1.00 69.57 ? 62  ARG A CB  1 
ATOM   411  C  CG  . ARG A 1 57  ? 11.349  7.245   8.909   1.00 69.75 ? 62  ARG A CG  1 
ATOM   412  C  CD  . ARG A 1 57  ? 10.234  7.295   9.945   1.00 70.16 ? 62  ARG A CD  1 
ATOM   413  N  NE  . ARG A 1 57  ? 10.744  7.086   11.305  1.00 71.13 ? 62  ARG A NE  1 
ATOM   414  C  CZ  . ARG A 1 57  ? 10.009  6.762   12.373  1.00 71.65 ? 62  ARG A CZ  1 
ATOM   415  N  NH1 . ARG A 1 57  ? 8.693   6.598   12.282  1.00 71.25 ? 62  ARG A NH1 1 
ATOM   416  N  NH2 . ARG A 1 57  ? 10.600  6.596   13.553  1.00 73.18 ? 62  ARG A NH2 1 
ATOM   417  N  N   . LYS A 1 58  ? 14.878  5.410   10.118  1.00 69.40 ? 63  LYS A N   1 
ATOM   418  C  CA  . LYS A 1 58  ? 15.766  4.670   11.015  1.00 69.11 ? 63  LYS A CA  1 
ATOM   419  C  C   . LYS A 1 58  ? 15.128  4.527   12.399  1.00 68.11 ? 63  LYS A C   1 
ATOM   420  O  O   . LYS A 1 58  ? 14.536  5.479   12.914  1.00 68.75 ? 63  LYS A O   1 
ATOM   421  C  CB  . LYS A 1 58  ? 17.109  5.394   11.140  1.00 67.79 ? 63  LYS A CB  1 
ATOM   422  N  N   . ALA A 1 59  ? 15.247  3.329   12.978  1.00 66.18 ? 64  ALA A N   1 
ATOM   423  C  CA  . ALA A 1 59  ? 14.805  3.030   14.349  1.00 64.68 ? 64  ALA A CA  1 
ATOM   424  C  C   . ALA A 1 59  ? 13.304  3.273   14.596  1.00 61.36 ? 64  ALA A C   1 
ATOM   425  O  O   . ALA A 1 59  ? 12.920  4.148   15.377  1.00 63.60 ? 64  ALA A O   1 
ATOM   426  C  CB  . ALA A 1 59  ? 15.660  3.790   15.363  1.00 64.79 ? 64  ALA A CB  1 
ATOM   427  N  N   . VAL A 1 60  ? 12.472  2.482   13.921  1.00 56.61 ? 65  VAL A N   1 
ATOM   428  C  CA  . VAL A 1 60  ? 11.017  2.506   14.108  1.00 52.62 ? 65  VAL A CA  1 
ATOM   429  C  C   . VAL A 1 60  ? 10.633  1.461   15.159  1.00 47.79 ? 65  VAL A C   1 
ATOM   430  O  O   . VAL A 1 60  ? 11.138  0.341   15.126  1.00 46.55 ? 65  VAL A O   1 
ATOM   431  C  CB  . VAL A 1 60  ? 10.283  2.211   12.780  1.00 54.11 ? 65  VAL A CB  1 
ATOM   432  C  CG1 . VAL A 1 60  ? 8.770   2.335   12.951  1.00 54.92 ? 65  VAL A CG1 1 
ATOM   433  C  CG2 . VAL A 1 60  ? 10.791  3.139   11.679  1.00 54.92 ? 65  VAL A CG2 1 
ATOM   434  N  N   . GLY A 1 61  ? 9.743   1.828   16.081  1.00 44.14 ? 66  GLY A N   1 
ATOM   435  C  CA  . GLY A 1 61  ? 9.285   0.918   17.146  1.00 42.17 ? 66  GLY A CA  1 
ATOM   436  C  C   . GLY A 1 61  ? 7.938   0.279   16.855  1.00 40.37 ? 66  GLY A C   1 
ATOM   437  O  O   . GLY A 1 61  ? 7.265   0.649   15.893  1.00 39.85 ? 66  GLY A O   1 
ATOM   438  N  N   . TYR A 1 62  ? 7.546   -0.679  17.696  1.00 40.28 ? 67  TYR A N   1 
ATOM   439  C  CA  . TYR A 1 62  ? 6.236   -1.358  17.585  1.00 39.15 ? 67  TYR A CA  1 
ATOM   440  C  C   . TYR A 1 62  ? 5.036   -0.433  17.849  1.00 38.03 ? 67  TYR A C   1 
ATOM   441  O  O   . TYR A 1 62  ? 3.948   -0.645  17.304  1.00 36.71 ? 67  TYR A O   1 
ATOM   442  C  CB  . TYR A 1 62  ? 6.156   -2.560  18.539  1.00 39.47 ? 67  TYR A CB  1 
ATOM   443  C  CG  . TYR A 1 62  ? 7.048   -3.732  18.176  1.00 40.29 ? 67  TYR A CG  1 
ATOM   444  C  CD1 . TYR A 1 62  ? 6.648   -4.671  17.223  1.00 40.42 ? 67  TYR A CD1 1 
ATOM   445  C  CD2 . TYR A 1 62  ? 8.284   -3.919  18.802  1.00 40.62 ? 67  TYR A CD2 1 
ATOM   446  C  CE1 . TYR A 1 62  ? 7.456   -5.753  16.895  1.00 41.12 ? 67  TYR A CE1 1 
ATOM   447  C  CE2 . TYR A 1 62  ? 9.100   -4.999  18.481  1.00 40.67 ? 67  TYR A CE2 1 
ATOM   448  C  CZ  . TYR A 1 62  ? 8.683   -5.913  17.526  1.00 41.38 ? 67  TYR A CZ  1 
ATOM   449  O  OH  . TYR A 1 62  ? 9.487   -6.986  17.202  1.00 41.90 ? 67  TYR A OH  1 
ATOM   450  N  N   . ALA A 1 63  ? 5.229   0.571   18.701  1.00 37.26 ? 68  ALA A N   1 
ATOM   451  C  CA  . ALA A 1 63  ? 4.177   1.546   18.991  1.00 37.14 ? 68  ALA A CA  1 
ATOM   452  C  C   . ALA A 1 63  ? 3.865   2.407   17.776  1.00 36.41 ? 68  ALA A C   1 
ATOM   453  O  O   . ALA A 1 63  ? 2.705   2.738   17.533  1.00 34.80 ? 68  ALA A O   1 
ATOM   454  C  CB  . ALA A 1 63  ? 4.571   2.426   20.168  1.00 36.96 ? 68  ALA A CB  1 
ATOM   455  N  N   . PHE A 1 64  ? 4.904   2.762   17.019  1.00 35.92 ? 69  PHE A N   1 
ATOM   456  C  CA  . PHE A 1 64  ? 4.732   3.557   15.819  1.00 35.83 ? 69  PHE A CA  1 
ATOM   457  C  C   . PHE A 1 64  ? 3.967   2.798   14.737  1.00 35.05 ? 69  PHE A C   1 
ATOM   458  O  O   . PHE A 1 64  ? 3.009   3.333   14.181  1.00 34.64 ? 69  PHE A O   1 
ATOM   459  C  CB  . PHE A 1 64  ? 6.072   4.043   15.265  1.00 37.17 ? 69  PHE A CB  1 
ATOM   460  C  CG  . PHE A 1 64  ? 5.917   4.966   14.098  1.00 38.30 ? 69  PHE A CG  1 
ATOM   461  C  CD1 . PHE A 1 64  ? 5.648   6.315   14.297  1.00 39.02 ? 69  PHE A CD1 1 
ATOM   462  C  CD2 . PHE A 1 64  ? 5.975   4.477   12.797  1.00 38.68 ? 69  PHE A CD2 1 
ATOM   463  C  CE1 . PHE A 1 64  ? 5.472   7.170   13.218  1.00 40.12 ? 69  PHE A CE1 1 
ATOM   464  C  CE2 . PHE A 1 64  ? 5.800   5.322   11.716  1.00 39.40 ? 69  PHE A CE2 1 
ATOM   465  C  CZ  . PHE A 1 64  ? 5.546   6.672   11.924  1.00 40.03 ? 69  PHE A CZ  1 
ATOM   466  N  N   . VAL A 1 65  ? 4.377   1.564   14.448  1.00 34.29 ? 70  VAL A N   1 
ATOM   467  C  CA  . VAL A 1 65  ? 3.731   0.781   13.382  1.00 34.99 ? 70  VAL A CA  1 
ATOM   468  C  C   . VAL A 1 65  ? 2.251   0.477   13.663  1.00 34.19 ? 70  VAL A C   1 
ATOM   469  O  O   . VAL A 1 65  ? 1.413   0.640   12.772  1.00 34.38 ? 70  VAL A O   1 
ATOM   470  C  CB  . VAL A 1 65  ? 4.499   -0.522  13.014  1.00 35.50 ? 70  VAL A CB  1 
ATOM   471  C  CG1 . VAL A 1 65  ? 5.941   -0.203  12.653  1.00 35.84 ? 70  VAL A CG1 1 
ATOM   472  C  CG2 . VAL A 1 65  ? 4.447   -1.565  14.122  1.00 36.34 ? 70  VAL A CG2 1 
ATOM   473  N  N   . TYR A 1 66  ? 1.926   0.073   14.891  1.00 33.92 ? 71  TYR A N   1 
ATOM   474  C  CA  . TYR A 1 66  ? 0.537   -0.263  15.240  1.00 33.78 ? 71  TYR A CA  1 
ATOM   475  C  C   . TYR A 1 66  ? -0.368  0.964   15.290  1.00 32.54 ? 71  TYR A C   1 
ATOM   476  O  O   . TYR A 1 66  ? -1.502  0.915   14.811  1.00 32.20 ? 71  TYR A O   1 
ATOM   477  C  CB  . TYR A 1 66  ? 0.457   -1.051  16.556  1.00 33.87 ? 71  TYR A CB  1 
ATOM   478  C  CG  . TYR A 1 66  ? 1.081   -2.437  16.498  1.00 35.06 ? 71  TYR A CG  1 
ATOM   479  C  CD1 . TYR A 1 66  ? 0.907   -3.272  15.380  1.00 35.75 ? 71  TYR A CD1 1 
ATOM   480  C  CD2 . TYR A 1 66  ? 1.826   -2.930  17.570  1.00 35.49 ? 71  TYR A CD2 1 
ATOM   481  C  CE1 . TYR A 1 66  ? 1.466   -4.538  15.336  1.00 36.27 ? 71  TYR A CE1 1 
ATOM   482  C  CE2 . TYR A 1 66  ? 2.389   -4.198  17.530  1.00 35.99 ? 71  TYR A CE2 1 
ATOM   483  C  CZ  . TYR A 1 66  ? 2.208   -4.996  16.411  1.00 36.75 ? 71  TYR A CZ  1 
ATOM   484  O  OH  . TYR A 1 66  ? 2.765   -6.251  16.358  1.00 38.68 ? 71  TYR A OH  1 
ATOM   485  N  N   . THR A 1 67  ? 0.134   2.060   15.846  1.00 31.57 ? 72  THR A N   1 
ATOM   486  C  CA  . THR A 1 67  ? -0.622  3.314   15.857  1.00 31.25 ? 72  THR A CA  1 
ATOM   487  C  C   . THR A 1 67  ? -0.763  3.890   14.447  1.00 30.88 ? 72  THR A C   1 
ATOM   488  O  O   . THR A 1 67  ? -1.822  4.404   14.092  1.00 30.89 ? 72  THR A O   1 
ATOM   489  C  CB  . THR A 1 67  ? 0.011   4.369   16.788  1.00 31.02 ? 72  THR A CB  1 
ATOM   490  O  OG1 . THR A 1 67  ? 0.306   3.783   18.066  1.00 30.54 ? 72  THR A OG1 1 
ATOM   491  C  CG2 . THR A 1 67  ? -0.938  5.529   16.989  1.00 30.90 ? 72  THR A CG2 1 
ATOM   492  N  N   . PHE A 1 68  ? 0.304   3.798   13.653  1.00 31.26 ? 73  PHE A N   1 
ATOM   493  C  CA  . PHE A 1 68  ? 0.262   4.183   12.238  1.00 31.48 ? 73  PHE A CA  1 
ATOM   494  C  C   . PHE A 1 68  ? -0.782  3.362   11.473  1.00 30.43 ? 73  PHE A C   1 
ATOM   495  O  O   . PHE A 1 68  ? -1.586  3.924   10.722  1.00 30.21 ? 73  PHE A O   1 
ATOM   496  C  CB  . PHE A 1 68  ? 1.652   4.021   11.599  1.00 32.39 ? 73  PHE A CB  1 
ATOM   497  C  CG  . PHE A 1 68  ? 1.704   4.366   10.134  1.00 32.99 ? 73  PHE A CG  1 
ATOM   498  C  CD1 . PHE A 1 68  ? 1.351   3.427   9.167   1.00 32.86 ? 73  PHE A CD1 1 
ATOM   499  C  CD2 . PHE A 1 68  ? 2.128   5.622   9.718   1.00 34.05 ? 73  PHE A CD2 1 
ATOM   500  C  CE1 . PHE A 1 68  ? 1.406   3.739   7.818   1.00 33.18 ? 73  PHE A CE1 1 
ATOM   501  C  CE2 . PHE A 1 68  ? 2.186   5.939   8.368   1.00 34.44 ? 73  PHE A CE2 1 
ATOM   502  C  CZ  . PHE A 1 68  ? 1.823   4.996   7.418   1.00 33.73 ? 73  PHE A CZ  1 
ATOM   503  N  N   . ALA A 1 69  ? -0.764  2.043   11.664  1.00 29.43 ? 74  ALA A N   1 
ATOM   504  C  CA  . ALA A 1 69  ? -1.728  1.141   11.006  1.00 29.25 ? 74  ALA A CA  1 
ATOM   505  C  C   . ALA A 1 69  ? -3.184  1.511   11.308  1.00 30.09 ? 74  ALA A C   1 
ATOM   506  O  O   . ALA A 1 69  ? -4.036  1.479   10.415  1.00 29.60 ? 74  ALA A O   1 
ATOM   507  C  CB  . ALA A 1 69  ? -1.462  -0.298  11.409  1.00 28.71 ? 74  ALA A CB  1 
ATOM   508  N  N   . PHE A 1 70  ? -3.448  1.873   12.565  1.00 31.33 ? 75  PHE A N   1 
ATOM   509  C  CA  . PHE A 1 70  ? -4.779  2.277   13.017  1.00 32.45 ? 75  PHE A CA  1 
ATOM   510  C  C   . PHE A 1 70  ? -5.260  3.565   12.358  1.00 32.82 ? 75  PHE A C   1 
ATOM   511  O  O   . PHE A 1 70  ? -6.363  3.621   11.809  1.00 32.56 ? 75  PHE A O   1 
ATOM   512  C  CB  . PHE A 1 70  ? -4.788  2.467   14.532  1.00 33.35 ? 75  PHE A CB  1 
ATOM   513  C  CG  . PHE A 1 70  ? -6.150  2.752   15.087  1.00 34.56 ? 75  PHE A CG  1 
ATOM   514  C  CD1 . PHE A 1 70  ? -7.108  1.745   15.157  1.00 35.42 ? 75  PHE A CD1 1 
ATOM   515  C  CD2 . PHE A 1 70  ? -6.482  4.023   15.521  1.00 34.50 ? 75  PHE A CD2 1 
ATOM   516  C  CE1 . PHE A 1 70  ? -8.376  2.006   15.658  1.00 35.36 ? 75  PHE A CE1 1 
ATOM   517  C  CE2 . PHE A 1 70  ? -7.741  4.289   16.023  1.00 34.86 ? 75  PHE A CE2 1 
ATOM   518  C  CZ  . PHE A 1 70  ? -8.691  3.283   16.094  1.00 35.30 ? 75  PHE A CZ  1 
ATOM   519  N  N   . VAL A 1 71  ? -4.417  4.593   12.423  1.00 33.42 ? 76  VAL A N   1 
ATOM   520  C  CA  . VAL A 1 71  ? -4.732  5.911   11.865  1.00 33.20 ? 76  VAL A CA  1 
ATOM   521  C  C   . VAL A 1 71  ? -4.886  5.841   10.347  1.00 33.42 ? 76  VAL A C   1 
ATOM   522  O  O   . VAL A 1 71  ? -5.837  6.399   9.807   1.00 34.08 ? 76  VAL A O   1 
ATOM   523  C  CB  . VAL A 1 71  ? -3.661  6.958   12.249  1.00 33.52 ? 76  VAL A CB  1 
ATOM   524  C  CG1 . VAL A 1 71  ? -3.850  8.268   11.485  1.00 34.10 ? 76  VAL A CG1 1 
ATOM   525  C  CG2 . VAL A 1 71  ? -3.697  7.214   13.749  1.00 33.94 ? 76  VAL A CG2 1 
ATOM   526  N  N   . SER A 1 72  ? -3.964  5.157   9.668   1.00 33.47 ? 77  SER A N   1 
ATOM   527  C  CA  . SER A 1 72  ? -4.044  5.008   8.211   1.00 34.07 ? 77  SER A CA  1 
ATOM   528  C  C   . SER A 1 72  ? -5.343  4.312   7.798   1.00 34.42 ? 77  SER A C   1 
ATOM   529  O  O   . SER A 1 72  ? -5.969  4.712   6.816   1.00 34.96 ? 77  SER A O   1 
ATOM   530  C  CB  . SER A 1 72  ? -2.826  4.265   7.648   1.00 34.20 ? 77  SER A CB  1 
ATOM   531  O  OG  . SER A 1 72  ? -2.835  2.900   8.013   1.00 34.51 ? 77  SER A OG  1 
ATOM   532  N  N   . GLY A 1 73  ? -5.746  3.297   8.565   1.00 34.91 ? 78  GLY A N   1 
ATOM   533  C  CA  . GLY A 1 73  ? -7.045  2.636   8.395   1.00 34.71 ? 78  GLY A CA  1 
ATOM   534  C  C   . GLY A 1 73  ? -8.228  3.591   8.377   1.00 35.72 ? 78  GLY A C   1 
ATOM   535  O  O   . GLY A 1 73  ? -9.094  3.485   7.507   1.00 34.99 ? 78  GLY A O   1 
ATOM   536  N  N   . ILE A 1 74  ? -8.250  4.537   9.320   1.00 37.14 ? 79  ILE A N   1 
ATOM   537  C  CA  . ILE A 1 74  ? -9.286  5.587   9.375   1.00 37.94 ? 79  ILE A CA  1 
ATOM   538  C  C   . ILE A 1 74  ? -9.275  6.462   8.109   1.00 39.05 ? 79  ILE A C   1 
ATOM   539  O  O   . ILE A 1 74  ? -10.329 6.708   7.514   1.00 39.17 ? 79  ILE A O   1 
ATOM   540  C  CB  . ILE A 1 74  ? -9.142  6.466   10.652  1.00 38.24 ? 79  ILE A CB  1 
ATOM   541  C  CG1 . ILE A 1 74  ? -9.478  5.638   11.900  1.00 37.57 ? 79  ILE A CG1 1 
ATOM   542  C  CG2 . ILE A 1 74  ? -10.044 7.702   10.592  1.00 38.10 ? 79  ILE A CG2 1 
ATOM   543  C  CD1 . ILE A 1 74  ? -8.999  6.252   13.191  1.00 37.89 ? 79  ILE A CD1 1 
ATOM   544  N  N   . THR A 1 75  ? -8.086  6.895   7.688   1.00 39.41 ? 80  THR A N   1 
ATOM   545  C  CA  . THR A 1 75  ? -7.932  7.739   6.489   1.00 39.82 ? 80  THR A CA  1 
ATOM   546  C  C   . THR A 1 75  ? -8.078  6.976   5.153   1.00 40.37 ? 80  THR A C   1 
ATOM   547  O  O   . THR A 1 75  ? -7.931  7.575   4.083   1.00 41.46 ? 80  THR A O   1 
ATOM   548  C  CB  . THR A 1 75  ? -6.566  8.470   6.479   1.00 39.74 ? 80  THR A CB  1 
ATOM   549  O  OG1 . THR A 1 75  ? -5.509  7.510   6.385   1.00 41.11 ? 80  THR A OG1 1 
ATOM   550  C  CG2 . THR A 1 75  ? -6.372  9.311   7.735   1.00 39.76 ? 80  THR A CG2 1 
ATOM   551  N  N   . LEU A 1 76  ? -8.344  5.669   5.211   1.00 40.15 ? 81  LEU A N   1 
ATOM   552  C  CA  . LEU A 1 76  ? -8.600  4.851   4.026   1.00 40.33 ? 81  LEU A CA  1 
ATOM   553  C  C   . LEU A 1 76  ? -10.093 4.778   3.651   1.00 40.30 ? 81  LEU A C   1 
ATOM   554  O  O   . LEU A 1 76  ? -10.415 4.528   2.481   1.00 40.39 ? 81  LEU A O   1 
ATOM   555  C  CB  . LEU A 1 76  ? -8.035  3.439   4.247   1.00 40.74 ? 81  LEU A CB  1 
ATOM   556  C  CG  . LEU A 1 76  ? -8.042  2.444   3.082   1.00 41.58 ? 81  LEU A CG  1 
ATOM   557  C  CD1 . LEU A 1 76  ? -7.293  2.964   1.863   1.00 41.62 ? 81  LEU A CD1 1 
ATOM   558  C  CD2 . LEU A 1 76  ? -7.453  1.123   3.545   1.00 42.01 ? 81  LEU A CD2 1 
ATOM   559  N  N   . PHE A 1 77  ? -10.994 4.987   4.620   1.00 39.55 ? 82  PHE A N   1 
ATOM   560  C  CA  . PHE A 1 77  ? -12.442 4.880   4.364   1.00 39.11 ? 82  PHE A CA  1 
ATOM   561  C  C   . PHE A 1 77  ? -12.975 5.867   3.321   1.00 38.24 ? 82  PHE A C   1 
ATOM   562  O  O   . PHE A 1 77  ? -13.802 5.475   2.497   1.00 37.55 ? 82  PHE A O   1 
ATOM   563  C  CB  . PHE A 1 77  ? -13.285 4.993   5.650   1.00 39.15 ? 82  PHE A CB  1 
ATOM   564  C  CG  . PHE A 1 77  ? -14.742 4.675   5.433   1.00 38.66 ? 82  PHE A CG  1 
ATOM   565  C  CD1 . PHE A 1 77  ? -15.200 3.365   5.517   1.00 38.89 ? 82  PHE A CD1 1 
ATOM   566  C  CD2 . PHE A 1 77  ? -15.645 5.676   5.094   1.00 39.30 ? 82  PHE A CD2 1 
ATOM   567  C  CE1 . PHE A 1 77  ? -16.531 3.061   5.291   1.00 39.12 ? 82  PHE A CE1 1 
ATOM   568  C  CE2 . PHE A 1 77  ? -16.980 5.379   4.861   1.00 39.89 ? 82  PHE A CE2 1 
ATOM   569  C  CZ  . PHE A 1 77  ? -17.425 4.069   4.965   1.00 39.98 ? 82  PHE A CZ  1 
ATOM   570  N  N   . PRO A 1 78  ? -12.534 7.142   3.365   1.00 38.01 ? 83  PRO A N   1 
ATOM   571  C  CA  . PRO A 1 78  ? -12.952 8.104   2.330   1.00 38.07 ? 83  PRO A CA  1 
ATOM   572  C  C   . PRO A 1 78  ? -12.700 7.642   0.889   1.00 37.89 ? 83  PRO A C   1 
ATOM   573  O  O   . PRO A 1 78  ? -13.529 7.900   0.007   1.00 38.02 ? 83  PRO A O   1 
ATOM   574  C  CB  . PRO A 1 78  ? -12.106 9.342   2.643   1.00 38.19 ? 83  PRO A CB  1 
ATOM   575  C  CG  . PRO A 1 78  ? -11.861 9.260   4.105   1.00 39.04 ? 83  PRO A CG  1 
ATOM   576  C  CD  . PRO A 1 78  ? -11.711 7.794   4.402   1.00 38.64 ? 83  PRO A CD  1 
ATOM   577  N  N   . ILE A 1 79  ? -11.570 6.966   0.673   1.00 36.85 ? 84  ILE A N   1 
ATOM   578  C  CA  . ILE A 1 79  ? -11.193 6.447   -0.640  1.00 36.14 ? 84  ILE A CA  1 
ATOM   579  C  C   . ILE A 1 79  ? -12.054 5.227   -0.965  1.00 35.43 ? 84  ILE A C   1 
ATOM   580  O  O   . ILE A 1 79  ? -12.537 5.092   -2.088  1.00 34.78 ? 84  ILE A O   1 
ATOM   581  C  CB  . ILE A 1 79  ? -9.691  6.059   -0.694  1.00 36.76 ? 84  ILE A CB  1 
ATOM   582  C  CG1 . ILE A 1 79  ? -8.793  7.274   -0.408  1.00 36.92 ? 84  ILE A CG1 1 
ATOM   583  C  CG2 . ILE A 1 79  ? -9.329  5.462   -2.053  1.00 37.11 ? 84  ILE A CG2 1 
ATOM   584  C  CD1 . ILE A 1 79  ? -7.406  6.907   0.081   1.00 37.11 ? 84  ILE A CD1 1 
ATOM   585  N  N   . VAL A 1 80  ? -12.229 4.347   0.022   1.00 34.82 ? 85  VAL A N   1 
ATOM   586  C  CA  . VAL A 1 80  ? -13.054 3.140   -0.125  1.00 34.32 ? 85  VAL A CA  1 
ATOM   587  C  C   . VAL A 1 80  ? -14.495 3.509   -0.477  1.00 33.95 ? 85  VAL A C   1 
ATOM   588  O  O   . VAL A 1 80  ? -15.068 2.950   -1.422  1.00 33.75 ? 85  VAL A O   1 
ATOM   589  C  CB  . VAL A 1 80  ? -13.015 2.260   1.154   1.00 34.34 ? 85  VAL A CB  1 
ATOM   590  C  CG1 . VAL A 1 80  ? -14.097 1.183   1.142   1.00 34.55 ? 85  VAL A CG1 1 
ATOM   591  C  CG2 . VAL A 1 80  ? -11.647 1.614   1.305   1.00 34.39 ? 85  VAL A CG2 1 
ATOM   592  N  N   . SER A 1 81  ? -15.067 4.446   0.278   1.00 32.92 ? 86  SER A N   1 
ATOM   593  C  CA  . SER A 1 81  ? -16.444 4.879   0.048   1.00 32.47 ? 86  SER A CA  1 
ATOM   594  C  C   . SER A 1 81  ? -16.604 5.602   -1.291  1.00 31.34 ? 86  SER A C   1 
ATOM   595  O  O   . SER A 1 81  ? -17.632 5.432   -1.951  1.00 29.81 ? 86  SER A O   1 
ATOM   596  C  CB  . SER A 1 81  ? -16.966 5.740   1.210   1.00 32.65 ? 86  SER A CB  1 
ATOM   597  O  OG  . SER A 1 81  ? -16.049 6.756   1.568   1.00 33.86 ? 86  SER A OG  1 
ATOM   598  N  N   . HIS A 1 82  ? -15.594 6.377   -1.701  1.00 30.99 ? 87  HIS A N   1 
ATOM   599  C  CA  . HIS A 1 82  ? -15.639 7.076   -2.991  1.00 30.89 ? 87  HIS A CA  1 
ATOM   600  C  C   . HIS A 1 82  ? -15.819 6.106   -4.160  1.00 30.85 ? 87  HIS A C   1 
ATOM   601  O  O   . HIS A 1 82  ? -16.810 6.189   -4.895  1.00 31.09 ? 87  HIS A O   1 
ATOM   602  C  CB  . HIS A 1 82  ? -14.385 7.924   -3.225  1.00 31.43 ? 87  HIS A CB  1 
ATOM   603  C  CG  . HIS A 1 82  ? -14.371 8.620   -4.556  1.00 31.82 ? 87  HIS A CG  1 
ATOM   604  N  ND1 . HIS A 1 82  ? -15.094 9.766   -4.807  1.00 32.67 ? 87  HIS A ND1 1 
ATOM   605  C  CD2 . HIS A 1 82  ? -13.752 8.308   -5.718  1.00 31.43 ? 87  HIS A CD2 1 
ATOM   606  C  CE1 . HIS A 1 82  ? -14.908 10.141  -6.058  1.00 31.63 ? 87  HIS A CE1 1 
ATOM   607  N  NE2 . HIS A 1 82  ? -14.098 9.272   -6.634  1.00 31.57 ? 87  HIS A NE2 1 
ATOM   608  N  N   . TYR A 1 83  ? -14.870 5.186   -4.316  1.00 30.48 ? 88  TYR A N   1 
ATOM   609  C  CA  . TYR A 1 83  ? -14.884 4.250   -5.451  1.00 31.05 ? 88  TYR A CA  1 
ATOM   610  C  C   . TYR A 1 83  ? -16.006 3.197   -5.388  1.00 30.46 ? 88  TYR A C   1 
ATOM   611  O  O   . TYR A 1 83  ? -16.414 2.680   -6.428  1.00 30.24 ? 88  TYR A O   1 
ATOM   612  C  CB  . TYR A 1 83  ? -13.496 3.618   -5.656  1.00 31.29 ? 88  TYR A CB  1 
ATOM   613  C  CG  . TYR A 1 83  ? -12.481 4.653   -6.099  1.00 31.96 ? 88  TYR A CG  1 
ATOM   614  C  CD1 . TYR A 1 83  ? -12.546 5.214   -7.376  1.00 32.61 ? 88  TYR A CD1 1 
ATOM   615  C  CD2 . TYR A 1 83  ? -11.481 5.108   -5.232  1.00 32.51 ? 88  TYR A CD2 1 
ATOM   616  C  CE1 . TYR A 1 83  ? -11.637 6.183   -7.785  1.00 33.08 ? 88  TYR A CE1 1 
ATOM   617  C  CE2 . TYR A 1 83  ? -10.567 6.074   -5.632  1.00 32.76 ? 88  TYR A CE2 1 
ATOM   618  C  CZ  . TYR A 1 83  ? -10.646 6.605   -6.911  1.00 33.11 ? 88  TYR A CZ  1 
ATOM   619  O  OH  . TYR A 1 83  ? -9.755  7.566   -7.318  1.00 33.67 ? 88  TYR A OH  1 
ATOM   620  N  N   . ALA A 1 84  ? -16.513 2.911   -4.187  1.00 30.64 ? 89  ALA A N   1 
ATOM   621  C  CA  . ALA A 1 84  ? -17.712 2.076   -4.017  1.00 31.32 ? 89  ALA A CA  1 
ATOM   622  C  C   . ALA A 1 84  ? -18.987 2.794   -4.476  1.00 32.18 ? 89  ALA A C   1 
ATOM   623  O  O   . ALA A 1 84  ? -19.873 2.169   -5.062  1.00 32.35 ? 89  ALA A O   1 
ATOM   624  C  CB  . ALA A 1 84  ? -17.857 1.621   -2.572  1.00 31.16 ? 89  ALA A CB  1 
ATOM   625  N  N   . SER A 1 85  ? -19.077 4.099   -4.217  1.00 33.29 ? 90  SER A N   1 
ATOM   626  C  CA  . SER A 1 85  ? -20.240 4.901   -4.631  1.00 33.70 ? 90  SER A CA  1 
ATOM   627  C  C   . SER A 1 85  ? -20.325 5.089   -6.149  1.00 34.09 ? 90  SER A C   1 
ATOM   628  O  O   . SER A 1 85  ? -21.401 4.940   -6.721  1.00 31.98 ? 90  SER A O   1 
ATOM   629  C  CB  . SER A 1 85  ? -20.226 6.273   -3.956  1.00 33.42 ? 90  SER A CB  1 
ATOM   630  O  OG  . SER A 1 85  ? -20.066 6.141   -2.561  1.00 34.15 ? 90  SER A OG  1 
ATOM   631  N  N   . ILE A 1 86  ? -19.200 5.415   -6.792  1.00 35.34 ? 91  ILE A N   1 
ATOM   632  C  CA  . ILE A 1 86  ? -19.195 5.685   -8.245  1.00 36.36 ? 91  ILE A CA  1 
ATOM   633  C  C   . ILE A 1 86  ? -19.339 4.438   -9.128  1.00 36.67 ? 91  ILE A C   1 
ATOM   634  O  O   . ILE A 1 86  ? -19.686 4.569   -10.301 1.00 36.98 ? 91  ILE A O   1 
ATOM   635  C  CB  . ILE A 1 86  ? -17.965 6.520   -8.720  1.00 36.43 ? 91  ILE A CB  1 
ATOM   636  C  CG1 . ILE A 1 86  ? -16.650 5.724   -8.659  1.00 36.95 ? 91  ILE A CG1 1 
ATOM   637  C  CG2 . ILE A 1 86  ? -17.848 7.810   -7.916  1.00 36.64 ? 91  ILE A CG2 1 
ATOM   638  C  CD1 . ILE A 1 86  ? -15.473 6.448   -9.282  1.00 36.78 ? 91  ILE A CD1 1 
ATOM   639  N  N   . ALA A 1 87  ? -19.071 3.245   -8.585  1.00 37.59 ? 92  ALA A N   1 
ATOM   640  C  CA  . ALA A 1 87  ? -19.048 2.019   -9.400  1.00 37.81 ? 92  ALA A CA  1 
ATOM   641  C  C   . ALA A 1 87  ? -19.581 0.741   -8.728  1.00 38.18 ? 92  ALA A C   1 
ATOM   642  O  O   . ALA A 1 87  ? -19.267 -0.370  -9.179  1.00 40.11 ? 92  ALA A O   1 
ATOM   643  C  CB  . ALA A 1 87  ? -17.628 1.792   -9.891  1.00 37.72 ? 92  ALA A CB  1 
ATOM   644  N  N   . GLY A 1 88  ? -20.385 0.883   -7.675  1.00 37.05 ? 93  GLY A N   1 
ATOM   645  C  CA  . GLY A 1 88  ? -20.888 -0.267  -6.922  1.00 37.13 ? 93  GLY A CA  1 
ATOM   646  C  C   . GLY A 1 88  ? -19.891 -0.831  -5.919  1.00 37.48 ? 93  GLY A C   1 
ATOM   647  O  O   . GLY A 1 88  ? -18.678 -0.737  -6.110  1.00 37.02 ? 93  GLY A O   1 
ATOM   648  N  N   . ALA A 1 89  ? -20.418 -1.425  -4.850  1.00 37.71 ? 94  ALA A N   1 
ATOM   649  C  CA  . ALA A 1 89  ? -19.604 -1.996  -3.770  1.00 37.96 ? 94  ALA A CA  1 
ATOM   650  C  C   . ALA A 1 89  ? -18.743 -3.206  -4.183  1.00 38.57 ? 94  ALA A C   1 
ATOM   651  O  O   . ALA A 1 89  ? -17.777 -3.530  -3.493  1.00 38.15 ? 94  ALA A O   1 
ATOM   652  C  CB  . ALA A 1 89  ? -20.494 -2.373  -2.596  1.00 37.30 ? 94  ALA A CB  1 
ATOM   653  N  N   . TYR A 1 90  ? -19.094 -3.871  -5.286  1.00 39.39 ? 95  TYR A N   1 
ATOM   654  C  CA  . TYR A 1 90  ? -18.353 -5.053  -5.763  1.00 40.79 ? 95  TYR A CA  1 
ATOM   655  C  C   . TYR A 1 90  ? -16.880 -4.788  -6.115  1.00 39.00 ? 95  TYR A C   1 
ATOM   656  O  O   . TYR A 1 90  ? -16.060 -5.704  -6.032  1.00 37.75 ? 95  TYR A O   1 
ATOM   657  C  CB  . TYR A 1 90  ? -19.088 -5.738  -6.937  1.00 42.65 ? 95  TYR A CB  1 
ATOM   658  C  CG  . TYR A 1 90  ? -19.114 -4.974  -8.255  1.00 45.69 ? 95  TYR A CG  1 
ATOM   659  C  CD1 . TYR A 1 90  ? -18.097 -5.137  -9.200  1.00 48.09 ? 95  TYR A CD1 1 
ATOM   660  C  CD2 . TYR A 1 90  ? -20.175 -4.118  -8.574  1.00 47.82 ? 95  TYR A CD2 1 
ATOM   661  C  CE1 . TYR A 1 90  ? -18.121 -4.455  -10.412 1.00 49.25 ? 95  TYR A CE1 1 
ATOM   662  C  CE2 . TYR A 1 90  ? -20.207 -3.428  -9.780  1.00 49.04 ? 95  TYR A CE2 1 
ATOM   663  C  CZ  . TYR A 1 90  ? -19.181 -3.600  -10.697 1.00 50.67 ? 95  TYR A CZ  1 
ATOM   664  O  OH  . TYR A 1 90  ? -19.212 -2.922  -11.896 1.00 53.11 ? 95  TYR A OH  1 
ATOM   665  N  N   . VAL A 1 91  ? -16.555 -3.550  -6.502  1.00 38.31 ? 96  VAL A N   1 
ATOM   666  C  CA  . VAL A 1 91  ? -15.161 -3.151  -6.782  1.00 37.45 ? 96  VAL A CA  1 
ATOM   667  C  C   . VAL A 1 91  ? -14.232 -3.187  -5.556  1.00 36.85 ? 96  VAL A C   1 
ATOM   668  O  O   . VAL A 1 91  ? -13.026 -3.378  -5.710  1.00 36.05 ? 96  VAL A O   1 
ATOM   669  C  CB  . VAL A 1 91  ? -15.052 -1.752  -7.451  1.00 37.15 ? 96  VAL A CB  1 
ATOM   670  C  CG1 . VAL A 1 91  ? -15.842 -1.703  -8.756  1.00 36.61 ? 96  VAL A CG1 1 
ATOM   671  C  CG2 . VAL A 1 91  ? -15.460 -0.633  -6.495  1.00 36.88 ? 96  VAL A CG2 1 
ATOM   672  N  N   . VAL A 1 92  ? -14.785 -3.000  -4.355  1.00 36.80 ? 97  VAL A N   1 
ATOM   673  C  CA  . VAL A 1 92  ? -13.999 -3.099  -3.110  1.00 36.71 ? 97  VAL A CA  1 
ATOM   674  C  C   . VAL A 1 92  ? -13.584 -4.551  -2.846  1.00 36.00 ? 97  VAL A C   1 
ATOM   675  O  O   . VAL A 1 92  ? -12.472 -4.801  -2.371  1.00 35.30 ? 97  VAL A O   1 
ATOM   676  C  CB  . VAL A 1 92  ? -14.761 -2.536  -1.881  1.00 37.31 ? 97  VAL A CB  1 
ATOM   677  C  CG1 . VAL A 1 92  ? -13.949 -2.719  -0.598  1.00 37.80 ? 97  VAL A CG1 1 
ATOM   678  C  CG2 . VAL A 1 92  ? -15.090 -1.059  -2.075  1.00 37.38 ? 97  VAL A CG2 1 
ATOM   679  N  N   . LEU A 1 93  ? -14.479 -5.494  -3.149  1.00 35.00 ? 98  LEU A N   1 
ATOM   680  C  CA  . LEU A 1 93  ? -14.188 -6.922  -2.998  1.00 34.78 ? 98  LEU A CA  1 
ATOM   681  C  C   . LEU A 1 93  ? -13.213 -7.410  -4.076  1.00 34.50 ? 98  LEU A C   1 
ATOM   682  O  O   . LEU A 1 93  ? -12.260 -8.138  -3.774  1.00 32.76 ? 98  LEU A O   1 
ATOM   683  C  CB  . LEU A 1 93  ? -15.484 -7.738  -3.043  1.00 34.67 ? 98  LEU A CB  1 
ATOM   684  C  CG  . LEU A 1 93  ? -15.367 -9.240  -2.788  1.00 34.61 ? 98  LEU A CG  1 
ATOM   685  C  CD1 . LEU A 1 93  ? -14.906 -9.515  -1.366  1.00 35.04 ? 98  LEU A CD1 1 
ATOM   686  C  CD2 . LEU A 1 93  ? -16.696 -9.916  -3.077  1.00 35.26 ? 98  LEU A CD2 1 
ATOM   687  N  N   . GLU A 1 94  ? -13.465 -7.014  -5.322  1.00 34.84 ? 99  GLU A N   1 
ATOM   688  C  CA  . GLU A 1 94  ? -12.526 -7.247  -6.432  1.00 36.55 ? 99  GLU A CA  1 
ATOM   689  C  C   . GLU A 1 94  ? -11.120 -6.736  -6.118  1.00 35.99 ? 99  GLU A C   1 
ATOM   690  O  O   . GLU A 1 94  ? -10.135 -7.454  -6.315  1.00 35.60 ? 99  GLU A O   1 
ATOM   691  C  CB  . GLU A 1 94  ? -13.035 -6.588  -7.719  1.00 38.12 ? 99  GLU A CB  1 
ATOM   692  C  CG  . GLU A 1 94  ? -14.188 -7.335  -8.381  1.00 40.33 ? 99  GLU A CG  1 
ATOM   693  C  CD  . GLU A 1 94  ? -14.737 -6.630  -9.612  1.00 42.89 ? 99  GLU A CD  1 
ATOM   694  O  OE1 . GLU A 1 94  ? -14.828 -5.383  -9.604  1.00 43.49 ? 99  GLU A OE1 1 
ATOM   695  O  OE2 . GLU A 1 94  ? -15.095 -7.326  -10.592 1.00 46.18 ? 99  GLU A OE2 1 
ATOM   696  N  N   . ALA A 1 95  ? -11.041 -5.507  -5.613  1.00 36.23 ? 100 ALA A N   1 
ATOM   697  C  CA  . ALA A 1 95  ? -9.757  -4.884  -5.278  1.00 36.88 ? 100 ALA A CA  1 
ATOM   698  C  C   . ALA A 1 95  ? -9.049  -5.613  -4.143  1.00 37.66 ? 100 ALA A C   1 
ATOM   699  O  O   . ALA A 1 95  ? -7.848  -5.878  -4.234  1.00 38.32 ? 100 ALA A O   1 
ATOM   700  C  CB  . ALA A 1 95  ? -9.943  -3.417  -4.919  1.00 36.75 ? 100 ALA A CB  1 
ATOM   701  N  N   . PHE A 1 96  ? -9.792  -5.945  -3.087  1.00 37.59 ? 101 PHE A N   1 
ATOM   702  C  CA  . PHE A 1 96  ? -9.207  -6.640  -1.938  1.00 38.04 ? 101 PHE A CA  1 
ATOM   703  C  C   . PHE A 1 96  ? -8.781  -8.061  -2.301  1.00 37.10 ? 101 PHE A C   1 
ATOM   704  O  O   . PHE A 1 96  ? -7.673  -8.476  -1.969  1.00 36.99 ? 101 PHE A O   1 
ATOM   705  C  CB  . PHE A 1 96  ? -10.166 -6.669  -0.746  1.00 39.07 ? 101 PHE A CB  1 
ATOM   706  C  CG  . PHE A 1 96  ? -9.502  -7.078  0.535   1.00 40.37 ? 101 PHE A CG  1 
ATOM   707  C  CD1 . PHE A 1 96  ? -8.846  -6.134  1.320   1.00 40.93 ? 101 PHE A CD1 1 
ATOM   708  C  CD2 . PHE A 1 96  ? -9.495  -8.413  0.942   1.00 41.16 ? 101 PHE A CD2 1 
ATOM   709  C  CE1 . PHE A 1 96  ? -8.214  -6.509  2.498   1.00 41.57 ? 101 PHE A CE1 1 
ATOM   710  C  CE2 . PHE A 1 96  ? -8.860  -8.796  2.116   1.00 41.32 ? 101 PHE A CE2 1 
ATOM   711  C  CZ  . PHE A 1 96  ? -8.221  -7.841  2.897   1.00 42.00 ? 101 PHE A CZ  1 
ATOM   712  N  N   . GLY A 1 97  ? -9.669  -8.790  -2.977  1.00 37.05 ? 102 GLY A N   1 
ATOM   713  C  CA  . GLY A 1 97  ? -9.374  -10.128 -3.493  1.00 36.34 ? 102 GLY A CA  1 
ATOM   714  C  C   . GLY A 1 97  ? -8.143  -10.169 -4.388  1.00 35.55 ? 102 GLY A C   1 
ATOM   715  O  O   . GLY A 1 97  ? -7.248  -10.975 -4.165  1.00 35.62 ? 102 GLY A O   1 
ATOM   716  N  N   . SER A 1 98  ? -8.084  -9.287  -5.384  1.00 34.98 ? 103 SER A N   1 
ATOM   717  C  CA  . SER A 1 98  ? -6.909  -9.201  -6.268  1.00 34.94 ? 103 SER A CA  1 
ATOM   718  C  C   . SER A 1 98  ? -5.613  -8.849  -5.516  1.00 34.72 ? 103 SER A C   1 
ATOM   719  O  O   . SER A 1 98  ? -4.558  -9.388  -5.835  1.00 33.89 ? 103 SER A O   1 
ATOM   720  C  CB  . SER A 1 98  ? -7.149  -8.206  -7.404  1.00 34.45 ? 103 SER A CB  1 
ATOM   721  O  OG  . SER A 1 98  ? -8.182  -8.661  -8.256  1.00 34.66 ? 103 SER A OG  1 
ATOM   722  N  N   . THR A 1 99  ? -5.696  -7.964  -4.520  1.00 34.73 ? 104 THR A N   1 
ATOM   723  C  CA  . THR A 1 99  ? -4.538  -7.647  -3.665  1.00 35.61 ? 104 THR A CA  1 
ATOM   724  C  C   . THR A 1 99  ? -4.047  -8.870  -2.880  1.00 36.91 ? 104 THR A C   1 
ATOM   725  O  O   . THR A 1 99  ? -2.841  -9.104  -2.767  1.00 35.63 ? 104 THR A O   1 
ATOM   726  C  CB  . THR A 1 99  ? -4.856  -6.524  -2.652  1.00 35.24 ? 104 THR A CB  1 
ATOM   727  O  OG1 . THR A 1 99  ? -5.415  -5.397  -3.331  1.00 36.19 ? 104 THR A OG1 1 
ATOM   728  C  CG2 . THR A 1 99  ? -3.599  -6.073  -1.913  1.00 34.86 ? 104 THR A CG2 1 
ATOM   729  N  N   . PHE A 1 100 ? -4.997  -9.639  -2.352  1.00 38.87 ? 105 PHE A N   1 
ATOM   730  C  CA  . PHE A 1 100 ? -4.711  -10.780 -1.484  1.00 41.11 ? 105 PHE A CA  1 
ATOM   731  C  C   . PHE A 1 100 ? -4.006  -11.919 -2.232  1.00 40.11 ? 105 PHE A C   1 
ATOM   732  O  O   . PHE A 1 100 ? -3.049  -12.495 -1.710  1.00 40.71 ? 105 PHE A O   1 
ATOM   733  C  CB  . PHE A 1 100 ? -6.026  -11.247 -0.817  1.00 43.94 ? 105 PHE A CB  1 
ATOM   734  C  CG  . PHE A 1 100 ? -5.867  -12.287 0.275   1.00 47.59 ? 105 PHE A CG  1 
ATOM   735  C  CD1 . PHE A 1 100 ? -4.718  -12.375 1.071   1.00 49.70 ? 105 PHE A CD1 1 
ATOM   736  C  CD2 . PHE A 1 100 ? -6.925  -13.159 0.545   1.00 49.99 ? 105 PHE A CD2 1 
ATOM   737  C  CE1 . PHE A 1 100 ? -4.618  -13.336 2.072   1.00 51.67 ? 105 PHE A CE1 1 
ATOM   738  C  CE2 . PHE A 1 100 ? -6.830  -14.115 1.548   1.00 50.97 ? 105 PHE A CE2 1 
ATOM   739  C  CZ  . PHE A 1 100 ? -5.676  -14.205 2.313   1.00 52.30 ? 105 PHE A CZ  1 
ATOM   740  N  N   . VAL A 1 101 ? -4.452  -12.221 -3.453  1.00 39.44 ? 106 VAL A N   1 
ATOM   741  C  CA  . VAL A 1 101 ? -3.815  -13.279 -4.261  1.00 39.03 ? 106 VAL A CA  1 
ATOM   742  C  C   . VAL A 1 101 ? -2.459  -12.831 -4.825  1.00 38.47 ? 106 VAL A C   1 
ATOM   743  O  O   . VAL A 1 101 ? -1.522  -13.629 -4.879  1.00 38.59 ? 106 VAL A O   1 
ATOM   744  C  CB  . VAL A 1 101 ? -4.731  -13.828 -5.391  1.00 39.04 ? 106 VAL A CB  1 
ATOM   745  C  CG1 . VAL A 1 101 ? -6.096  -14.225 -4.842  1.00 38.92 ? 106 VAL A CG1 1 
ATOM   746  C  CG2 . VAL A 1 101 ? -4.891  -12.843 -6.535  1.00 39.59 ? 106 VAL A CG2 1 
ATOM   747  N  N   . ILE A 1 102 ? -2.352  -11.568 -5.237  1.00 37.25 ? 107 ILE A N   1 
ATOM   748  C  CA  . ILE A 1 102 ? -1.074  -11.012 -5.675  1.00 37.81 ? 107 ILE A CA  1 
ATOM   749  C  C   . ILE A 1 102 ? -0.046  -11.075 -4.537  1.00 38.72 ? 107 ILE A C   1 
ATOM   750  O  O   . ILE A 1 102 ? 1.086   -11.514 -4.750  1.00 38.29 ? 107 ILE A O   1 
ATOM   751  C  CB  . ILE A 1 102 ? -1.229  -9.565  -6.211  1.00 37.80 ? 107 ILE A CB  1 
ATOM   752  C  CG1 . ILE A 1 102 ? -1.954  -9.582  -7.561  1.00 38.30 ? 107 ILE A CG1 1 
ATOM   753  C  CG2 . ILE A 1 102 ? 0.127   -8.886  -6.388  1.00 37.66 ? 107 ILE A CG2 1 
ATOM   754  C  CD1 . ILE A 1 102 ? -2.524  -8.241  -7.980  1.00 38.90 ? 107 ILE A CD1 1 
ATOM   755  N  N   . PHE A 1 103 ? -0.448  -10.651 -3.336  1.00 39.05 ? 108 PHE A N   1 
ATOM   756  C  CA  . PHE A 1 103 ? 0.452   -10.657 -2.178  1.00 39.52 ? 108 PHE A CA  1 
ATOM   757  C  C   . PHE A 1 103 ? 0.851   -12.074 -1.775  1.00 40.09 ? 108 PHE A C   1 
ATOM   758  O  O   . PHE A 1 103 ? 2.005   -12.315 -1.417  1.00 40.48 ? 108 PHE A O   1 
ATOM   759  C  CB  . PHE A 1 103 ? -0.173  -9.937  -0.978  1.00 40.06 ? 108 PHE A CB  1 
ATOM   760  C  CG  . PHE A 1 103 ? 0.825   -9.565  0.081   1.00 40.90 ? 108 PHE A CG  1 
ATOM   761  C  CD1 . PHE A 1 103 ? 1.212   -10.483 1.049   1.00 41.03 ? 108 PHE A CD1 1 
ATOM   762  C  CD2 . PHE A 1 103 ? 1.396   -8.295  0.099   1.00 42.36 ? 108 PHE A CD2 1 
ATOM   763  C  CE1 . PHE A 1 103 ? 2.144   -10.145 2.018   1.00 42.22 ? 108 PHE A CE1 1 
ATOM   764  C  CE2 . PHE A 1 103 ? 2.330   -7.948  1.066   1.00 42.95 ? 108 PHE A CE2 1 
ATOM   765  C  CZ  . PHE A 1 103 ? 2.704   -8.876  2.030   1.00 43.04 ? 108 PHE A CZ  1 
ATOM   766  N  N   . ALA A 1 104 ? -0.108  -12.998 -1.823  1.00 40.18 ? 109 ALA A N   1 
ATOM   767  C  CA  . ALA A 1 104 ? 0.140   -14.400 -1.494  1.00 39.02 ? 109 ALA A CA  1 
ATOM   768  C  C   . ALA A 1 104 ? 1.074   -15.051 -2.510  1.00 38.23 ? 109 ALA A C   1 
ATOM   769  O  O   . ALA A 1 104 ? 2.050   -15.693 -2.125  1.00 38.80 ? 109 ALA A O   1 
ATOM   770  C  CB  . ALA A 1 104 ? -1.173  -15.167 -1.409  1.00 38.87 ? 109 ALA A CB  1 
ATOM   771  N  N   . VAL A 1 105 ? 0.775   -14.872 -3.796  1.00 37.19 ? 110 VAL A N   1 
ATOM   772  C  CA  . VAL A 1 105 ? 1.574   -15.460 -4.877  1.00 36.44 ? 110 VAL A CA  1 
ATOM   773  C  C   . VAL A 1 105 ? 2.975   -14.852 -4.929  1.00 37.29 ? 110 VAL A C   1 
ATOM   774  O  O   . VAL A 1 105 ? 3.961   -15.584 -4.816  1.00 38.36 ? 110 VAL A O   1 
ATOM   775  C  CB  . VAL A 1 105 ? 0.881   -15.323 -6.256  1.00 35.63 ? 110 VAL A CB  1 
ATOM   776  C  CG1 . VAL A 1 105 ? 1.827   -15.690 -7.398  1.00 35.72 ? 110 VAL A CG1 1 
ATOM   777  C  CG2 . VAL A 1 105 ? -0.364  -16.195 -6.312  1.00 35.11 ? 110 VAL A CG2 1 
ATOM   778  N  N   . LEU A 1 106 ? 3.063   -13.532 -5.104  1.00 37.14 ? 111 LEU A N   1 
ATOM   779  C  CA  . LEU A 1 106 ? 4.373   -12.859 -5.213  1.00 38.21 ? 111 LEU A CA  1 
ATOM   780  C  C   . LEU A 1 106 ? 5.184   -12.894 -3.913  1.00 37.80 ? 111 LEU A C   1 
ATOM   781  O  O   . LEU A 1 106 ? 6.416   -12.960 -3.956  1.00 38.15 ? 111 LEU A O   1 
ATOM   782  C  CB  . LEU A 1 106 ? 4.248   -11.400 -5.686  1.00 38.45 ? 111 LEU A CB  1 
ATOM   783  C  CG  . LEU A 1 106 ? 4.141   -11.179 -7.192  1.00 38.37 ? 111 LEU A CG  1 
ATOM   784  C  CD1 . LEU A 1 106 ? 2.827   -11.711 -7.722  1.00 39.06 ? 111 LEU A CD1 1 
ATOM   785  C  CD2 . LEU A 1 106 ? 4.292   -9.703  -7.524  1.00 38.83 ? 111 LEU A CD2 1 
ATOM   786  N  N   . GLY A 1 107 ? 4.494   -12.833 -2.774  1.00 36.75 ? 112 GLY A N   1 
ATOM   787  C  CA  . GLY A 1 107 ? 5.144   -12.895 -1.467  1.00 36.70 ? 112 GLY A CA  1 
ATOM   788  C  C   . GLY A 1 107 ? 5.803   -14.236 -1.233  1.00 36.72 ? 112 GLY A C   1 
ATOM   789  O  O   . GLY A 1 107 ? 6.920   -14.306 -0.718  1.00 37.07 ? 112 GLY A O   1 
ATOM   790  N  N   . THR A 1 108 ? 5.111   -15.302 -1.631  1.00 36.60 ? 113 THR A N   1 
ATOM   791  C  CA  . THR A 1 108 ? 5.636   -16.662 -1.520  1.00 35.62 ? 113 THR A CA  1 
ATOM   792  C  C   . THR A 1 108 ? 6.822   -16.891 -2.468  1.00 35.42 ? 113 THR A C   1 
ATOM   793  O  O   . THR A 1 108 ? 7.853   -17.416 -2.056  1.00 36.04 ? 113 THR A O   1 
ATOM   794  C  CB  . THR A 1 108 ? 4.520   -17.694 -1.775  1.00 34.87 ? 113 THR A CB  1 
ATOM   795  O  OG1 . THR A 1 108 ? 3.461   -17.486 -0.829  1.00 34.34 ? 113 THR A OG1 1 
ATOM   796  C  CG2 . THR A 1 108 ? 5.039   -19.116 -1.647  1.00 34.08 ? 113 THR A CG2 1 
ATOM   797  N  N   . ILE A 1 109 ? 6.682   -16.482 -3.725  1.00 35.08 ? 114 ILE A N   1 
ATOM   798  C  CA  . ILE A 1 109 ? 7.757   -16.653 -4.712  1.00 35.15 ? 114 ILE A CA  1 
ATOM   799  C  C   . ILE A 1 109 ? 9.013   -15.899 -4.266  1.00 35.33 ? 114 ILE A C   1 
ATOM   800  O  O   . ILE A 1 109 ? 10.096  -16.485 -4.201  1.00 34.87 ? 114 ILE A O   1 
ATOM   801  C  CB  . ILE A 1 109 ? 7.312   -16.213 -6.132  1.00 34.74 ? 114 ILE A CB  1 
ATOM   802  C  CG1 . ILE A 1 109 ? 6.274   -17.192 -6.679  1.00 34.82 ? 114 ILE A CG1 1 
ATOM   803  C  CG2 . ILE A 1 109 ? 8.495   -16.140 -7.095  1.00 35.04 ? 114 ILE A CG2 1 
ATOM   804  C  CD1 . ILE A 1 109 ? 5.557   -16.711 -7.922  1.00 34.90 ? 114 ILE A CD1 1 
ATOM   805  N  N   . GLY A 1 110 ? 8.854   -14.615 -3.948  1.00 35.85 ? 115 GLY A N   1 
ATOM   806  C  CA  . GLY A 1 110 ? 9.953   -13.783 -3.447  1.00 36.13 ? 115 GLY A CA  1 
ATOM   807  C  C   . GLY A 1 110 ? 10.691  -14.388 -2.264  1.00 37.21 ? 115 GLY A C   1 
ATOM   808  O  O   . GLY A 1 110 ? 11.924  -14.428 -2.251  1.00 37.03 ? 115 GLY A O   1 
ATOM   809  N  N   . ALA A 1 111 ? 9.929   -14.888 -1.292  1.00 38.50 ? 116 ALA A N   1 
ATOM   810  C  CA  . ALA A 1 111 ? 10.479  -15.421 -0.042  1.00 39.74 ? 116 ALA A CA  1 
ATOM   811  C  C   . ALA A 1 111 ? 11.234  -16.750 -0.179  1.00 41.60 ? 116 ALA A C   1 
ATOM   812  O  O   . ALA A 1 111 ? 11.998  -17.104 0.722   1.00 41.61 ? 116 ALA A O   1 
ATOM   813  C  CB  . ALA A 1 111 ? 9.372   -15.573 0.992   1.00 40.18 ? 116 ALA A CB  1 
ATOM   814  N  N   . LYS A 1 112 ? 10.998  -17.485 -1.270  1.00 42.85 ? 117 LYS A N   1 
ATOM   815  C  CA  . LYS A 1 112 ? 11.625  -18.790 -1.502  1.00 43.88 ? 117 LYS A CA  1 
ATOM   816  C  C   . LYS A 1 112 ? 12.460  -18.918 -2.791  1.00 44.26 ? 117 LYS A C   1 
ATOM   817  O  O   . LYS A 1 112 ? 13.098  -19.952 -2.993  1.00 43.12 ? 117 LYS A O   1 
ATOM   818  C  CB  . LYS A 1 112 ? 10.541  -19.873 -1.469  1.00 45.41 ? 117 LYS A CB  1 
ATOM   819  C  CG  . LYS A 1 112 ? 10.033  -20.181 -0.069  1.00 46.82 ? 117 LYS A CG  1 
ATOM   820  C  CD  . LYS A 1 112 ? 8.725   -20.953 -0.111  1.00 48.37 ? 117 LYS A CD  1 
ATOM   821  C  CE  . LYS A 1 112 ? 8.368   -21.564 1.236   1.00 49.48 ? 117 LYS A CE  1 
ATOM   822  N  NZ  . LYS A 1 112 ? 9.156   -22.794 1.534   1.00 50.94 ? 117 LYS A NZ  1 
ATOM   823  N  N   . MET A 1 113 ? 12.474  -17.894 -3.647  1.00 45.47 ? 118 MET A N   1 
ATOM   824  C  CA  . MET A 1 113 ? 13.280  -17.933 -4.882  1.00 47.30 ? 118 MET A CA  1 
ATOM   825  C  C   . MET A 1 113 ? 14.786  -17.868 -4.588  1.00 48.35 ? 118 MET A C   1 
ATOM   826  O  O   . MET A 1 113 ? 15.212  -17.217 -3.629  1.00 48.44 ? 118 MET A O   1 
ATOM   827  C  CB  . MET A 1 113 ? 12.881  -16.810 -5.858  1.00 47.95 ? 118 MET A CB  1 
ATOM   828  C  CG  . MET A 1 113 ? 13.104  -15.385 -5.364  1.00 48.85 ? 118 MET A CG  1 
ATOM   829  S  SD  . MET A 1 113 ? 13.181  -14.179 -6.700  1.00 51.05 ? 118 MET A SD  1 
ATOM   830  C  CE  . MET A 1 113 ? 11.452  -14.052 -7.110  1.00 51.38 ? 118 MET A CE  1 
ATOM   831  N  N   . LYS A 1 114 ? 15.580  -18.540 -5.419  1.00 48.71 ? 119 LYS A N   1 
ATOM   832  C  CA  . LYS A 1 114 ? 17.036  -18.569 -5.250  1.00 49.46 ? 119 LYS A CA  1 
ATOM   833  C  C   . LYS A 1 114 ? 17.745  -17.307 -5.753  1.00 47.33 ? 119 LYS A C   1 
ATOM   834  O  O   . LYS A 1 114 ? 18.843  -17.002 -5.289  1.00 47.30 ? 119 LYS A O   1 
ATOM   835  C  CB  . LYS A 1 114 ? 17.639  -19.813 -5.913  1.00 51.79 ? 119 LYS A CB  1 
ATOM   836  C  CG  . LYS A 1 114 ? 17.226  -21.111 -5.235  1.00 54.58 ? 119 LYS A CG  1 
ATOM   837  C  CD  . LYS A 1 114 ? 18.138  -22.270 -5.605  1.00 56.85 ? 119 LYS A CD  1 
ATOM   838  C  CE  . LYS A 1 114 ? 17.828  -23.502 -4.767  1.00 57.67 ? 119 LYS A CE  1 
ATOM   839  N  NZ  . LYS A 1 114 ? 18.679  -24.659 -5.156  1.00 59.04 ? 119 LYS A NZ  1 
ATOM   840  N  N   . LYS A 1 115 ? 17.136  -16.589 -6.698  1.00 44.90 ? 120 LYS A N   1 
ATOM   841  C  CA  . LYS A 1 115 ? 17.729  -15.358 -7.231  1.00 43.62 ? 120 LYS A CA  1 
ATOM   842  C  C   . LYS A 1 115 ? 17.521  -14.181 -6.272  1.00 42.55 ? 120 LYS A C   1 
ATOM   843  O  O   . LYS A 1 115 ? 16.449  -14.029 -5.687  1.00 41.40 ? 120 LYS A O   1 
ATOM   844  C  CB  . LYS A 1 115 ? 17.143  -15.024 -8.603  1.00 43.94 ? 120 LYS A CB  1 
ATOM   845  C  CG  . LYS A 1 115 ? 17.815  -13.840 -9.280  1.00 44.74 ? 120 LYS A CG  1 
ATOM   846  C  CD  . LYS A 1 115 ? 17.400  -13.703 -10.734 1.00 45.78 ? 120 LYS A CD  1 
ATOM   847  C  CE  . LYS A 1 115 ? 18.044  -12.487 -11.380 1.00 46.59 ? 120 LYS A CE  1 
ATOM   848  N  NZ  . LYS A 1 115 ? 19.534  -12.568 -11.379 1.00 47.49 ? 120 LYS A NZ  1 
ATOM   849  N  N   . ASP A 1 116 ? 18.557  -13.351 -6.141  1.00 41.88 ? 121 ASP A N   1 
ATOM   850  C  CA  . ASP A 1 116 ? 18.553  -12.171 -5.278  1.00 41.02 ? 121 ASP A CA  1 
ATOM   851  C  C   . ASP A 1 116 ? 18.238  -10.955 -6.136  1.00 39.73 ? 121 ASP A C   1 
ATOM   852  O  O   . ASP A 1 116 ? 18.968  -10.664 -7.082  1.00 40.72 ? 121 ASP A O   1 
ATOM   853  C  CB  . ASP A 1 116 ? 19.928  -12.015 -4.602  1.00 41.95 ? 121 ASP A CB  1 
ATOM   854  C  CG  . ASP A 1 116 ? 20.002  -10.828 -3.630  1.00 42.95 ? 121 ASP A CG  1 
ATOM   855  O  OD1 . ASP A 1 116 ? 18.958  -10.243 -3.258  1.00 44.06 ? 121 ASP A OD1 1 
ATOM   856  O  OD2 . ASP A 1 116 ? 21.129  -10.478 -3.226  1.00 43.23 ? 121 ASP A OD2 1 
ATOM   857  N  N   . LEU A 1 117 ? 17.170  -10.234 -5.785  1.00 38.49 ? 122 LEU A N   1 
ATOM   858  C  CA  . LEU A 1 117 ? 16.690  -9.079  -6.556  1.00 37.72 ? 122 LEU A CA  1 
ATOM   859  C  C   . LEU A 1 117 ? 17.102  -7.737  -5.929  1.00 37.62 ? 122 LEU A C   1 
ATOM   860  O  O   . LEU A 1 117 ? 16.349  -6.764  -5.990  1.00 36.74 ? 122 LEU A O   1 
ATOM   861  C  CB  . LEU A 1 117 ? 15.161  -9.139  -6.680  1.00 37.31 ? 122 LEU A CB  1 
ATOM   862  C  CG  . LEU A 1 117 ? 14.544  -10.442 -7.198  1.00 37.34 ? 122 LEU A CG  1 
ATOM   863  C  CD1 . LEU A 1 117 ? 13.026  -10.404 -7.060  1.00 36.45 ? 122 LEU A CD1 1 
ATOM   864  C  CD2 . LEU A 1 117 ? 14.961  -10.693 -8.639  1.00 36.54 ? 122 LEU A CD2 1 
ATOM   865  N  N   . SER A 1 118 ? 18.299  -7.676  -5.349  1.00 38.49 ? 123 SER A N   1 
ATOM   866  C  CA  . SER A 1 118 ? 18.784  -6.455  -4.694  1.00 39.89 ? 123 SER A CA  1 
ATOM   867  C  C   . SER A 1 118 ? 19.024  -5.299  -5.675  1.00 39.21 ? 123 SER A C   1 
ATOM   868  O  O   . SER A 1 118 ? 18.860  -4.142  -5.304  1.00 39.38 ? 123 SER A O   1 
ATOM   869  C  CB  . SER A 1 118 ? 20.066  -6.740  -3.906  1.00 40.33 ? 123 SER A CB  1 
ATOM   870  O  OG  . SER A 1 118 ? 21.060  -7.306  -4.744  1.00 42.01 ? 123 SER A OG  1 
ATOM   871  N  N   . PHE A 1 119 ? 19.401  -5.619  -6.913  1.00 38.85 ? 124 PHE A N   1 
ATOM   872  C  CA  . PHE A 1 119 ? 19.647  -4.604  -7.959  1.00 39.62 ? 124 PHE A CA  1 
ATOM   873  C  C   . PHE A 1 119 ? 18.428  -3.733  -8.346  1.00 40.03 ? 124 PHE A C   1 
ATOM   874  O  O   . PHE A 1 119 ? 18.602  -2.631  -8.877  1.00 38.81 ? 124 PHE A O   1 
ATOM   875  C  CB  . PHE A 1 119 ? 20.274  -5.245  -9.219  1.00 39.45 ? 124 PHE A CB  1 
ATOM   876  C  CG  . PHE A 1 119 ? 19.373  -6.218  -9.940  1.00 40.09 ? 124 PHE A CG  1 
ATOM   877  C  CD1 . PHE A 1 119 ? 18.461  -5.771  -10.895 1.00 40.24 ? 124 PHE A CD1 1 
ATOM   878  C  CD2 . PHE A 1 119 ? 19.450  -7.585  -9.684  1.00 40.38 ? 124 PHE A CD2 1 
ATOM   879  C  CE1 . PHE A 1 119 ? 17.634  -6.663  -11.562 1.00 40.67 ? 124 PHE A CE1 1 
ATOM   880  C  CE2 . PHE A 1 119 ? 18.625  -8.480  -10.345 1.00 40.91 ? 124 PHE A CE2 1 
ATOM   881  C  CZ  . PHE A 1 119 ? 17.718  -8.021  -11.288 1.00 41.29 ? 124 PHE A CZ  1 
ATOM   882  N  N   . LEU A 1 120 ? 17.216  -4.218  -8.071  1.00 40.47 ? 125 LEU A N   1 
ATOM   883  C  CA  . LEU A 1 120 ? 15.987  -3.466  -8.351  1.00 41.62 ? 125 LEU A CA  1 
ATOM   884  C  C   . LEU A 1 120 ? 15.745  -2.224  -7.485  1.00 42.19 ? 125 LEU A C   1 
ATOM   885  O  O   . LEU A 1 120 ? 14.873  -1.425  -7.824  1.00 42.76 ? 125 LEU A O   1 
ATOM   886  C  CB  . LEU A 1 120 ? 14.755  -4.379  -8.236  1.00 41.79 ? 125 LEU A CB  1 
ATOM   887  C  CG  . LEU A 1 120 ? 14.622  -5.551  -9.212  1.00 41.65 ? 125 LEU A CG  1 
ATOM   888  C  CD1 . LEU A 1 120 ? 13.384  -6.368  -8.865  1.00 41.18 ? 125 LEU A CD1 1 
ATOM   889  C  CD2 . LEU A 1 120 ? 14.558  -5.075  -10.657 1.00 41.87 ? 125 LEU A CD2 1 
ATOM   890  N  N   . TRP A 1 121 ? 16.488  -2.049  -6.389  1.00 44.19 ? 126 TRP A N   1 
ATOM   891  C  CA  . TRP A 1 121 ? 16.224  -0.950  -5.437  1.00 46.28 ? 126 TRP A CA  1 
ATOM   892  C  C   . TRP A 1 121 ? 16.128  0.433   -6.098  1.00 46.56 ? 126 TRP A C   1 
ATOM   893  O  O   . TRP A 1 121 ? 15.225  1.210   -5.780  1.00 44.27 ? 126 TRP A O   1 
ATOM   894  C  CB  . TRP A 1 121 ? 17.253  -0.937  -4.288  1.00 47.02 ? 126 TRP A CB  1 
ATOM   895  C  CG  . TRP A 1 121 ? 18.583  -0.325  -4.625  1.00 49.79 ? 126 TRP A CG  1 
ATOM   896  C  CD1 . TRP A 1 121 ? 19.617  -0.912  -5.303  1.00 50.56 ? 126 TRP A CD1 1 
ATOM   897  C  CD2 . TRP A 1 121 ? 19.023  1.001   -4.300  1.00 51.52 ? 126 TRP A CD2 1 
ATOM   898  N  NE1 . TRP A 1 121 ? 20.668  -0.036  -5.421  1.00 51.50 ? 126 TRP A NE1 1 
ATOM   899  C  CE2 . TRP A 1 121 ? 20.335  1.144   -4.811  1.00 52.13 ? 126 TRP A CE2 1 
ATOM   900  C  CE3 . TRP A 1 121 ? 18.436  2.081   -3.626  1.00 51.42 ? 126 TRP A CE3 1 
ATOM   901  C  CZ2 . TRP A 1 121 ? 21.070  2.328   -4.671  1.00 52.09 ? 126 TRP A CZ2 1 
ATOM   902  C  CZ3 . TRP A 1 121 ? 19.172  3.259   -3.483  1.00 52.02 ? 126 TRP A CZ3 1 
ATOM   903  C  CH2 . TRP A 1 121 ? 20.474  3.370   -4.005  1.00 52.19 ? 126 TRP A CH2 1 
ATOM   904  N  N   . SER A 1 122 ? 17.042  0.712   -7.029  1.00 48.68 ? 127 SER A N   1 
ATOM   905  C  CA  . SER A 1 122 ? 17.084  1.992   -7.742  1.00 49.75 ? 127 SER A CA  1 
ATOM   906  C  C   . SER A 1 122 ? 15.918  2.147   -8.704  1.00 50.12 ? 127 SER A C   1 
ATOM   907  O  O   . SER A 1 122 ? 15.362  3.238   -8.835  1.00 50.52 ? 127 SER A O   1 
ATOM   908  C  CB  . SER A 1 122 ? 18.384  2.117   -8.536  1.00 51.08 ? 127 SER A CB  1 
ATOM   909  O  OG  . SER A 1 122 ? 19.507  1.973   -7.692  1.00 54.23 ? 127 SER A OG  1 
ATOM   910  N  N   . PHE A 1 123 ? 15.562  1.048   -9.368  1.00 49.38 ? 128 PHE A N   1 
ATOM   911  C  CA  . PHE A 1 123 ? 14.519  1.039   -10.392 1.00 49.37 ? 128 PHE A CA  1 
ATOM   912  C  C   . PHE A 1 123 ? 13.174  1.344   -9.730  1.00 47.49 ? 128 PHE A C   1 
ATOM   913  O  O   . PHE A 1 123 ? 12.393  2.155   -10.228 1.00 46.49 ? 128 PHE A O   1 
ATOM   914  C  CB  . PHE A 1 123 ? 14.437  -0.331  -11.093 1.00 51.76 ? 128 PHE A CB  1 
ATOM   915  C  CG  . PHE A 1 123 ? 15.638  -0.698  -11.953 1.00 54.00 ? 128 PHE A CG  1 
ATOM   916  C  CD1 . PHE A 1 123 ? 16.893  -0.082  -11.820 1.00 55.59 ? 128 PHE A CD1 1 
ATOM   917  C  CD2 . PHE A 1 123 ? 15.507  -1.725  -12.891 1.00 55.58 ? 128 PHE A CD2 1 
ATOM   918  C  CE1 . PHE A 1 123 ? 17.964  -0.465  -12.621 1.00 56.43 ? 128 PHE A CE1 1 
ATOM   919  C  CE2 . PHE A 1 123 ? 16.578  -2.111  -13.688 1.00 56.85 ? 128 PHE A CE2 1 
ATOM   920  C  CZ  . PHE A 1 123 ? 17.807  -1.482  -13.552 1.00 57.18 ? 128 PHE A CZ  1 
ATOM   921  N  N   . LEU A 1 124 ? 12.915  0.679   -8.607  1.00 45.49 ? 129 LEU A N   1 
ATOM   922  C  CA  . LEU A 1 124 ? 11.679  0.875   -7.850  1.00 45.19 ? 129 LEU A CA  1 
ATOM   923  C  C   . LEU A 1 124 ? 11.633  2.205   -7.107  1.00 44.99 ? 129 LEU A C   1 
ATOM   924  O  O   . LEU A 1 124 ? 10.550  2.746   -6.894  1.00 45.02 ? 129 LEU A O   1 
ATOM   925  C  CB  . LEU A 1 124 ? 11.460  -0.275  -6.862  1.00 44.55 ? 129 LEU A CB  1 
ATOM   926  C  CG  . LEU A 1 124 ? 11.196  -1.645  -7.487  1.00 44.21 ? 129 LEU A CG  1 
ATOM   927  C  CD1 . LEU A 1 124 ? 11.382  -2.744  -6.454  1.00 44.78 ? 129 LEU A CD1 1 
ATOM   928  C  CD2 . LEU A 1 124 ? 9.803   -1.713  -8.089  1.00 44.28 ? 129 LEU A CD2 1 
ATOM   929  N  N   . LEU A 1 125 ? 12.793  2.726   -6.712  1.00 44.67 ? 130 LEU A N   1 
ATOM   930  C  CA  . LEU A 1 125 ? 12.852  4.026   -6.051  1.00 45.73 ? 130 LEU A CA  1 
ATOM   931  C  C   . LEU A 1 125 ? 12.403  5.158   -6.985  1.00 45.75 ? 130 LEU A C   1 
ATOM   932  O  O   . LEU A 1 125 ? 11.622  6.015   -6.568  1.00 45.84 ? 130 LEU A O   1 
ATOM   933  C  CB  . LEU A 1 125 ? 14.258  4.300   -5.504  1.00 46.44 ? 130 LEU A CB  1 
ATOM   934  C  CG  . LEU A 1 125 ? 14.399  5.539   -4.604  1.00 46.85 ? 130 LEU A CG  1 
ATOM   935  C  CD1 . LEU A 1 125 ? 15.336  5.259   -3.433  1.00 47.44 ? 130 LEU A CD1 1 
ATOM   936  C  CD2 . LEU A 1 125 ? 14.864  6.771   -5.376  1.00 47.00 ? 130 LEU A CD2 1 
ATOM   937  N  N   . VAL A 1 126 ? 12.890  5.158   -8.228  1.00 44.52 ? 131 VAL A N   1 
ATOM   938  C  CA  . VAL A 1 126 ? 12.505  6.192   -9.218  1.00 43.93 ? 131 VAL A CA  1 
ATOM   939  C  C   . VAL A 1 126 ? 11.048  6.093   -9.683  1.00 42.91 ? 131 VAL A C   1 
ATOM   940  O  O   . VAL A 1 126 ? 10.439  7.108   -10.037 1.00 42.29 ? 131 VAL A O   1 
ATOM   941  C  CB  . VAL A 1 126 ? 13.439  6.234   -10.462 1.00 43.71 ? 131 VAL A CB  1 
ATOM   942  C  CG1 . VAL A 1 126 ? 14.864  6.567   -10.041 1.00 44.39 ? 131 VAL A CG1 1 
ATOM   943  C  CG2 . VAL A 1 126 ? 13.404  4.939   -11.274 1.00 43.70 ? 131 VAL A CG2 1 
ATOM   944  N  N   . ALA A 1 127 ? 10.507  4.875   -9.699  1.00 42.18 ? 132 ALA A N   1 
ATOM   945  C  CA  . ALA A 1 127 ? 9.105   4.649   -10.053 1.00 41.59 ? 132 ALA A CA  1 
ATOM   946  C  C   . ALA A 1 127 ? 8.151   5.244   -9.013  1.00 40.21 ? 132 ALA A C   1 
ATOM   947  O  O   . ALA A 1 127 ? 7.142   5.846   -9.384  1.00 39.50 ? 132 ALA A O   1 
ATOM   948  C  CB  . ALA A 1 127 ? 8.831   3.163   -10.233 1.00 41.86 ? 132 ALA A CB  1 
ATOM   949  N  N   . VAL A 1 128 ? 8.469   5.078   -7.726  1.00 39.09 ? 133 VAL A N   1 
ATOM   950  C  CA  . VAL A 1 128 ? 7.657   5.664   -6.640  1.00 39.72 ? 133 VAL A CA  1 
ATOM   951  C  C   . VAL A 1 128 ? 7.719   7.194   -6.667  1.00 39.66 ? 133 VAL A C   1 
ATOM   952  O  O   . VAL A 1 128 ? 6.696   7.856   -6.472  1.00 39.26 ? 133 VAL A O   1 
ATOM   953  C  CB  . VAL A 1 128 ? 8.048   5.102   -5.247  1.00 39.25 ? 133 VAL A CB  1 
ATOM   954  C  CG1 . VAL A 1 128 ? 7.415   5.892   -4.100  1.00 39.36 ? 133 VAL A CG1 1 
ATOM   955  C  CG2 . VAL A 1 128 ? 7.615   3.656   -5.150  1.00 38.90 ? 133 VAL A CG2 1 
ATOM   956  N  N   . LEU A 1 129 ? 8.908   7.740   -6.919  1.00 39.28 ? 134 LEU A N   1 
ATOM   957  C  CA  . LEU A 1 129 ? 9.067   9.186   -7.106  1.00 39.62 ? 134 LEU A CA  1 
ATOM   958  C  C   . LEU A 1 129 ? 8.246   9.737   -8.284  1.00 38.79 ? 134 LEU A C   1 
ATOM   959  O  O   . LEU A 1 129 ? 7.671   10.821  -8.173  1.00 38.78 ? 134 LEU A O   1 
ATOM   960  C  CB  . LEU A 1 129 ? 10.551  9.574   -7.235  1.00 40.54 ? 134 LEU A CB  1 
ATOM   961  C  CG  . LEU A 1 129 ? 11.242  9.997   -5.929  1.00 41.54 ? 134 LEU A CG  1 
ATOM   962  C  CD1 . LEU A 1 129 ? 10.973  9.031   -4.781  1.00 42.02 ? 134 LEU A CD1 1 
ATOM   963  C  CD2 . LEU A 1 129 ? 12.741  10.165  -6.150  1.00 41.98 ? 134 LEU A CD2 1 
ATOM   964  N  N   . ALA A 1 130 ? 8.186   8.993   -9.392  1.00 38.17 ? 135 ALA A N   1 
ATOM   965  C  CA  . ALA A 1 130 ? 7.358   9.378   -10.549 1.00 36.77 ? 135 ALA A CA  1 
ATOM   966  C  C   . ALA A 1 130 ? 5.868   9.404   -10.195 1.00 36.09 ? 135 ALA A C   1 
ATOM   967  O  O   . ALA A 1 130 ? 5.179   10.383  -10.472 1.00 36.69 ? 135 ALA A O   1 
ATOM   968  C  CB  . ALA A 1 130 ? 7.600   8.442   -11.722 1.00 36.52 ? 135 ALA A CB  1 
ATOM   969  N  N   . LEU A 1 131 ? 5.387   8.323   -9.578  1.00 34.99 ? 136 LEU A N   1 
ATOM   970  C  CA  . LEU A 1 131 ? 4.010   8.246   -9.073  1.00 33.73 ? 136 LEU A CA  1 
ATOM   971  C  C   . LEU A 1 131 ? 3.706   9.365   -8.075  1.00 32.30 ? 136 LEU A C   1 
ATOM   972  O  O   . LEU A 1 131 ? 2.621   9.953   -8.110  1.00 31.91 ? 136 LEU A O   1 
ATOM   973  C  CB  . LEU A 1 131 ? 3.744   6.888   -8.406  1.00 33.98 ? 136 LEU A CB  1 
ATOM   974  C  CG  . LEU A 1 131 ? 3.748   5.642   -9.297  1.00 33.87 ? 136 LEU A CG  1 
ATOM   975  C  CD1 . LEU A 1 131 ? 3.951   4.396   -8.454  1.00 34.16 ? 136 LEU A CD1 1 
ATOM   976  C  CD2 . LEU A 1 131 ? 2.470   5.528   -10.114 1.00 34.02 ? 136 LEU A CD2 1 
ATOM   977  N  N   . ALA A 1 132 ? 4.662   9.649   -7.191  1.00 31.75 ? 137 ALA A N   1 
ATOM   978  C  CA  . ALA A 1 132 ? 4.527   10.744  -6.225  1.00 31.69 ? 137 ALA A CA  1 
ATOM   979  C  C   . ALA A 1 132 ? 4.348   12.087  -6.923  1.00 32.27 ? 137 ALA A C   1 
ATOM   980  O  O   . ALA A 1 132 ? 3.455   12.852  -6.556  1.00 33.48 ? 137 ALA A O   1 
ATOM   981  C  CB  . ALA A 1 132 ? 5.720   10.789  -5.286  1.00 31.92 ? 137 ALA A CB  1 
ATOM   982  N  N   . VAL A 1 133 ? 5.169   12.354  -7.943  1.00 32.03 ? 138 VAL A N   1 
ATOM   983  C  CA  . VAL A 1 133 ? 5.079   13.603  -8.718  1.00 31.88 ? 138 VAL A CA  1 
ATOM   984  C  C   . VAL A 1 133 ? 3.741   13.727  -9.463  1.00 31.77 ? 138 VAL A C   1 
ATOM   985  O  O   . VAL A 1 133 ? 3.098   14.774  -9.399  1.00 32.93 ? 138 VAL A O   1 
ATOM   986  C  CB  . VAL A 1 133 ? 6.272   13.758  -9.703  1.00 31.76 ? 138 VAL A CB  1 
ATOM   987  C  CG1 . VAL A 1 133 ? 6.059   14.916  -10.674 1.00 32.14 ? 138 VAL A CG1 1 
ATOM   988  C  CG2 . VAL A 1 133 ? 7.572   13.962  -8.937  1.00 32.19 ? 138 VAL A CG2 1 
ATOM   989  N  N   . VAL A 1 134 ? 3.336   12.668  -10.163 1.00 31.58 ? 139 VAL A N   1 
ATOM   990  C  CA  . VAL A 1 134 ? 2.086   12.672  -10.934 1.00 32.32 ? 139 VAL A CA  1 
ATOM   991  C  C   . VAL A 1 134 ? 0.870   12.732  -10.002 1.00 32.85 ? 139 VAL A C   1 
ATOM   992  O  O   . VAL A 1 134 ? -0.126  13.376  -10.323 1.00 33.49 ? 139 VAL A O   1 
ATOM   993  C  CB  . VAL A 1 134 ? 2.000   11.457  -11.898 1.00 32.68 ? 139 VAL A CB  1 
ATOM   994  C  CG1 . VAL A 1 134 ? 0.626   11.356  -12.559 1.00 31.97 ? 139 VAL A CG1 1 
ATOM   995  C  CG2 . VAL A 1 134 ? 3.085   11.551  -12.968 1.00 32.81 ? 139 VAL A CG2 1 
ATOM   996  N  N   . GLY A 1 135 ? 0.958   12.065  -8.854  1.00 33.86 ? 140 GLY A N   1 
ATOM   997  C  CA  . GLY A 1 135 ? -0.063  12.165  -7.815  1.00 34.69 ? 140 GLY A CA  1 
ATOM   998  C  C   . GLY A 1 135 ? -0.210  13.568  -7.242  1.00 35.30 ? 140 GLY A C   1 
ATOM   999  O  O   . GLY A 1 135 ? -1.327  14.043  -7.053  1.00 34.62 ? 140 GLY A O   1 
ATOM   1000 N  N   . ILE A 1 136 ? 0.915   14.230  -6.967  1.00 36.04 ? 141 ILE A N   1 
ATOM   1001 C  CA  . ILE A 1 136 ? 0.901   15.627  -6.497  1.00 36.77 ? 141 ILE A CA  1 
ATOM   1002 C  C   . ILE A 1 136 ? 0.374   16.572  -7.585  1.00 37.01 ? 141 ILE A C   1 
ATOM   1003 O  O   . ILE A 1 136 ? -0.402  17.487  -7.290  1.00 36.69 ? 141 ILE A O   1 
ATOM   1004 C  CB  . ILE A 1 136 ? 2.292   16.090  -5.991  1.00 36.64 ? 141 ILE A CB  1 
ATOM   1005 C  CG1 . ILE A 1 136 ? 2.662   15.337  -4.705  1.00 36.50 ? 141 ILE A CG1 1 
ATOM   1006 C  CG2 . ILE A 1 136 ? 2.314   17.595  -5.718  1.00 36.27 ? 141 ILE A CG2 1 
ATOM   1007 C  CD1 . ILE A 1 136 ? 4.152   15.268  -4.446  1.00 36.93 ? 141 ILE A CD1 1 
ATOM   1008 N  N   . PHE A 1 137 ? 0.785   16.346  -8.833  1.00 37.36 ? 142 PHE A N   1 
ATOM   1009 C  CA  . PHE A 1 137 ? 0.223   17.085  -9.970  1.00 38.11 ? 142 PHE A CA  1 
ATOM   1010 C  C   . PHE A 1 137 ? -1.306  16.967  -10.030 1.00 38.01 ? 142 PHE A C   1 
ATOM   1011 O  O   . PHE A 1 137 ? -1.990  17.951  -10.305 1.00 38.84 ? 142 PHE A O   1 
ATOM   1012 C  CB  . PHE A 1 137 ? 0.845   16.611  -11.288 1.00 38.75 ? 142 PHE A CB  1 
ATOM   1013 C  CG  . PHE A 1 137 ? 0.292   17.303  -12.506 1.00 39.58 ? 142 PHE A CG  1 
ATOM   1014 C  CD1 . PHE A 1 137 ? 0.720   18.582  -12.848 1.00 39.73 ? 142 PHE A CD1 1 
ATOM   1015 C  CD2 . PHE A 1 137 ? -0.662  16.682  -13.308 1.00 40.06 ? 142 PHE A CD2 1 
ATOM   1016 C  CE1 . PHE A 1 137 ? 0.211   19.224  -13.968 1.00 39.49 ? 142 PHE A CE1 1 
ATOM   1017 C  CE2 . PHE A 1 137 ? -1.178  17.323  -14.427 1.00 39.86 ? 142 PHE A CE2 1 
ATOM   1018 C  CZ  . PHE A 1 137 ? -0.740  18.595  -14.758 1.00 39.42 ? 142 PHE A CZ  1 
ATOM   1019 N  N   . ASN A 1 138 ? -1.822  15.766  -9.762  1.00 37.92 ? 143 ASN A N   1 
ATOM   1020 C  CA  . ASN A 1 138 ? -3.266  15.491  -9.745  1.00 37.56 ? 143 ASN A CA  1 
ATOM   1021 C  C   . ASN A 1 138 ? -4.087  16.327  -8.745  1.00 38.05 ? 143 ASN A C   1 
ATOM   1022 O  O   . ASN A 1 138 ? -5.269  16.571  -8.976  1.00 38.15 ? 143 ASN A O   1 
ATOM   1023 C  CB  . ASN A 1 138 ? -3.509  13.999  -9.494  1.00 37.39 ? 143 ASN A CB  1 
ATOM   1024 C  CG  . ASN A 1 138 ? -4.960  13.602  -9.678  1.00 36.93 ? 143 ASN A CG  1 
ATOM   1025 O  OD1 . ASN A 1 138 ? -5.539  13.843  -10.732 1.00 36.45 ? 143 ASN A OD1 1 
ATOM   1026 N  ND2 . ASN A 1 138 ? -5.558  12.999  -8.650  1.00 36.69 ? 143 ASN A ND2 1 
ATOM   1027 N  N   . ILE A 1 139 ? -3.465  16.759  -7.649  1.00 39.43 ? 144 ILE A N   1 
ATOM   1028 C  CA  . ILE A 1 139 ? -4.124  17.634  -6.665  1.00 40.34 ? 144 ILE A CA  1 
ATOM   1029 C  C   . ILE A 1 139 ? -4.535  18.964  -7.303  1.00 41.34 ? 144 ILE A C   1 
ATOM   1030 O  O   . ILE A 1 139 ? -5.685  19.397  -7.175  1.00 39.51 ? 144 ILE A O   1 
ATOM   1031 C  CB  . ILE A 1 139 ? -3.209  17.937  -5.449  1.00 40.72 ? 144 ILE A CB  1 
ATOM   1032 C  CG1 . ILE A 1 139 ? -2.934  16.661  -4.641  1.00 40.96 ? 144 ILE A CG1 1 
ATOM   1033 C  CG2 . ILE A 1 139 ? -3.828  19.006  -4.541  1.00 41.14 ? 144 ILE A CG2 1 
ATOM   1034 C  CD1 . ILE A 1 139 ? -1.715  16.757  -3.749  1.00 41.21 ? 144 ILE A CD1 1 
ATOM   1035 N  N   . PHE A 1 140 ? -3.584  19.599  -7.984  1.00 42.52 ? 145 PHE A N   1 
ATOM   1036 C  CA  . PHE A 1 140 ? -3.775  20.946  -8.522  1.00 43.72 ? 145 PHE A CA  1 
ATOM   1037 C  C   . PHE A 1 140 ? -4.516  20.902  -9.852  1.00 44.22 ? 145 PHE A C   1 
ATOM   1038 O  O   . PHE A 1 140 ? -5.472  21.652  -10.048 1.00 46.65 ? 145 PHE A O   1 
ATOM   1039 C  CB  . PHE A 1 140 ? -2.427  21.664  -8.652  1.00 44.57 ? 145 PHE A CB  1 
ATOM   1040 C  CG  . PHE A 1 140 ? -1.646  21.703  -7.362  1.00 44.99 ? 145 PHE A CG  1 
ATOM   1041 C  CD1 . PHE A 1 140 ? -2.000  22.590  -6.347  1.00 45.29 ? 145 PHE A CD1 1 
ATOM   1042 C  CD2 . PHE A 1 140 ? -0.582  20.829  -7.143  1.00 45.17 ? 145 PHE A CD2 1 
ATOM   1043 C  CE1 . PHE A 1 140 ? -1.299  22.618  -5.149  1.00 45.65 ? 145 PHE A CE1 1 
ATOM   1044 C  CE2 . PHE A 1 140 ? 0.126   20.854  -5.948  1.00 45.62 ? 145 PHE A CE2 1 
ATOM   1045 C  CZ  . PHE A 1 140 ? -0.232  21.752  -4.950  1.00 46.28 ? 145 PHE A CZ  1 
ATOM   1046 N  N   . SER A 1 141 ? -4.080  20.016  -10.748 1.00 43.89 ? 146 SER A N   1 
ATOM   1047 C  CA  . SER A 1 141 ? -4.726  19.802  -12.048 1.00 42.50 ? 146 SER A CA  1 
ATOM   1048 C  C   . SER A 1 141 ? -5.176  18.339  -12.162 1.00 42.33 ? 146 SER A C   1 
ATOM   1049 O  O   . SER A 1 141 ? -4.353  17.471  -12.448 1.00 42.44 ? 146 SER A O   1 
ATOM   1050 C  CB  . SER A 1 141 ? -3.757  20.147  -13.177 1.00 42.00 ? 146 SER A CB  1 
ATOM   1051 O  OG  . SER A 1 141 ? -4.331  19.868  -14.441 1.00 42.97 ? 146 SER A OG  1 
ATOM   1052 N  N   . PRO A 1 142 ? -6.478  18.060  -11.943 1.00 42.70 ? 147 PRO A N   1 
ATOM   1053 C  CA  . PRO A 1 142 ? -6.930  16.667  -11.892 1.00 41.96 ? 147 PRO A CA  1 
ATOM   1054 C  C   . PRO A 1 142 ? -6.880  15.956  -13.241 1.00 41.98 ? 147 PRO A C   1 
ATOM   1055 O  O   . PRO A 1 142 ? -7.427  16.463  -14.223 1.00 42.91 ? 147 PRO A O   1 
ATOM   1056 C  CB  . PRO A 1 142 ? -8.376  16.781  -11.397 1.00 42.32 ? 147 PRO A CB  1 
ATOM   1057 C  CG  . PRO A 1 142 ? -8.814  18.133  -11.806 1.00 42.38 ? 147 PRO A CG  1 
ATOM   1058 C  CD  . PRO A 1 142 ? -7.595  19.003  -11.743 1.00 42.70 ? 147 PRO A CD  1 
ATOM   1059 N  N   . LEU A 1 143 ? -6.232  14.791  -13.270 1.00 40.93 ? 148 LEU A N   1 
ATOM   1060 C  CA  . LEU A 1 143 ? -6.103  13.992  -14.482 1.00 40.98 ? 148 LEU A CA  1 
ATOM   1061 C  C   . LEU A 1 143 ? -7.457  13.422  -14.898 1.00 40.62 ? 148 LEU A C   1 
ATOM   1062 O  O   . LEU A 1 143 ? -8.305  13.149  -14.046 1.00 39.45 ? 148 LEU A O   1 
ATOM   1063 C  CB  . LEU A 1 143 ? -5.108  12.840  -14.271 1.00 41.24 ? 148 LEU A CB  1 
ATOM   1064 C  CG  . LEU A 1 143 ? -3.648  13.164  -13.927 1.00 42.23 ? 148 LEU A CG  1 
ATOM   1065 C  CD1 . LEU A 1 143 ? -2.828  11.884  -13.890 1.00 42.13 ? 148 LEU A CD1 1 
ATOM   1066 C  CD2 . LEU A 1 143 ? -3.039  14.144  -14.919 1.00 42.97 ? 148 LEU A CD2 1 
ATOM   1067 N  N   . ASN A 1 144 ? -7.647  13.242  -16.204 1.00 40.81 ? 149 ASN A N   1 
ATOM   1068 C  CA  . ASN A 1 144 ? -8.867  12.618  -16.737 1.00 42.73 ? 149 ASN A CA  1 
ATOM   1069 C  C   . ASN A 1 144 ? -8.921  11.121  -16.390 1.00 43.16 ? 149 ASN A C   1 
ATOM   1070 O  O   . ASN A 1 144 ? -7.979  10.587  -15.799 1.00 44.22 ? 149 ASN A O   1 
ATOM   1071 C  CB  . ASN A 1 144 ? -8.981  12.843  -18.258 1.00 43.32 ? 149 ASN A CB  1 
ATOM   1072 C  CG  . ASN A 1 144 ? -8.046  11.948  -19.068 1.00 44.57 ? 149 ASN A CG  1 
ATOM   1073 O  OD1 . ASN A 1 144 ? -6.884  11.768  -18.718 1.00 46.06 ? 149 ASN A OD1 1 
ATOM   1074 N  ND2 . ASN A 1 144 ? -8.553  11.394  -20.161 1.00 46.28 ? 149 ASN A ND2 1 
ATOM   1075 N  N   . SER A 1 145 ? -10.013 10.452  -16.759 1.00 43.08 ? 150 SER A N   1 
ATOM   1076 C  CA  . SER A 1 145 ? -10.203 9.029   -16.418 1.00 43.96 ? 150 SER A CA  1 
ATOM   1077 C  C   . SER A 1 145 ? -9.117  8.104   -16.974 1.00 42.94 ? 150 SER A C   1 
ATOM   1078 O  O   . SER A 1 145 ? -8.595  7.268   -16.242 1.00 44.76 ? 150 SER A O   1 
ATOM   1079 C  CB  . SER A 1 145 ? -11.581 8.526   -16.858 1.00 44.22 ? 150 SER A CB  1 
ATOM   1080 O  OG  . SER A 1 145 ? -12.586 8.978   -15.969 1.00 46.44 ? 150 SER A OG  1 
ATOM   1081 N  N   . ALA A 1 146 ? -8.779  8.269   -18.250 1.00 42.21 ? 151 ALA A N   1 
ATOM   1082 C  CA  . ALA A 1 146 ? -7.818  7.391   -18.926 1.00 41.05 ? 151 ALA A CA  1 
ATOM   1083 C  C   . ALA A 1 146 ? -6.392  7.530   -18.382 1.00 40.28 ? 151 ALA A C   1 
ATOM   1084 O  O   . ALA A 1 146 ? -5.686  6.533   -18.240 1.00 40.84 ? 151 ALA A O   1 
ATOM   1085 C  CB  . ALA A 1 146 ? -7.842  7.632   -20.429 1.00 41.33 ? 151 ALA A CB  1 
ATOM   1086 N  N   . ALA A 1 147 ? -5.974  8.760   -18.086 1.00 40.27 ? 152 ALA A N   1 
ATOM   1087 C  CA  . ALA A 1 147 ? -4.686  9.003   -17.418 1.00 39.75 ? 152 ALA A CA  1 
ATOM   1088 C  C   . ALA A 1 147 ? -4.670  8.420   -16.007 1.00 39.18 ? 152 ALA A C   1 
ATOM   1089 O  O   . ALA A 1 147 ? -3.667  7.841   -15.591 1.00 40.10 ? 152 ALA A O   1 
ATOM   1090 C  CB  . ALA A 1 147 ? -4.368  10.491  -17.373 1.00 39.12 ? 152 ALA A CB  1 
ATOM   1091 N  N   . MET A 1 148 ? -5.774  8.570   -15.278 1.00 39.31 ? 153 MET A N   1 
ATOM   1092 C  CA  . MET A 1 148 ? -5.908  7.956   -13.949 1.00 41.57 ? 153 MET A CA  1 
ATOM   1093 C  C   . MET A 1 148 ? -5.909  6.423   -14.005 1.00 39.99 ? 153 MET A C   1 
ATOM   1094 O  O   . MET A 1 148 ? -5.341  5.780   -13.128 1.00 38.04 ? 153 MET A O   1 
ATOM   1095 C  CB  . MET A 1 148 ? -7.159  8.458   -13.215 1.00 43.58 ? 153 MET A CB  1 
ATOM   1096 C  CG  . MET A 1 148 ? -6.946  9.743   -12.435 1.00 45.57 ? 153 MET A CG  1 
ATOM   1097 S  SD  . MET A 1 148 ? -6.162  9.473   -10.830 1.00 50.35 ? 153 MET A SD  1 
ATOM   1098 C  CE  . MET A 1 148 ? -4.503  10.073  -11.125 1.00 50.70 ? 153 MET A CE  1 
ATOM   1099 N  N   . MET A 1 149 ? -6.547  5.851   -15.025 1.00 40.40 ? 154 MET A N   1 
ATOM   1100 C  CA  . MET A 1 149 ? -6.491  4.399   -15.256 1.00 41.88 ? 154 MET A CA  1 
ATOM   1101 C  C   . MET A 1 149 ? -5.082  3.932   -15.619 1.00 39.70 ? 154 MET A C   1 
ATOM   1102 O  O   . MET A 1 149 ? -4.642  2.884   -15.139 1.00 39.14 ? 154 MET A O   1 
ATOM   1103 C  CB  . MET A 1 149 ? -7.482  3.958   -16.340 1.00 45.46 ? 154 MET A CB  1 
ATOM   1104 C  CG  . MET A 1 149 ? -8.906  3.786   -15.832 1.00 49.13 ? 154 MET A CG  1 
ATOM   1105 S  SD  . MET A 1 149 ? -10.063 3.189   -17.085 1.00 55.20 ? 154 MET A SD  1 
ATOM   1106 C  CE  . MET A 1 149 ? -9.410  1.556   -17.434 1.00 54.16 ? 154 MET A CE  1 
ATOM   1107 N  N   . ALA A 1 150 ? -4.389  4.707   -16.459 1.00 37.19 ? 155 ALA A N   1 
ATOM   1108 C  CA  . ALA A 1 150 ? -2.996  4.432   -16.819 1.00 36.14 ? 155 ALA A CA  1 
ATOM   1109 C  C   . ALA A 1 150 ? -2.079  4.546   -15.601 1.00 34.75 ? 155 ALA A C   1 
ATOM   1110 O  O   . ALA A 1 150 ? -1.212  3.700   -15.387 1.00 33.85 ? 155 ALA A O   1 
ATOM   1111 C  CB  . ALA A 1 150 ? -2.534  5.377   -17.920 1.00 36.42 ? 155 ALA A CB  1 
ATOM   1112 N  N   . TYR A 1 151 ? -2.278  5.606   -14.822 1.00 33.34 ? 156 TYR A N   1 
ATOM   1113 C  CA  . TYR A 1 151 ? -1.597  5.800   -13.534 1.00 32.82 ? 156 TYR A CA  1 
ATOM   1114 C  C   . TYR A 1 151 ? -1.828  4.616   -12.571 1.00 31.09 ? 156 TYR A C   1 
ATOM   1115 O  O   . TYR A 1 151 ? -0.902  4.166   -11.893 1.00 30.62 ? 156 TYR A O   1 
ATOM   1116 C  CB  . TYR A 1 151 ? -2.084  7.120   -12.910 1.00 32.96 ? 156 TYR A CB  1 
ATOM   1117 C  CG  . TYR A 1 151 ? -1.473  7.514   -11.580 1.00 33.07 ? 156 TYR A CG  1 
ATOM   1118 C  CD1 . TYR A 1 151 ? -0.247  8.170   -11.520 1.00 33.23 ? 156 TYR A CD1 1 
ATOM   1119 C  CD2 . TYR A 1 151 ? -2.144  7.269   -10.383 1.00 33.86 ? 156 TYR A CD2 1 
ATOM   1120 C  CE1 . TYR A 1 151 ? 0.306   8.551   -10.307 1.00 33.18 ? 156 TYR A CE1 1 
ATOM   1121 C  CE2 . TYR A 1 151 ? -1.602  7.650   -9.164  1.00 33.95 ? 156 TYR A CE2 1 
ATOM   1122 C  CZ  . TYR A 1 151 ? -0.376  8.292   -9.132  1.00 33.98 ? 156 TYR A CZ  1 
ATOM   1123 O  OH  . TYR A 1 151 ? 0.172   8.669   -7.927  1.00 33.60 ? 156 TYR A OH  1 
ATOM   1124 N  N   . SER A 1 152 ? -3.057  4.109   -12.537 1.00 30.05 ? 157 SER A N   1 
ATOM   1125 C  CA  . SER A 1 152 ? -3.429  3.005   -11.638 1.00 30.20 ? 157 SER A CA  1 
ATOM   1126 C  C   . SER A 1 152 ? -2.770  1.663   -11.982 1.00 29.76 ? 157 SER A C   1 
ATOM   1127 O  O   . SER A 1 152 ? -2.321  0.956   -11.084 1.00 28.79 ? 157 SER A O   1 
ATOM   1128 C  CB  . SER A 1 152 ? -4.950  2.830   -11.597 1.00 29.59 ? 157 SER A CB  1 
ATOM   1129 O  OG  . SER A 1 152 ? -5.580  3.982   -11.070 1.00 29.74 ? 157 SER A OG  1 
ATOM   1130 N  N   . VAL A 1 153 ? -2.739  1.313   -13.267 1.00 29.93 ? 158 VAL A N   1 
ATOM   1131 C  CA  . VAL A 1 153 ? -2.081  0.077   -13.713 1.00 30.78 ? 158 VAL A CA  1 
ATOM   1132 C  C   . VAL A 1 153 ? -0.572  0.112   -13.444 1.00 30.48 ? 158 VAL A C   1 
ATOM   1133 O  O   . VAL A 1 153 ? 0.007   -0.894  -13.034 1.00 29.99 ? 158 VAL A O   1 
ATOM   1134 C  CB  . VAL A 1 153 ? -2.406  -0.294  -15.194 1.00 31.66 ? 158 VAL A CB  1 
ATOM   1135 C  CG1 . VAL A 1 153 ? -1.990  0.787   -16.181 1.00 32.65 ? 158 VAL A CG1 1 
ATOM   1136 C  CG2 . VAL A 1 153 ? -1.763  -1.623  -15.574 1.00 31.64 ? 158 VAL A CG2 1 
ATOM   1137 N  N   . ILE A 1 154 ? 0.045   1.276   -13.642 1.00 31.01 ? 159 ILE A N   1 
ATOM   1138 C  CA  . ILE A 1 154 ? 1.477   1.472   -13.387 1.00 30.62 ? 159 ILE A CA  1 
ATOM   1139 C  C   . ILE A 1 154 ? 1.785   1.351   -11.897 1.00 30.50 ? 159 ILE A C   1 
ATOM   1140 O  O   . ILE A 1 154 ? 2.741   0.674   -11.515 1.00 31.40 ? 159 ILE A O   1 
ATOM   1141 C  CB  . ILE A 1 154 ? 1.973   2.826   -13.960 1.00 31.51 ? 159 ILE A CB  1 
ATOM   1142 C  CG1 . ILE A 1 154 ? 1.967   2.764   -15.495 1.00 32.02 ? 159 ILE A CG1 1 
ATOM   1143 C  CG2 . ILE A 1 154 ? 3.375   3.176   -13.461 1.00 31.59 ? 159 ILE A CG2 1 
ATOM   1144 C  CD1 . ILE A 1 154 ? 2.153   4.104   -16.174 1.00 32.79 ? 159 ILE A CD1 1 
ATOM   1145 N  N   . GLY A 1 155 ? 0.983   2.009   -11.064 1.00 30.34 ? 160 GLY A N   1 
ATOM   1146 C  CA  . GLY A 1 155 ? 1.093   1.874   -9.608  1.00 30.02 ? 160 GLY A CA  1 
ATOM   1147 C  C   . GLY A 1 155 ? 0.887   0.448   -9.117  1.00 30.16 ? 160 GLY A C   1 
ATOM   1148 O  O   . GLY A 1 155 ? 1.611   -0.021  -8.230  1.00 30.18 ? 160 GLY A O   1 
ATOM   1149 N  N   . THR A 1 156 ? -0.090  -0.246  -9.703  1.00 30.46 ? 161 THR A N   1 
ATOM   1150 C  CA  . THR A 1 156 ? -0.313  -1.674  -9.422  1.00 31.13 ? 161 THR A CA  1 
ATOM   1151 C  C   . THR A 1 156 ? 0.944   -2.516  -9.687  1.00 31.89 ? 161 THR A C   1 
ATOM   1152 O  O   . THR A 1 156 ? 1.286   -3.380  -8.877  1.00 31.48 ? 161 THR A O   1 
ATOM   1153 C  CB  . THR A 1 156 ? -1.501  -2.231  -10.238 1.00 30.99 ? 161 THR A CB  1 
ATOM   1154 O  OG1 . THR A 1 156 ? -2.712  -1.591  -9.813  1.00 30.85 ? 161 THR A OG1 1 
ATOM   1155 C  CG2 . THR A 1 156 ? -1.648  -3.751  -10.068 1.00 31.39 ? 161 THR A CG2 1 
ATOM   1156 N  N   . ILE A 1 157 ? 1.622   -2.250  -10.807 1.00 32.39 ? 162 ILE A N   1 
ATOM   1157 C  CA  . ILE A 1 157 ? 2.832   -2.989  -11.194 1.00 32.87 ? 162 ILE A CA  1 
ATOM   1158 C  C   . ILE A 1 157 ? 4.008   -2.667  -10.270 1.00 33.40 ? 162 ILE A C   1 
ATOM   1159 O  O   . ILE A 1 157 ? 4.746   -3.570  -9.874  1.00 33.70 ? 162 ILE A O   1 
ATOM   1160 C  CB  . ILE A 1 157 ? 3.218   -2.725  -12.672 1.00 33.07 ? 162 ILE A CB  1 
ATOM   1161 C  CG1 . ILE A 1 157 ? 2.150   -3.308  -13.604 1.00 33.15 ? 162 ILE A CG1 1 
ATOM   1162 C  CG2 . ILE A 1 157 ? 4.576   -3.339  -13.014 1.00 32.84 ? 162 ILE A CG2 1 
ATOM   1163 C  CD1 . ILE A 1 157 ? 2.238   -2.814  -15.033 1.00 33.67 ? 162 ILE A CD1 1 
ATOM   1164 N  N   . VAL A 1 158 ? 4.179   -1.390  -9.933  1.00 33.50 ? 163 VAL A N   1 
ATOM   1165 C  CA  . VAL A 1 158 ? 5.273   -0.961  -9.056  1.00 33.54 ? 163 VAL A CA  1 
ATOM   1166 C  C   . VAL A 1 158 ? 5.117   -1.572  -7.663  1.00 33.93 ? 163 VAL A C   1 
ATOM   1167 O  O   . VAL A 1 158 ? 6.053   -2.180  -7.144  1.00 34.31 ? 163 VAL A O   1 
ATOM   1168 C  CB  . VAL A 1 158 ? 5.370   0.586   -8.971  1.00 33.47 ? 163 VAL A CB  1 
ATOM   1169 C  CG1 . VAL A 1 158 ? 6.336   1.037   -7.877  1.00 33.63 ? 163 VAL A CG1 1 
ATOM   1170 C  CG2 . VAL A 1 158 ? 5.805   1.159   -10.311 1.00 33.29 ? 163 VAL A CG2 1 
ATOM   1171 N  N   . PHE A 1 159 ? 3.939   -1.417  -7.067  1.00 35.22 ? 164 PHE A N   1 
ATOM   1172 C  CA  . PHE A 1 159 ? 3.696   -1.944  -5.718  1.00 36.10 ? 164 PHE A CA  1 
ATOM   1173 C  C   . PHE A 1 159 ? 3.544   -3.477  -5.662  1.00 36.65 ? 164 PHE A C   1 
ATOM   1174 O  O   . PHE A 1 159 ? 3.724   -4.073  -4.595  1.00 38.20 ? 164 PHE A O   1 
ATOM   1175 C  CB  . PHE A 1 159 ? 2.529   -1.206  -5.042  1.00 36.17 ? 164 PHE A CB  1 
ATOM   1176 C  CG  . PHE A 1 159 ? 2.894   0.181   -4.576  1.00 35.87 ? 164 PHE A CG  1 
ATOM   1177 C  CD1 . PHE A 1 159 ? 3.637   0.359   -3.415  1.00 35.64 ? 164 PHE A CD1 1 
ATOM   1178 C  CD2 . PHE A 1 159 ? 2.527   1.307   -5.308  1.00 36.23 ? 164 PHE A CD2 1 
ATOM   1179 C  CE1 . PHE A 1 159 ? 3.994   1.628   -2.983  1.00 35.68 ? 164 PHE A CE1 1 
ATOM   1180 C  CE2 . PHE A 1 159 ? 2.885   2.580   -4.885  1.00 35.86 ? 164 PHE A CE2 1 
ATOM   1181 C  CZ  . PHE A 1 159 ? 3.617   2.741   -3.719  1.00 35.74 ? 164 PHE A CZ  1 
ATOM   1182 N  N   . SER A 1 160 ? 3.243   -4.113  -6.797  1.00 36.54 ? 165 SER A N   1 
ATOM   1183 C  CA  . SER A 1 160 ? 3.342   -5.580  -6.907  1.00 36.43 ? 165 SER A CA  1 
ATOM   1184 C  C   . SER A 1 160 ? 4.805   -6.040  -6.884  1.00 35.87 ? 165 SER A C   1 
ATOM   1185 O  O   . SER A 1 160 ? 5.148   -7.013  -6.210  1.00 34.88 ? 165 SER A O   1 
ATOM   1186 C  CB  . SER A 1 160 ? 2.653   -6.092  -8.178  1.00 36.48 ? 165 SER A CB  1 
ATOM   1187 O  OG  . SER A 1 160 ? 1.245   -5.963  -8.075  1.00 36.50 ? 165 SER A OG  1 
ATOM   1188 N  N   . LEU A 1 161 ? 5.654   -5.332  -7.629  1.00 36.16 ? 166 LEU A N   1 
ATOM   1189 C  CA  . LEU A 1 161 ? 7.096   -5.601  -7.640  1.00 35.80 ? 166 LEU A CA  1 
ATOM   1190 C  C   . LEU A 1 161 ? 7.781   -5.339  -6.291  1.00 34.80 ? 166 LEU A C   1 
ATOM   1191 O  O   . LEU A 1 161 ? 8.751   -6.021  -5.954  1.00 33.80 ? 166 LEU A O   1 
ATOM   1192 C  CB  . LEU A 1 161 ? 7.799   -4.811  -8.753  1.00 37.01 ? 166 LEU A CB  1 
ATOM   1193 C  CG  . LEU A 1 161 ? 8.020   -5.553  -10.077 1.00 38.55 ? 166 LEU A CG  1 
ATOM   1194 C  CD1 . LEU A 1 161 ? 6.720   -5.936  -10.775 1.00 39.14 ? 166 LEU A CD1 1 
ATOM   1195 C  CD2 . LEU A 1 161 ? 8.888   -4.703  -10.998 1.00 38.64 ? 166 LEU A CD2 1 
ATOM   1196 N  N   . TYR A 1 162 ? 7.292   -4.358  -5.531  1.00 34.03 ? 167 TYR A N   1 
ATOM   1197 C  CA  . TYR A 1 162 ? 7.817   -4.102  -4.174  1.00 34.19 ? 167 TYR A CA  1 
ATOM   1198 C  C   . TYR A 1 162 ? 7.564   -5.245  -3.194  1.00 32.85 ? 167 TYR A C   1 
ATOM   1199 O  O   . TYR A 1 162 ? 8.409   -5.520  -2.343  1.00 32.18 ? 167 TYR A O   1 
ATOM   1200 C  CB  . TYR A 1 162 ? 7.267   -2.798  -3.572  1.00 34.61 ? 167 TYR A CB  1 
ATOM   1201 C  CG  . TYR A 1 162 ? 8.250   -1.650  -3.591  1.00 34.57 ? 167 TYR A CG  1 
ATOM   1202 C  CD1 . TYR A 1 162 ? 9.420   -1.696  -2.828  1.00 34.75 ? 167 TYR A CD1 1 
ATOM   1203 C  CD2 . TYR A 1 162 ? 8.007   -0.511  -4.343  1.00 34.90 ? 167 TYR A CD2 1 
ATOM   1204 C  CE1 . TYR A 1 162 ? 10.325  -0.644  -2.833  1.00 34.99 ? 167 TYR A CE1 1 
ATOM   1205 C  CE2 . TYR A 1 162 ? 8.900   0.549   -4.344  1.00 35.28 ? 167 TYR A CE2 1 
ATOM   1206 C  CZ  . TYR A 1 162 ? 10.060  0.480   -3.592  1.00 35.51 ? 167 TYR A CZ  1 
ATOM   1207 O  OH  . TYR A 1 162 ? 10.952  1.530   -3.603  1.00 36.40 ? 167 TYR A OH  1 
ATOM   1208 N  N   . ILE A 1 163 ? 6.412   -5.902  -3.312  1.00 32.52 ? 168 ILE A N   1 
ATOM   1209 C  CA  . ILE A 1 163 ? 6.104   -7.060  -2.467  1.00 32.60 ? 168 ILE A CA  1 
ATOM   1210 C  C   . ILE A 1 163 ? 7.094   -8.193  -2.767  1.00 31.73 ? 168 ILE A C   1 
ATOM   1211 O  O   . ILE A 1 163 ? 7.681   -8.769  -1.846  1.00 31.00 ? 168 ILE A O   1 
ATOM   1212 C  CB  . ILE A 1 163 ? 4.651   -7.542  -2.656  1.00 33.47 ? 168 ILE A CB  1 
ATOM   1213 C  CG1 . ILE A 1 163 ? 3.664   -6.468  -2.180  1.00 34.36 ? 168 ILE A CG1 1 
ATOM   1214 C  CG2 . ILE A 1 163 ? 4.402   -8.838  -1.886  1.00 34.34 ? 168 ILE A CG2 1 
ATOM   1215 C  CD1 . ILE A 1 163 ? 2.301   -6.565  -2.833  1.00 35.31 ? 168 ILE A CD1 1 
ATOM   1216 N  N   . LEU A 1 164 ? 7.279   -8.484  -4.054  1.00 30.58 ? 169 LEU A N   1 
ATOM   1217 C  CA  . LEU A 1 164 ? 8.263   -9.474  -4.506  1.00 30.16 ? 169 LEU A CA  1 
ATOM   1218 C  C   . LEU A 1 164 ? 9.650   -9.142  -3.959  1.00 30.46 ? 169 LEU A C   1 
ATOM   1219 O  O   . LEU A 1 164 ? 10.311  -9.995  -3.371  1.00 29.65 ? 169 LEU A O   1 
ATOM   1220 C  CB  . LEU A 1 164 ? 8.311   -9.521  -6.038  1.00 30.05 ? 169 LEU A CB  1 
ATOM   1221 C  CG  . LEU A 1 164 ? 9.166   -10.615 -6.686  1.00 29.85 ? 169 LEU A CG  1 
ATOM   1222 C  CD1 . LEU A 1 164 ? 8.507   -11.976 -6.502  1.00 30.46 ? 169 LEU A CD1 1 
ATOM   1223 C  CD2 . LEU A 1 164 ? 9.389   -10.323 -8.161  1.00 29.55 ? 169 LEU A CD2 1 
ATOM   1224 N  N   . TYR A 1 165 ? 10.065  -7.892  -4.156  1.00 30.91 ? 170 TYR A N   1 
ATOM   1225 C  CA  . TYR A 1 165 ? 11.343  -7.382  -3.652  1.00 31.62 ? 170 TYR A CA  1 
ATOM   1226 C  C   . TYR A 1 165 ? 11.473  -7.494  -2.126  1.00 31.86 ? 170 TYR A C   1 
ATOM   1227 O  O   . TYR A 1 165 ? 12.478  -8.001  -1.631  1.00 31.87 ? 170 TYR A O   1 
ATOM   1228 C  CB  . TYR A 1 165 ? 11.536  -5.924  -4.105  1.00 32.41 ? 170 TYR A CB  1 
ATOM   1229 C  CG  . TYR A 1 165 ? 12.766  -5.232  -3.560  1.00 33.10 ? 170 TYR A CG  1 
ATOM   1230 C  CD1 . TYR A 1 165 ? 14.025  -5.461  -4.113  1.00 33.64 ? 170 TYR A CD1 1 
ATOM   1231 C  CD2 . TYR A 1 165 ? 12.672  -4.339  -2.493  1.00 33.31 ? 170 TYR A CD2 1 
ATOM   1232 C  CE1 . TYR A 1 165 ? 15.156  -4.823  -3.615  1.00 33.99 ? 170 TYR A CE1 1 
ATOM   1233 C  CE2 . TYR A 1 165 ? 13.794  -3.697  -1.990  1.00 34.06 ? 170 TYR A CE2 1 
ATOM   1234 C  CZ  . TYR A 1 165 ? 15.032  -3.939  -2.556  1.00 33.88 ? 170 TYR A CZ  1 
ATOM   1235 O  OH  . TYR A 1 165 ? 16.140  -3.306  -2.052  1.00 35.13 ? 170 TYR A OH  1 
ATOM   1236 N  N   . ASP A 1 166 ? 10.461  -7.037  -1.390  1.00 32.75 ? 171 ASP A N   1 
ATOM   1237 C  CA  . ASP A 1 166 ? 10.534  -7.001  0.085   1.00 34.10 ? 171 ASP A CA  1 
ATOM   1238 C  C   . ASP A 1 166 ? 10.685  -8.376  0.746   1.00 33.32 ? 171 ASP A C   1 
ATOM   1239 O  O   . ASP A 1 166 ? 11.536  -8.541  1.623   1.00 32.83 ? 171 ASP A O   1 
ATOM   1240 C  CB  . ASP A 1 166 ? 9.330   -6.258  0.690   1.00 35.87 ? 171 ASP A CB  1 
ATOM   1241 C  CG  . ASP A 1 166 ? 9.535   -4.745  0.752   1.00 38.26 ? 171 ASP A CG  1 
ATOM   1242 O  OD1 . ASP A 1 166 ? 10.418  -4.212  0.049   1.00 39.48 ? 171 ASP A OD1 1 
ATOM   1243 O  OD2 . ASP A 1 166 ? 8.808   -4.082  1.524   1.00 42.12 ? 171 ASP A OD2 1 
ATOM   1244 N  N   . LEU A 1 167 ? 9.868   -9.346  0.336   1.00 32.44 ? 172 LEU A N   1 
ATOM   1245 C  CA  . LEU A 1 167 ? 10.008  -10.724 0.826   1.00 31.78 ? 172 LEU A CA  1 
ATOM   1246 C  C   . LEU A 1 167 ? 11.339  -11.355 0.365   1.00 31.99 ? 172 LEU A C   1 
ATOM   1247 O  O   . LEU A 1 167 ? 11.959  -12.129 1.103   1.00 31.11 ? 172 LEU A O   1 
ATOM   1248 C  CB  . LEU A 1 167 ? 8.812   -11.601 0.404   1.00 31.81 ? 172 LEU A CB  1 
ATOM   1249 C  CG  . LEU A 1 167 ? 7.527   -11.580 1.248   1.00 31.49 ? 172 LEU A CG  1 
ATOM   1250 C  CD1 . LEU A 1 167 ? 7.808   -11.951 2.698   1.00 31.64 ? 172 LEU A CD1 1 
ATOM   1251 C  CD2 . LEU A 1 167 ? 6.813   -10.241 1.167   1.00 31.50 ? 172 LEU A CD2 1 
ATOM   1252 N  N   . ASN A 1 168 ? 11.770  -11.009 -0.848  1.00 31.67 ? 173 ASN A N   1 
ATOM   1253 C  CA  . ASN A 1 168 ? 13.059  -11.449 -1.372  1.00 31.77 ? 173 ASN A CA  1 
ATOM   1254 C  C   . ASN A 1 168 ? 14.245  -10.936 -0.548  1.00 31.84 ? 173 ASN A C   1 
ATOM   1255 O  O   . ASN A 1 168 ? 15.175  -11.691 -0.277  1.00 31.27 ? 173 ASN A O   1 
ATOM   1256 C  CB  . ASN A 1 168 ? 13.210  -11.037 -2.840  1.00 31.56 ? 173 ASN A CB  1 
ATOM   1257 C  CG  . ASN A 1 168 ? 14.457  -11.594 -3.474  1.00 31.78 ? 173 ASN A CG  1 
ATOM   1258 O  OD1 . ASN A 1 168 ? 15.486  -10.923 -3.547  1.00 32.59 ? 173 ASN A OD1 1 
ATOM   1259 N  ND2 . ASN A 1 168 ? 14.380  -12.831 -3.922  1.00 32.07 ? 173 ASN A ND2 1 
ATOM   1260 N  N   . GLN A 1 169 ? 14.213  -9.669  -0.143  1.00 32.10 ? 174 GLN A N   1 
ATOM   1261 C  CA  . GLN A 1 169 ? 15.296  -9.116  0.685   1.00 33.00 ? 174 GLN A CA  1 
ATOM   1262 C  C   . GLN A 1 169 ? 15.265  -9.611  2.130   1.00 33.71 ? 174 GLN A C   1 
ATOM   1263 O  O   . GLN A 1 169 ? 16.318  -9.755  2.743   1.00 34.09 ? 174 GLN A O   1 
ATOM   1264 C  CB  . GLN A 1 169 ? 15.321  -7.585  0.625   1.00 32.55 ? 174 GLN A CB  1 
ATOM   1265 C  CG  . GLN A 1 169 ? 15.629  -7.033  -0.758  1.00 32.69 ? 174 GLN A CG  1 
ATOM   1266 C  CD  . GLN A 1 169 ? 16.929  -7.569  -1.339  1.00 32.43 ? 174 GLN A CD  1 
ATOM   1267 O  OE1 . GLN A 1 169 ? 18.009  -7.144  -0.945  1.00 33.29 ? 174 GLN A OE1 1 
ATOM   1268 N  NE2 . GLN A 1 169 ? 16.825  -8.510  -2.277  1.00 31.72 ? 174 GLN A NE2 1 
ATOM   1269 N  N   . ILE A 1 170 ? 14.079  -9.896  2.666   1.00 34.86 ? 175 ILE A N   1 
ATOM   1270 C  CA  . ILE A 1 170 ? 13.978  -10.523 3.993   1.00 35.67 ? 175 ILE A CA  1 
ATOM   1271 C  C   . ILE A 1 170 ? 14.714  -11.880 4.026   1.00 36.40 ? 175 ILE A C   1 
ATOM   1272 O  O   . ILE A 1 170 ? 15.431  -12.165 4.983   1.00 36.49 ? 175 ILE A O   1 
ATOM   1273 C  CB  . ILE A 1 170 ? 12.506  -10.652 4.457   1.00 35.45 ? 175 ILE A CB  1 
ATOM   1274 C  CG1 . ILE A 1 170 ? 11.939  -9.261  4.777   1.00 36.06 ? 175 ILE A CG1 1 
ATOM   1275 C  CG2 . ILE A 1 170 ? 12.379  -11.548 5.691   1.00 35.23 ? 175 ILE A CG2 1 
ATOM   1276 C  CD1 . ILE A 1 170 ? 10.424  -9.176  4.731   1.00 36.47 ? 175 ILE A CD1 1 
ATOM   1277 N  N   . LYS A 1 171 ? 14.551  -12.693 2.981   1.00 37.29 ? 176 LYS A N   1 
ATOM   1278 C  CA  . LYS A 1 171 ? 15.267  -13.975 2.871   1.00 39.05 ? 176 LYS A CA  1 
ATOM   1279 C  C   . LYS A 1 171 ? 16.762  -13.786 2.595   1.00 37.81 ? 176 LYS A C   1 
ATOM   1280 O  O   . LYS A 1 171 ? 17.597  -14.406 3.253   1.00 36.63 ? 176 LYS A O   1 
ATOM   1281 C  CB  . LYS A 1 171 ? 14.651  -14.854 1.769   1.00 40.77 ? 176 LYS A CB  1 
ATOM   1282 C  CG  . LYS A 1 171 ? 15.351  -16.200 1.535   1.00 41.95 ? 176 LYS A CG  1 
ATOM   1283 C  CD  . LYS A 1 171 ? 15.089  -16.745 0.131   1.00 44.09 ? 176 LYS A CD  1 
ATOM   1284 C  CE  . LYS A 1 171 ? 16.281  -17.478 -0.480  1.00 45.12 ? 176 LYS A CE  1 
ATOM   1285 N  NZ  . LYS A 1 171 ? 16.024  -18.938 -0.639  1.00 45.96 ? 176 LYS A NZ  1 
ATOM   1286 N  N   . HIS A 1 172 ? 17.086  -12.944 1.615   1.00 37.81 ? 177 HIS A N   1 
ATOM   1287 C  CA  . HIS A 1 172 ? 18.467  -12.814 1.121   1.00 37.31 ? 177 HIS A CA  1 
ATOM   1288 C  C   . HIS A 1 172 ? 19.406  -11.946 1.985   1.00 36.82 ? 177 HIS A C   1 
ATOM   1289 O  O   . HIS A 1 172 ? 20.618  -12.149 1.936   1.00 37.48 ? 177 HIS A O   1 
ATOM   1290 C  CB  . HIS A 1 172 ? 18.472  -12.342 -0.345  1.00 36.33 ? 177 HIS A CB  1 
ATOM   1291 C  CG  . HIS A 1 172 ? 18.123  -13.423 -1.323  1.00 36.85 ? 177 HIS A CG  1 
ATOM   1292 N  ND1 . HIS A 1 172 ? 19.054  -14.323 -1.795  1.00 37.57 ? 177 HIS A ND1 1 
ATOM   1293 C  CD2 . HIS A 1 172 ? 16.948  -13.758 -1.911  1.00 37.57 ? 177 HIS A CD2 1 
ATOM   1294 C  CE1 . HIS A 1 172 ? 18.470  -15.161 -2.632  1.00 37.75 ? 177 HIS A CE1 1 
ATOM   1295 N  NE2 . HIS A 1 172 ? 17.192  -14.841 -2.721  1.00 37.66 ? 177 HIS A NE2 1 
ATOM   1296 N  N   . ARG A 1 173 ? 18.865  -11.002 2.761   1.00 36.85 ? 178 ARG A N   1 
ATOM   1297 C  CA  . ARG A 1 173 ? 19.678  -10.115 3.629   1.00 37.41 ? 178 ARG A CA  1 
ATOM   1298 C  C   . ARG A 1 173 ? 19.696  -10.595 5.081   1.00 36.63 ? 178 ARG A C   1 
ATOM   1299 O  O   . ARG A 1 173 ? 18.768  -11.276 5.526   1.00 35.74 ? 178 ARG A O   1 
ATOM   1300 C  CB  . ARG A 1 173 ? 19.138  -8.676  3.615   1.00 38.10 ? 178 ARG A CB  1 
ATOM   1301 C  CG  . ARG A 1 173 ? 19.056  -7.995  2.248   1.00 38.84 ? 178 ARG A CG  1 
ATOM   1302 C  CD  . ARG A 1 173 ? 20.367  -7.333  1.839   1.00 39.10 ? 178 ARG A CD  1 
ATOM   1303 N  NE  . ARG A 1 173 ? 21.386  -8.313  1.470   1.00 39.86 ? 178 ARG A NE  1 
ATOM   1304 C  CZ  . ARG A 1 173 ? 21.435  -8.983  0.316   1.00 39.95 ? 178 ARG A CZ  1 
ATOM   1305 N  NH1 . ARG A 1 173 ? 22.419  -9.852  0.109   1.00 40.25 ? 178 ARG A NH1 1 
ATOM   1306 N  NH2 . ARG A 1 173 ? 20.511  -8.806  -0.629  1.00 40.26 ? 178 ARG A NH2 1 
ATOM   1307 N  N   . HIS A 1 174 ? 20.744  -10.220 5.817   1.00 36.94 ? 179 HIS A N   1 
ATOM   1308 C  CA  . HIS A 1 174 ? 20.799  -10.459 7.264   1.00 37.89 ? 179 HIS A CA  1 
ATOM   1309 C  C   . HIS A 1 174 ? 20.008  -9.373  8.006   1.00 38.29 ? 179 HIS A C   1 
ATOM   1310 O  O   . HIS A 1 174 ? 20.542  -8.321  8.358   1.00 40.04 ? 179 HIS A O   1 
ATOM   1311 C  CB  . HIS A 1 174 ? 22.246  -10.550 7.774   1.00 37.81 ? 179 HIS A CB  1 
ATOM   1312 C  CG  . HIS A 1 174 ? 22.355  -10.974 9.211   1.00 38.06 ? 179 HIS A CG  1 
ATOM   1313 N  ND1 . HIS A 1 174 ? 23.445  -10.677 9.999   1.00 37.16 ? 179 HIS A ND1 1 
ATOM   1314 C  CD2 . HIS A 1 174 ? 21.500  -11.660 10.005  1.00 37.94 ? 179 HIS A CD2 1 
ATOM   1315 C  CE1 . HIS A 1 174 ? 23.268  -11.173 11.207  1.00 37.53 ? 179 HIS A CE1 1 
ATOM   1316 N  NE2 . HIS A 1 174 ? 22.092  -11.771 11.240  1.00 38.35 ? 179 HIS A NE2 1 
ATOM   1317 N  N   . ILE A 1 175 ? 18.726  -9.645  8.224   1.00 39.50 ? 180 ILE A N   1 
ATOM   1318 C  CA  . ILE A 1 175 ? 17.831  -8.747  8.944   1.00 39.59 ? 180 ILE A CA  1 
ATOM   1319 C  C   . ILE A 1 175 ? 17.957  -9.040  10.435  1.00 40.02 ? 180 ILE A C   1 
ATOM   1320 O  O   . ILE A 1 175 ? 17.662  -10.149 10.873  1.00 39.51 ? 180 ILE A O   1 
ATOM   1321 C  CB  . ILE A 1 175 ? 16.355  -8.948  8.514   1.00 39.54 ? 180 ILE A CB  1 
ATOM   1322 C  CG1 . ILE A 1 175 ? 16.190  -8.783  6.992   1.00 39.27 ? 180 ILE A CG1 1 
ATOM   1323 C  CG2 . ILE A 1 175 ? 15.428  -8.004  9.282   1.00 39.48 ? 180 ILE A CG2 1 
ATOM   1324 C  CD1 . ILE A 1 175 ? 16.693  -7.467  6.433   1.00 39.34 ? 180 ILE A CD1 1 
ATOM   1325 N  N   . THR A 1 176 ? 18.400  -8.050  11.208  1.00 41.33 ? 181 THR A N   1 
ATOM   1326 C  CA  . THR A 1 176 ? 18.446  -8.166  12.669  1.00 42.10 ? 181 THR A CA  1 
ATOM   1327 C  C   . THR A 1 176 ? 17.049  -7.973  13.288  1.00 42.62 ? 181 THR A C   1 
ATOM   1328 O  O   . THR A 1 176 ? 16.126  -7.478  12.630  1.00 41.44 ? 181 THR A O   1 
ATOM   1329 C  CB  . THR A 1 176 ? 19.435  -7.147  13.274  1.00 41.88 ? 181 THR A CB  1 
ATOM   1330 O  OG1 . THR A 1 176 ? 19.098  -5.824  12.842  1.00 41.29 ? 181 THR A OG1 1 
ATOM   1331 C  CG2 . THR A 1 176 ? 20.854  -7.468  12.839  1.00 42.05 ? 181 THR A CG2 1 
ATOM   1332 N  N   . GLU A 1 177 ? 16.913  -8.370  14.553  1.00 43.81 ? 182 GLU A N   1 
ATOM   1333 C  CA  . GLU A 1 177 ? 15.640  -8.260  15.292  1.00 45.75 ? 182 GLU A CA  1 
ATOM   1334 C  C   . GLU A 1 177 ? 15.113  -6.827  15.458  1.00 44.73 ? 182 GLU A C   1 
ATOM   1335 O  O   . GLU A 1 177 ? 13.902  -6.619  15.549  1.00 44.72 ? 182 GLU A O   1 
ATOM   1336 C  CB  . GLU A 1 177 ? 15.734  -8.951  16.665  1.00 48.01 ? 182 GLU A CB  1 
ATOM   1337 C  CG  . GLU A 1 177 ? 16.673  -8.299  17.678  1.00 50.35 ? 182 GLU A CG  1 
ATOM   1338 C  CD  . GLU A 1 177 ? 16.855  -9.141  18.933  1.00 53.26 ? 182 GLU A CD  1 
ATOM   1339 O  OE1 . GLU A 1 177 ? 15.838  -9.586  19.513  1.00 55.49 ? 182 GLU A OE1 1 
ATOM   1340 O  OE2 . GLU A 1 177 ? 18.016  -9.356  19.352  1.00 56.06 ? 182 GLU A OE2 1 
ATOM   1341 N  N   . ASP A 1 178 ? 16.018  -5.850  15.481  1.00 45.15 ? 183 ASP A N   1 
ATOM   1342 C  CA  . ASP A 1 178 ? 15.637  -4.432  15.608  1.00 45.20 ? 183 ASP A CA  1 
ATOM   1343 C  C   . ASP A 1 178 ? 14.934  -3.833  14.379  1.00 42.62 ? 183 ASP A C   1 
ATOM   1344 O  O   . ASP A 1 178 ? 14.347  -2.760  14.482  1.00 41.25 ? 183 ASP A O   1 
ATOM   1345 C  CB  . ASP A 1 178 ? 16.862  -3.581  15.963  1.00 47.09 ? 183 ASP A CB  1 
ATOM   1346 C  CG  . ASP A 1 178 ? 17.418  -3.910  17.339  1.00 50.26 ? 183 ASP A CG  1 
ATOM   1347 O  OD1 . ASP A 1 178 ? 18.040  -4.985  17.490  1.00 54.03 ? 183 ASP A OD1 1 
ATOM   1348 O  OD2 . ASP A 1 178 ? 17.233  -3.098  18.271  1.00 52.20 ? 183 ASP A OD2 1 
ATOM   1349 N  N   . LEU A 1 179 ? 15.002  -4.515  13.233  1.00 41.71 ? 184 LEU A N   1 
ATOM   1350 C  CA  . LEU A 1 179 ? 14.343  -4.072  11.997  1.00 40.91 ? 184 LEU A CA  1 
ATOM   1351 C  C   . LEU A 1 179 ? 13.006  -4.771  11.709  1.00 39.48 ? 184 LEU A C   1 
ATOM   1352 O  O   . LEU A 1 179 ? 12.425  -4.562  10.645  1.00 38.90 ? 184 LEU A O   1 
ATOM   1353 C  CB  . LEU A 1 179 ? 15.298  -4.262  10.810  1.00 40.45 ? 184 LEU A CB  1 
ATOM   1354 C  CG  . LEU A 1 179 ? 16.609  -3.470  10.879  1.00 40.02 ? 184 LEU A CG  1 
ATOM   1355 C  CD1 . LEU A 1 179 ? 17.521  -3.848  9.722   1.00 40.01 ? 184 LEU A CD1 1 
ATOM   1356 C  CD2 . LEU A 1 179 ? 16.341  -1.974  10.873  1.00 39.83 ? 184 LEU A CD2 1 
ATOM   1357 N  N   . ILE A 1 180 ? 12.506  -5.569  12.654  1.00 38.77 ? 185 ILE A N   1 
ATOM   1358 C  CA  . ILE A 1 180 ? 11.226  -6.271  12.477  1.00 38.22 ? 185 ILE A CA  1 
ATOM   1359 C  C   . ILE A 1 180 ? 10.051  -5.288  12.296  1.00 37.69 ? 185 ILE A C   1 
ATOM   1360 O  O   . ILE A 1 180 ? 9.219   -5.503  11.414  1.00 37.52 ? 185 ILE A O   1 
ATOM   1361 C  CB  . ILE A 1 180 ? 10.950  -7.295  13.619  1.00 38.58 ? 185 ILE A CB  1 
ATOM   1362 C  CG1 . ILE A 1 180 ? 11.999  -8.417  13.599  1.00 38.51 ? 185 ILE A CG1 1 
ATOM   1363 C  CG2 . ILE A 1 180 ? 9.553   -7.906  13.492  1.00 39.26 ? 185 ILE A CG2 1 
ATOM   1364 C  CD1 . ILE A 1 180 ? 12.079  -9.223  14.879  1.00 38.70 ? 185 ILE A CD1 1 
ATOM   1365 N  N   . PRO A 1 181 ? 9.986   -4.207  13.109  1.00 38.03 ? 186 PRO A N   1 
ATOM   1366 C  CA  . PRO A 1 181 ? 8.903   -3.226  12.912  1.00 36.92 ? 186 PRO A CA  1 
ATOM   1367 C  C   . PRO A 1 181 ? 8.925   -2.533  11.551  1.00 35.82 ? 186 PRO A C   1 
ATOM   1368 O  O   . PRO A 1 181 ? 7.894   -2.493  10.879  1.00 36.15 ? 186 PRO A O   1 
ATOM   1369 C  CB  . PRO A 1 181 ? 9.126   -2.198  14.038  1.00 37.37 ? 186 PRO A CB  1 
ATOM   1370 C  CG  . PRO A 1 181 ? 9.949   -2.902  15.057  1.00 38.21 ? 186 PRO A CG  1 
ATOM   1371 C  CD  . PRO A 1 181 ? 10.789  -3.900  14.311  1.00 38.23 ? 186 PRO A CD  1 
ATOM   1372 N  N   . VAL A 1 182 ? 10.082  -2.001  11.154  1.00 34.72 ? 187 VAL A N   1 
ATOM   1373 C  CA  . VAL A 1 182 ? 10.201  -1.267  9.881   1.00 34.99 ? 187 VAL A CA  1 
ATOM   1374 C  C   . VAL A 1 182 ? 9.934   -2.138  8.637   1.00 35.04 ? 187 VAL A C   1 
ATOM   1375 O  O   . VAL A 1 182 ? 9.343   -1.658  7.671   1.00 34.62 ? 187 VAL A O   1 
ATOM   1376 C  CB  . VAL A 1 182 ? 11.556  -0.505  9.759   1.00 34.67 ? 187 VAL A CB  1 
ATOM   1377 C  CG1 . VAL A 1 182 ? 12.746  -1.444  9.597   1.00 34.31 ? 187 VAL A CG1 1 
ATOM   1378 C  CG2 . VAL A 1 182 ? 11.515  0.493   8.608   1.00 35.06 ? 187 VAL A CG2 1 
ATOM   1379 N  N   . MET A 1 183 ? 10.357  -3.402  8.675   1.00 36.09 ? 188 MET A N   1 
ATOM   1380 C  CA  . MET A 1 183 ? 10.099  -4.352  7.579   1.00 37.35 ? 188 MET A CA  1 
ATOM   1381 C  C   . MET A 1 183 ? 8.618   -4.738  7.438   1.00 35.31 ? 188 MET A C   1 
ATOM   1382 O  O   . MET A 1 183 ? 8.137   -4.932  6.318   1.00 34.37 ? 188 MET A O   1 
ATOM   1383 C  CB  . MET A 1 183 ? 10.952  -5.618  7.745   1.00 39.73 ? 188 MET A CB  1 
ATOM   1384 C  CG  . MET A 1 183 ? 12.445  -5.391  7.571   1.00 42.89 ? 188 MET A CG  1 
ATOM   1385 S  SD  . MET A 1 183 ? 12.906  -5.022  5.869   1.00 48.93 ? 188 MET A SD  1 
ATOM   1386 C  CE  . MET A 1 183 ? 14.585  -4.445  6.094   1.00 49.72 ? 188 MET A CE  1 
ATOM   1387 N  N   . ALA A 1 184 ? 7.908   -4.856  8.561   1.00 33.78 ? 189 ALA A N   1 
ATOM   1388 C  CA  . ALA A 1 184 ? 6.460   -5.139  8.552   1.00 33.01 ? 189 ALA A CA  1 
ATOM   1389 C  C   . ALA A 1 184 ? 5.639   -3.923  8.106   1.00 32.46 ? 189 ALA A C   1 
ATOM   1390 O  O   . ALA A 1 184 ? 4.637   -4.059  7.402   1.00 31.05 ? 189 ALA A O   1 
ATOM   1391 C  CB  . ALA A 1 184 ? 6.002   -5.601  9.925   1.00 33.06 ? 189 ALA A CB  1 
ATOM   1392 N  N   . LEU A 1 185 ? 6.070   -2.739  8.531   1.00 32.88 ? 190 LEU A N   1 
ATOM   1393 C  CA  . LEU A 1 185 ? 5.458   -1.483  8.104   1.00 32.86 ? 190 LEU A CA  1 
ATOM   1394 C  C   . LEU A 1 185 ? 5.550   -1.296  6.587   1.00 32.61 ? 190 LEU A C   1 
ATOM   1395 O  O   . LEU A 1 185 ? 4.570   -0.910  5.953   1.00 32.27 ? 190 LEU A O   1 
ATOM   1396 C  CB  . LEU A 1 185 ? 6.117   -0.301  8.821   1.00 32.85 ? 190 LEU A CB  1 
ATOM   1397 C  CG  . LEU A 1 185 ? 5.529   1.087   8.587   1.00 33.17 ? 190 LEU A CG  1 
ATOM   1398 C  CD1 . LEU A 1 185 ? 4.058   1.118   8.971   1.00 33.64 ? 190 LEU A CD1 1 
ATOM   1399 C  CD2 . LEU A 1 185 ? 6.317   2.130   9.365   1.00 33.09 ? 190 LEU A CD2 1 
ATOM   1400 N  N   . SER A 1 186 ? 6.719   -1.576  6.014   1.00 32.48 ? 191 SER A N   1 
ATOM   1401 C  CA  . SER A 1 186 ? 6.889   -1.518  4.556   1.00 32.72 ? 191 SER A CA  1 
ATOM   1402 C  C   . SER A 1 186 ? 5.981   -2.508  3.813   1.00 31.58 ? 191 SER A C   1 
ATOM   1403 O  O   . SER A 1 186 ? 5.425   -2.162  2.777   1.00 31.54 ? 191 SER A O   1 
ATOM   1404 C  CB  . SER A 1 186 ? 8.354   -1.716  4.155   1.00 33.70 ? 191 SER A CB  1 
ATOM   1405 O  OG  . SER A 1 186 ? 9.058   -0.491  4.268   1.00 35.14 ? 191 SER A OG  1 
ATOM   1406 N  N   . LEU A 1 187 ? 5.824   -3.717  4.352   1.00 31.40 ? 192 LEU A N   1 
ATOM   1407 C  CA  . LEU A 1 187 ? 4.841   -4.683  3.830   1.00 31.06 ? 192 LEU A CA  1 
ATOM   1408 C  C   . LEU A 1 187 ? 3.403   -4.142  3.904   1.00 30.95 ? 192 LEU A C   1 
ATOM   1409 O  O   . LEU A 1 187 ? 2.627   -4.332  2.965   1.00 31.11 ? 192 LEU A O   1 
ATOM   1410 C  CB  . LEU A 1 187 ? 4.942   -6.038  4.550   1.00 31.80 ? 192 LEU A CB  1 
ATOM   1411 C  CG  . LEU A 1 187 ? 5.775   -7.150  3.889   1.00 32.76 ? 192 LEU A CG  1 
ATOM   1412 C  CD1 . LEU A 1 187 ? 7.218   -6.755  3.631   1.00 33.29 ? 192 LEU A CD1 1 
ATOM   1413 C  CD2 . LEU A 1 187 ? 5.736   -8.407  4.748   1.00 32.63 ? 192 LEU A CD2 1 
ATOM   1414 N  N   . TYR A 1 188 ? 3.062   -3.475  5.012   1.00 30.31 ? 193 TYR A N   1 
ATOM   1415 C  CA  . TYR A 1 188 ? 1.747   -2.846  5.185   1.00 30.22 ? 193 TYR A CA  1 
ATOM   1416 C  C   . TYR A 1 188 ? 1.482   -1.749  4.146   1.00 30.11 ? 193 TYR A C   1 
ATOM   1417 O  O   . TYR A 1 188 ? 0.414   -1.722  3.535   1.00 28.19 ? 193 TYR A O   1 
ATOM   1418 C  CB  . TYR A 1 188 ? 1.585   -2.266  6.604   1.00 30.79 ? 193 TYR A CB  1 
ATOM   1419 C  CG  . TYR A 1 188 ? 0.292   -1.503  6.785   1.00 30.93 ? 193 TYR A CG  1 
ATOM   1420 C  CD1 . TYR A 1 188 ? -0.906  -2.179  6.964   1.00 31.23 ? 193 TYR A CD1 1 
ATOM   1421 C  CD2 . TYR A 1 188 ? 0.261   -0.109  6.740   1.00 31.43 ? 193 TYR A CD2 1 
ATOM   1422 C  CE1 . TYR A 1 188 ? -2.103  -1.496  7.112   1.00 31.72 ? 193 TYR A CE1 1 
ATOM   1423 C  CE2 . TYR A 1 188 ? -0.932  0.585   6.884   1.00 31.97 ? 193 TYR A CE2 1 
ATOM   1424 C  CZ  . TYR A 1 188 ? -2.117  -0.115  7.068   1.00 32.09 ? 193 TYR A CZ  1 
ATOM   1425 O  OH  . TYR A 1 188 ? -3.322  0.547   7.213   1.00 31.86 ? 193 TYR A OH  1 
ATOM   1426 N  N   . LEU A 1 189 ? 2.448   -0.846  3.977   1.00 31.10 ? 194 LEU A N   1 
ATOM   1427 C  CA  . LEU A 1 189 ? 2.355   0.224   2.971   1.00 31.78 ? 194 LEU A CA  1 
ATOM   1428 C  C   . LEU A 1 189 ? 2.304   -0.312  1.536   1.00 31.69 ? 194 LEU A C   1 
ATOM   1429 O  O   . LEU A 1 189 ? 1.560   0.218   0.712   1.00 31.40 ? 194 LEU A O   1 
ATOM   1430 C  CB  . LEU A 1 189 ? 3.508   1.241   3.104   1.00 32.35 ? 194 LEU A CB  1 
ATOM   1431 C  CG  . LEU A 1 189 ? 3.368   2.434   4.062   1.00 33.07 ? 194 LEU A CG  1 
ATOM   1432 C  CD1 . LEU A 1 189 ? 1.999   3.102   3.963   1.00 33.32 ? 194 LEU A CD1 1 
ATOM   1433 C  CD2 . LEU A 1 189 ? 3.652   2.037   5.497   1.00 33.52 ? 194 LEU A CD2 1 
ATOM   1434 N  N   . ASP A 1 190 ? 3.094   -1.345  1.241   1.00 32.03 ? 195 ASP A N   1 
ATOM   1435 C  CA  . ASP A 1 190 ? 3.013   -2.039  -0.057  1.00 32.67 ? 195 ASP A CA  1 
ATOM   1436 C  C   . ASP A 1 190 ? 1.611   -2.592  -0.330  1.00 31.98 ? 195 ASP A C   1 
ATOM   1437 O  O   . ASP A 1 190 ? 1.109   -2.467  -1.446  1.00 33.26 ? 195 ASP A O   1 
ATOM   1438 C  CB  . ASP A 1 190 ? 4.013   -3.205  -0.130  1.00 33.50 ? 195 ASP A CB  1 
ATOM   1439 C  CG  . ASP A 1 190 ? 5.457   -2.752  -0.237  1.00 33.96 ? 195 ASP A CG  1 
ATOM   1440 O  OD1 . ASP A 1 190 ? 5.732   -1.602  -0.649  1.00 34.61 ? 195 ASP A OD1 1 
ATOM   1441 O  OD2 . ASP A 1 190 ? 6.332   -3.581  0.091   1.00 35.72 ? 195 ASP A OD2 1 
ATOM   1442 N  N   . PHE A 1 191 ? 1.006   -3.207  0.688   1.00 30.96 ? 196 PHE A N   1 
ATOM   1443 C  CA  . PHE A 1 191 ? -0.351  -3.765  0.600   1.00 30.99 ? 196 PHE A CA  1 
ATOM   1444 C  C   . PHE A 1 191 ? -1.394  -2.672  0.369   1.00 30.75 ? 196 PHE A C   1 
ATOM   1445 O  O   . PHE A 1 191 ? -2.225  -2.774  -0.541  1.00 29.71 ? 196 PHE A O   1 
ATOM   1446 C  CB  . PHE A 1 191 ? -0.699  -4.523  1.893   1.00 31.36 ? 196 PHE A CB  1 
ATOM   1447 C  CG  . PHE A 1 191 ? -1.964  -5.337  1.811   1.00 31.60 ? 196 PHE A CG  1 
ATOM   1448 C  CD1 . PHE A 1 191 ? -3.210  -4.743  2.002   1.00 32.50 ? 196 PHE A CD1 1 
ATOM   1449 C  CD2 . PHE A 1 191 ? -1.912  -6.704  1.567   1.00 32.03 ? 196 PHE A CD2 1 
ATOM   1450 C  CE1 . PHE A 1 191 ? -4.376  -5.497  1.937   1.00 32.94 ? 196 PHE A CE1 1 
ATOM   1451 C  CE2 . PHE A 1 191 ? -3.072  -7.462  1.500   1.00 32.34 ? 196 PHE A CE2 1 
ATOM   1452 C  CZ  . PHE A 1 191 ? -4.306  -6.860  1.684   1.00 32.70 ? 196 PHE A CZ  1 
ATOM   1453 N  N   . ILE A 1 192 ? -1.345  -1.647  1.219   1.00 30.11 ? 197 ILE A N   1 
ATOM   1454 C  CA  . ILE A 1 192 ? -2.295  -0.532  1.179   1.00 29.98 ? 197 ILE A CA  1 
ATOM   1455 C  C   . ILE A 1 192 ? -2.211  0.224   -0.147  1.00 29.34 ? 197 ILE A C   1 
ATOM   1456 O  O   . ILE A 1 192 ? -3.244  0.528   -0.742  1.00 30.12 ? 197 ILE A O   1 
ATOM   1457 C  CB  . ILE A 1 192 ? -2.139  0.394   2.438   1.00 30.62 ? 197 ILE A CB  1 
ATOM   1458 C  CG1 . ILE A 1 192 ? -3.210  0.062   3.488   1.00 31.26 ? 197 ILE A CG1 1 
ATOM   1459 C  CG2 . ILE A 1 192 ? -2.267  1.879   2.116   1.00 30.71 ? 197 ILE A CG2 1 
ATOM   1460 C  CD1 . ILE A 1 192 ? -3.313  -1.404  3.866   1.00 31.31 ? 197 ILE A CD1 1 
ATOM   1461 N  N   . ASN A 1 193 ? -0.997  0.503   -0.615  1.00 28.39 ? 198 ASN A N   1 
ATOM   1462 C  CA  . ASN A 1 193 ? -0.812  1.165   -1.918  1.00 28.29 ? 198 ASN A CA  1 
ATOM   1463 C  C   . ASN A 1 193 ? -1.227  0.321   -3.125  1.00 27.79 ? 198 ASN A C   1 
ATOM   1464 O  O   . ASN A 1 193 ? -1.740  0.865   -4.100  1.00 27.78 ? 198 ASN A O   1 
ATOM   1465 C  CB  . ASN A 1 193 ? 0.621   1.676   -2.085  1.00 27.62 ? 198 ASN A CB  1 
ATOM   1466 C  CG  . ASN A 1 193 ? 0.877   2.925   -1.274  1.00 27.33 ? 198 ASN A CG  1 
ATOM   1467 O  OD1 . ASN A 1 193 ? 0.307   3.979   -1.550  1.00 26.86 ? 198 ASN A OD1 1 
ATOM   1468 N  ND2 . ASN A 1 193 ? 1.720   2.813   -0.258  1.00 27.55 ? 198 ASN A ND2 1 
ATOM   1469 N  N   . LEU A 1 194 ? -1.006  -0.988  -3.064  1.00 27.59 ? 199 LEU A N   1 
ATOM   1470 C  CA  . LEU A 1 194 ? -1.520  -1.902  -4.097  1.00 28.07 ? 199 LEU A CA  1 
ATOM   1471 C  C   . LEU A 1 194 ? -3.053  -1.919  -4.133  1.00 27.75 ? 199 LEU A C   1 
ATOM   1472 O  O   . LEU A 1 194 ? -3.649  -1.951  -5.211  1.00 27.34 ? 199 LEU A O   1 
ATOM   1473 C  CB  . LEU A 1 194 ? -0.990  -3.321  -3.868  1.00 28.30 ? 199 LEU A CB  1 
ATOM   1474 C  CG  . LEU A 1 194 ? -1.388  -4.429  -4.851  1.00 28.28 ? 199 LEU A CG  1 
ATOM   1475 C  CD1 . LEU A 1 194 ? -0.999  -4.064  -6.277  1.00 28.31 ? 199 LEU A CD1 1 
ATOM   1476 C  CD2 . LEU A 1 194 ? -0.756  -5.757  -4.442  1.00 28.36 ? 199 LEU A CD2 1 
ATOM   1477 N  N   . PHE A 1 195 ? -3.673  -1.905  -2.951  1.00 27.91 ? 200 PHE A N   1 
ATOM   1478 C  CA  . PHE A 1 195 ? -5.135  -1.910  -2.814  1.00 28.17 ? 200 PHE A CA  1 
ATOM   1479 C  C   . PHE A 1 195 ? -5.768  -0.649  -3.408  1.00 28.02 ? 200 PHE A C   1 
ATOM   1480 O  O   . PHE A 1 195 ? -6.734  -0.732  -4.172  1.00 27.73 ? 200 PHE A O   1 
ATOM   1481 C  CB  . PHE A 1 195 ? -5.537  -2.060  -1.336  1.00 28.82 ? 200 PHE A CB  1 
ATOM   1482 C  CG  . PHE A 1 195 ? -7.023  -1.993  -1.095  1.00 29.49 ? 200 PHE A CG  1 
ATOM   1483 C  CD1 . PHE A 1 195 ? -7.853  -3.053  -1.467  1.00 29.45 ? 200 PHE A CD1 1 
ATOM   1484 C  CD2 . PHE A 1 195 ? -7.599  -0.873  -0.499  1.00 29.53 ? 200 PHE A CD2 1 
ATOM   1485 C  CE1 . PHE A 1 195 ? -9.220  -2.996  -1.254  1.00 29.00 ? 200 PHE A CE1 1 
ATOM   1486 C  CE2 . PHE A 1 195 ? -8.967  -0.815  -0.280  1.00 29.98 ? 200 PHE A CE2 1 
ATOM   1487 C  CZ  . PHE A 1 195 ? -9.778  -1.877  -0.659  1.00 29.54 ? 200 PHE A CZ  1 
ATOM   1488 N  N   . ILE A 1 196 ? -5.210  0.509   -3.057  1.00 27.84 ? 201 ILE A N   1 
ATOM   1489 C  CA  . ILE A 1 196 ? -5.694  1.799   -3.561  1.00 27.87 ? 201 ILE A CA  1 
ATOM   1490 C  C   . ILE A 1 196 ? -5.664  1.845   -5.096  1.00 27.62 ? 201 ILE A C   1 
ATOM   1491 O  O   . ILE A 1 196 ? -6.621  2.296   -5.719  1.00 27.82 ? 201 ILE A O   1 
ATOM   1492 C  CB  . ILE A 1 196 ? -4.890  2.979   -2.951  1.00 28.00 ? 201 ILE A CB  1 
ATOM   1493 C  CG1 . ILE A 1 196 ? -5.221  3.124   -1.456  1.00 28.51 ? 201 ILE A CG1 1 
ATOM   1494 C  CG2 . ILE A 1 196 ? -5.180  4.293   -3.671  1.00 27.64 ? 201 ILE A CG2 1 
ATOM   1495 C  CD1 . ILE A 1 196 ? -4.211  3.941   -0.677  1.00 28.54 ? 201 ILE A CD1 1 
ATOM   1496 N  N   . ASN A 1 197 ? -4.574  1.367   -5.691  1.00 27.74 ? 202 ASN A N   1 
ATOM   1497 C  CA  . ASN A 1 197 ? -4.414  1.401   -7.146  1.00 28.07 ? 202 ASN A CA  1 
ATOM   1498 C  C   . ASN A 1 197 ? -5.382  0.472   -7.886  1.00 28.12 ? 202 ASN A C   1 
ATOM   1499 O  O   . ASN A 1 197 ? -5.997  0.889   -8.867  1.00 28.46 ? 202 ASN A O   1 
ATOM   1500 C  CB  . ASN A 1 197 ? -2.957  1.150   -7.552  1.00 27.94 ? 202 ASN A CB  1 
ATOM   1501 C  CG  . ASN A 1 197 ? -2.091  2.393   -7.392  1.00 29.03 ? 202 ASN A CG  1 
ATOM   1502 O  OD1 . ASN A 1 197 ? -1.956  3.190   -8.319  1.00 28.82 ? 202 ASN A OD1 1 
ATOM   1503 N  ND2 . ASN A 1 197 ? -1.527  2.581   -6.206  1.00 30.44 ? 202 ASN A ND2 1 
ATOM   1504 N  N   . LEU A 1 198 ? -5.546  -0.758  -7.398  1.00 28.27 ? 203 LEU A N   1 
ATOM   1505 C  CA  . LEU A 1 198 ? -6.543  -1.683  -7.956  1.00 28.54 ? 203 LEU A CA  1 
ATOM   1506 C  C   . LEU A 1 198 ? -7.968  -1.153  -7.772  1.00 28.67 ? 203 LEU A C   1 
ATOM   1507 O  O   . LEU A 1 198 ? -8.808  -1.292  -8.665  1.00 27.90 ? 203 LEU A O   1 
ATOM   1508 C  CB  . LEU A 1 198 ? -6.419  -3.074  -7.327  1.00 29.14 ? 203 LEU A CB  1 
ATOM   1509 C  CG  . LEU A 1 198 ? -5.156  -3.884  -7.652  1.00 29.89 ? 203 LEU A CG  1 
ATOM   1510 C  CD1 . LEU A 1 198 ? -5.027  -5.072  -6.708  1.00 29.96 ? 203 LEU A CD1 1 
ATOM   1511 C  CD2 . LEU A 1 198 ? -5.157  -4.347  -9.101  1.00 29.97 ? 203 LEU A CD2 1 
ATOM   1512 N  N   . LEU A 1 199 ? -8.227  -0.538  -6.619  1.00 29.01 ? 204 LEU A N   1 
ATOM   1513 C  CA  . LEU A 1 199 ? -9.543  0.013   -6.317  1.00 29.85 ? 204 LEU A CA  1 
ATOM   1514 C  C   . LEU A 1 199 ? -9.905  1.157   -7.258  1.00 29.80 ? 204 LEU A C   1 
ATOM   1515 O  O   . LEU A 1 199 ? -11.012 1.198   -7.788  1.00 29.73 ? 204 LEU A O   1 
ATOM   1516 C  CB  . LEU A 1 199 ? -9.607  0.491   -4.863  1.00 29.94 ? 204 LEU A CB  1 
ATOM   1517 C  CG  . LEU A 1 199 ? -10.975 0.951   -4.352  1.00 29.90 ? 204 LEU A CG  1 
ATOM   1518 C  CD1 . LEU A 1 199 ? -11.956 -0.211  -4.333  1.00 30.53 ? 204 LEU A CD1 1 
ATOM   1519 C  CD2 . LEU A 1 199 ? -10.849 1.562   -2.968  1.00 30.22 ? 204 LEU A CD2 1 
ATOM   1520 N  N   . ARG A 1 200 ? -8.972  2.085   -7.445  1.00 30.78 ? 205 ARG A N   1 
ATOM   1521 C  CA  . ARG A 1 200 ? -9.147  3.178   -8.400  1.00 31.91 ? 205 ARG A CA  1 
ATOM   1522 C  C   . ARG A 1 200 ? -9.311  2.643   -9.824  1.00 31.39 ? 205 ARG A C   1 
ATOM   1523 O  O   . ARG A 1 200 ? -10.190 3.094   -10.546 1.00 31.44 ? 205 ARG A O   1 
ATOM   1524 C  CB  . ARG A 1 200 ? -7.969  4.155   -8.328  1.00 32.96 ? 205 ARG A CB  1 
ATOM   1525 C  CG  . ARG A 1 200 ? -8.103  5.356   -9.251  1.00 33.88 ? 205 ARG A CG  1 
ATOM   1526 C  CD  . ARG A 1 200 ? -7.094  6.445   -8.938  1.00 34.80 ? 205 ARG A CD  1 
ATOM   1527 N  NE  . ARG A 1 200 ? -5.726  5.924   -8.893  1.00 36.24 ? 205 ARG A NE  1 
ATOM   1528 C  CZ  . ARG A 1 200 ? -4.943  5.837   -7.813  1.00 38.29 ? 205 ARG A CZ  1 
ATOM   1529 N  NH1 . ARG A 1 200 ? -5.343  6.256   -6.608  1.00 39.16 ? 205 ARG A NH1 1 
ATOM   1530 N  NH2 . ARG A 1 200 ? -3.719  5.330   -7.942  1.00 39.37 ? 205 ARG A NH2 1 
ATOM   1531 N  N   . PHE A 1 201 ? -8.475  1.680   -10.209 1.00 32.09 ? 206 PHE A N   1 
ATOM   1532 C  CA  . PHE A 1 201 ? -8.554  1.059   -11.533 1.00 33.34 ? 206 PHE A CA  1 
ATOM   1533 C  C   . PHE A 1 201 ? -9.925  0.441   -11.814 1.00 34.68 ? 206 PHE A C   1 
ATOM   1534 O  O   . PHE A 1 201 ? -10.606 0.851   -12.759 1.00 34.31 ? 206 PHE A O   1 
ATOM   1535 C  CB  . PHE A 1 201 ? -7.467  -0.008  -11.710 1.00 33.66 ? 206 PHE A CB  1 
ATOM   1536 C  CG  . PHE A 1 201 ? -7.477  -0.653  -13.068 1.00 33.75 ? 206 PHE A CG  1 
ATOM   1537 C  CD1 . PHE A 1 201 ? -6.999  0.038   -14.178 1.00 33.46 ? 206 PHE A CD1 1 
ATOM   1538 C  CD2 . PHE A 1 201 ? -7.981  -1.940  -13.243 1.00 34.21 ? 206 PHE A CD2 1 
ATOM   1539 C  CE1 . PHE A 1 201 ? -7.013  -0.541  -15.439 1.00 34.11 ? 206 PHE A CE1 1 
ATOM   1540 C  CE2 . PHE A 1 201 ? -7.995  -2.530  -14.501 1.00 35.38 ? 206 PHE A CE2 1 
ATOM   1541 C  CZ  . PHE A 1 201 ? -7.510  -1.828  -15.603 1.00 35.14 ? 206 PHE A CZ  1 
ATOM   1542 N  N   . PHE A 1 202 ? -10.320 -0.533  -10.990 1.00 36.45 ? 207 PHE A N   1 
ATOM   1543 C  CA  . PHE A 1 202 ? -11.624 -1.192  -11.138 1.00 37.74 ? 207 PHE A CA  1 
ATOM   1544 C  C   . PHE A 1 202 ? -12.791 -0.229  -10.888 1.00 37.48 ? 207 PHE A C   1 
ATOM   1545 O  O   . PHE A 1 202 ? -13.853 -0.374  -11.499 1.00 36.63 ? 207 PHE A O   1 
ATOM   1546 C  CB  . PHE A 1 202 ? -11.744 -2.413  -10.212 1.00 39.13 ? 207 PHE A CB  1 
ATOM   1547 C  CG  . PHE A 1 202 ? -10.778 -3.527  -10.532 1.00 40.65 ? 207 PHE A CG  1 
ATOM   1548 C  CD1 . PHE A 1 202 ? -10.685 -4.050  -11.824 1.00 41.90 ? 207 PHE A CD1 1 
ATOM   1549 C  CD2 . PHE A 1 202 ? -9.973  -4.077  -9.536  1.00 41.49 ? 207 PHE A CD2 1 
ATOM   1550 C  CE1 . PHE A 1 202 ? -9.793  -5.076  -12.114 1.00 42.47 ? 207 PHE A CE1 1 
ATOM   1551 C  CE2 . PHE A 1 202 ? -9.083  -5.104  -9.821  1.00 42.00 ? 207 PHE A CE2 1 
ATOM   1552 C  CZ  . PHE A 1 202 ? -8.990  -5.601  -11.112 1.00 42.41 ? 207 PHE A CZ  1 
ATOM   1553 N  N   . GLY A 1 203 ? -12.582 0.745   -10.001 1.00 37.68 ? 208 GLY A N   1 
ATOM   1554 C  CA  . GLY A 1 203 ? -13.556 1.804   -9.750  1.00 38.91 ? 208 GLY A CA  1 
ATOM   1555 C  C   . GLY A 1 203 ? -13.877 2.617   -10.992 1.00 39.80 ? 208 GLY A C   1 
ATOM   1556 O  O   . GLY A 1 203 ? -15.042 2.753   -11.358 1.00 39.10 ? 208 GLY A O   1 
ATOM   1557 N  N   . ILE A 1 204 ? -12.839 3.129   -11.650 1.00 40.59 ? 209 ILE A N   1 
ATOM   1558 C  CA  . ILE A 1 204 ? -13.006 3.919   -12.875 1.00 42.16 ? 209 ILE A CA  1 
ATOM   1559 C  C   . ILE A 1 204 ? -13.469 3.036   -14.039 1.00 42.87 ? 209 ILE A C   1 
ATOM   1560 O  O   . ILE A 1 204 ? -14.347 3.439   -14.803 1.00 42.14 ? 209 ILE A O   1 
ATOM   1561 C  CB  . ILE A 1 204 ? -11.715 4.683   -13.259 1.00 43.71 ? 209 ILE A CB  1 
ATOM   1562 C  CG1 . ILE A 1 204 ? -11.347 5.697   -12.166 1.00 43.72 ? 209 ILE A CG1 1 
ATOM   1563 C  CG2 . ILE A 1 204 ? -11.896 5.422   -14.586 1.00 44.64 ? 209 ILE A CG2 1 
ATOM   1564 C  CD1 . ILE A 1 204 ? -9.936  6.237   -12.274 1.00 44.00 ? 209 ILE A CD1 1 
ATOM   1565 N  N   . LEU A 1 205 ? -12.901 1.834   -14.156 1.00 44.52 ? 210 LEU A N   1 
ATOM   1566 C  CA  . LEU A 1 205 ? -13.276 0.882   -15.214 1.00 46.46 ? 210 LEU A CA  1 
ATOM   1567 C  C   . LEU A 1 205 ? -14.783 0.565   -15.236 1.00 49.26 ? 210 LEU A C   1 
ATOM   1568 O  O   . LEU A 1 205 ? -15.380 0.469   -16.312 1.00 50.53 ? 210 LEU A O   1 
ATOM   1569 C  CB  . LEU A 1 205 ? -12.462 -0.416  -15.083 1.00 46.31 ? 210 LEU A CB  1 
ATOM   1570 C  CG  . LEU A 1 205 ? -12.583 -1.455  -16.210 1.00 46.47 ? 210 LEU A CG  1 
ATOM   1571 C  CD1 . LEU A 1 205 ? -11.904 -0.966  -17.482 1.00 46.81 ? 210 LEU A CD1 1 
ATOM   1572 C  CD2 . LEU A 1 205 ? -11.985 -2.787  -15.788 1.00 45.92 ? 210 LEU A CD2 1 
ATOM   1573 N  N   . SER A 1 206 ? -15.380 0.408   -14.053 1.00 50.93 ? 211 SER A N   1 
ATOM   1574 C  CA  . SER A 1 206 ? -16.834 0.214   -13.911 1.00 52.45 ? 211 SER A CA  1 
ATOM   1575 C  C   . SER A 1 206 ? -17.648 1.523   -13.862 1.00 54.39 ? 211 SER A C   1 
ATOM   1576 O  O   . SER A 1 206 ? -18.876 1.485   -13.946 1.00 55.13 ? 211 SER A O   1 
ATOM   1577 C  CB  . SER A 1 206 ? -17.139 -0.619  -12.662 1.00 52.10 ? 211 SER A CB  1 
ATOM   1578 O  OG  . SER A 1 206 ? -16.782 -1.973  -12.850 1.00 53.95 ? 211 SER A OG  1 
ATOM   1579 N  N   . SER A 1 207 ? -16.969 2.664   -13.718 1.00 56.32 ? 212 SER A N   1 
ATOM   1580 C  CA  . SER A 1 207 ? -17.615 3.987   -13.659 1.00 56.74 ? 212 SER A CA  1 
ATOM   1581 C  C   . SER A 1 207 ? -18.342 4.369   -14.957 1.00 56.47 ? 212 SER A C   1 
ATOM   1582 O  O   . SER A 1 207 ? -19.347 5.076   -14.913 1.00 54.93 ? 212 SER A O   1 
ATOM   1583 C  CB  . SER A 1 207 ? -16.585 5.075   -13.308 1.00 56.56 ? 212 SER A CB  1 
ATOM   1584 O  OG  . SER A 1 207 ? -17.213 6.269   -12.888 1.00 58.64 ? 212 SER A OG  1 
ATOM   1585 N  N   . ASP A 1 208 ? -17.826 3.914   -16.100 1.00 57.73 ? 213 ASP A N   1 
ATOM   1586 C  CA  . ASP A 1 208 ? -18.481 4.126   -17.394 1.00 58.74 ? 213 ASP A CA  1 
ATOM   1587 C  C   . ASP A 1 208 ? -18.240 2.941   -18.325 1.00 59.37 ? 213 ASP A C   1 
ATOM   1588 O  O   . ASP A 1 208 ? -18.319 1.788   -17.904 1.00 60.89 ? 213 ASP A O   1 
ATOM   1589 C  CB  . ASP A 1 208 ? -17.970 5.421   -18.036 1.00 59.52 ? 213 ASP A CB  1 
ATOM   1590 C  CG  . ASP A 1 208 ? -18.966 6.028   -19.010 1.00 59.12 ? 213 ASP A CG  1 
ATOM   1591 O  OD1 . ASP A 1 208 ? -19.587 5.277   -19.792 1.00 62.02 ? 213 ASP A OD1 1 
ATOM   1592 O  OD2 . ASP A 1 208 ? -19.128 7.266   -18.992 1.00 57.44 ? 213 ASP A OD2 1 
HETATM 1593 GD GD  . GD  B 2 .   ? -15.677 11.167  -2.953  0.52 37.50 ? 301 GD  A GD  1 
HETATM 1594 O  O   . HOH C 3 .   ? 17.540  -13.767 5.843   1.00 7.08  ? 401 HOH A O   1 
HETATM 1595 O  O   . HOH C 3 .   ? -8.553  15.327  -8.275  1.00 51.98 ? 402 HOH A O   1 
HETATM 1596 O  O   . HOH C 3 .   ? -10.748 9.856   -19.943 1.00 42.68 ? 403 HOH A O   1 
HETATM 1597 O  O   . HOH C 3 .   ? 15.343  -17.834 -8.339  1.00 30.30 ? 404 HOH A O   1 
HETATM 1598 O  O   . HOH C 3 .   ? 14.121  1.050   11.961  1.00 51.31 ? 405 HOH A O   1 
HETATM 1599 O  O   . HOH C 3 .   ? -3.580  12.618  -6.211  1.00 26.13 ? 406 HOH A O   1 
HETATM 1600 O  O   . HOH C 3 .   ? -20.337 11.349  10.493  1.00 26.48 ? 407 HOH A O   1 
HETATM 1601 O  O   . HOH C 3 .   ? -8.127  11.972  -7.033  1.00 38.09 ? 408 HOH A O   1 
HETATM 1602 O  O   . HOH C 3 .   ? 14.006  -0.960  1.024   1.00 59.99 ? 409 HOH A O   1 
HETATM 1603 O  O   . HOH C 3 .   ? -14.238 -10.048 -10.756 1.00 37.99 ? 410 HOH A O   1 
HETATM 1604 O  O   . HOH C 3 .   ? 12.302  -1.263  13.019  1.00 30.42 ? 411 HOH A O   1 
HETATM 1605 O  O   . HOH C 3 .   ? -19.916 9.913   7.693   1.00 59.25 ? 412 HOH A O   1 
HETATM 1606 O  O   . HOH C 3 .   ? 7.689   1.369   -0.920  1.00 51.02 ? 413 HOH A O   1 
HETATM 1607 O  O   . HOH C 3 .   ? 12.052  12.788  5.255   1.00 51.81 ? 414 HOH A O   1 
HETATM 1608 O  O   . HOH C 3 .   ? -13.648 -5.396  -12.308 1.00 55.62 ? 415 HOH A O   1 
HETATM 1609 O  O   . HOH C 3 .   ? 9.477   -0.746  19.937  1.00 36.69 ? 416 HOH A O   1 
HETATM 1610 O  O   . HOH C 3 .   ? -15.195 3.573   -17.665 1.00 56.97 ? 417 HOH A O   1 
HETATM 1611 O  O   . HOH C 3 .   ? 13.143  -3.838  1.295   1.00 73.95 ? 418 HOH A O   1 
HETATM 1612 O  O   . HOH C 3 .   ? -1.972  5.561   -5.182  1.00 36.35 ? 419 HOH A O   1 
HETATM 1613 O  O   . HOH C 3 .   ? -9.736  -11.327 -7.421  1.00 66.71 ? 420 HOH A O   1 
HETATM 1614 O  O   . HOH C 3 .   ? 23.206  -8.395  4.486   1.00 4.84  ? 421 HOH A O   1 
HETATM 1615 O  O   . HOH C 3 .   ? 5.466   5.378   19.041  1.00 59.99 ? 422 HOH A O   1 
HETATM 1616 O  O   . HOH C 3 .   ? 9.417   5.134   16.747  1.00 27.93 ? 423 HOH A O   1 
HETATM 1617 O  O   . HOH C 3 .   ? -12.580 15.482  -2.773  1.00 33.39 ? 424 HOH A O   1 
HETATM 1618 O  O   . HOH C 3 .   ? -13.965 11.002  -1.386  1.00 37.22 ? 425 HOH A O   1 
HETATM 1619 O  O   . HOH C 3 .   ? -3.655  8.511   -20.658 1.00 45.63 ? 426 HOH A O   1 
HETATM 1620 O  O   . HOH C 3 .   ? -3.721  12.410  -20.349 1.00 59.80 ? 427 HOH A O   1 
HETATM 1621 O  O   . HOH C 3 .   ? -13.269 5.806   -17.958 1.00 55.77 ? 428 HOH A O   1 
HETATM 1622 O  O   . HOH C 3 .   ? -16.371 13.246  -3.730  1.00 36.08 ? 429 HOH A O   1 
HETATM 1623 O  O   . HOH C 3 .   ? 2.772   7.373   16.131  1.00 53.53 ? 430 HOH A O   1 
HETATM 1624 O  O   . HOH C 3 .   ? 13.158  10.421  14.322  1.00 58.34 ? 431 HOH A O   1 
# 
loop_
_pdbx_poly_seq_scheme.asym_id 
_pdbx_poly_seq_scheme.entity_id 
_pdbx_poly_seq_scheme.seq_id 
_pdbx_poly_seq_scheme.mon_id 
_pdbx_poly_seq_scheme.ndb_seq_num 
_pdbx_poly_seq_scheme.pdb_seq_num 
_pdbx_poly_seq_scheme.auth_seq_num 
_pdbx_poly_seq_scheme.pdb_mon_id 
_pdbx_poly_seq_scheme.auth_mon_id 
_pdbx_poly_seq_scheme.pdb_strand_id 
_pdbx_poly_seq_scheme.pdb_ins_code 
_pdbx_poly_seq_scheme.hetero 
A 1 1   HIS 1   6   ?   ?   ?   A . n 
A 1 2   GLU 2   7   ?   ?   ?   A . n 
A 1 3   SER 3   8   ?   ?   ?   A . n 
A 1 4   LYS 4   9   ?   ?   ?   A . n 
A 1 5   GLN 5   10  10  GLN GLN A . n 
A 1 6   SER 6   11  11  SER SER A . n 
A 1 7   ILE 7   12  12  ILE ILE A . n 
A 1 8   MET 8   13  13  MET MET A . n 
A 1 9   GLN 9   14  14  GLN GLN A . n 
A 1 10  ARG 10  15  15  ARG ARG A . n 
A 1 11  ILE 11  16  16  ILE ILE A . n 
A 1 12  LEU 12  17  17  LEU LEU A . n 
A 1 13  THR 13  18  18  THR THR A . n 
A 1 14  VAL 14  19  19  VAL VAL A . n 
A 1 15  PHE 15  20  20  PHE PHE A . n 
A 1 16  VAL 16  21  21  VAL VAL A . n 
A 1 17  PHE 17  22  22  PHE PHE A . n 
A 1 18  THR 18  23  23  THR THR A . n 
A 1 19  LEU 19  24  24  LEU LEU A . n 
A 1 20  LEU 20  25  25  LEU LEU A . n 
A 1 21  ILE 21  26  26  ILE ILE A . n 
A 1 22  ALA 22  27  27  ALA ALA A . n 
A 1 23  THR 23  28  28  THR THR A . n 
A 1 24  VAL 24  29  29  VAL VAL A . n 
A 1 25  GLY 25  30  30  GLY GLY A . n 
A 1 26  LEU 26  31  31  LEU LEU A . n 
A 1 27  PHE 27  32  32  PHE PHE A . n 
A 1 28  ILE 28  33  33  ILE ILE A . n 
A 1 29  GLY 29  34  34  GLY GLY A . n 
A 1 30  GLN 30  35  35  GLN GLN A . n 
A 1 31  PHE 31  36  36  PHE PHE A . n 
A 1 32  VAL 32  37  37  VAL VAL A . n 
A 1 33  PRO 33  38  38  PRO PRO A . n 
A 1 34  VAL 34  39  39  VAL VAL A . n 
A 1 35  ALA 35  40  40  ALA ALA A . n 
A 1 36  LEU 36  41  41  LEU LEU A . n 
A 1 37  MET 37  42  42  MET MET A . n 
A 1 38  LEU 38  43  43  LEU LEU A . n 
A 1 39  PRO 39  44  44  PRO PRO A . n 
A 1 40  LEU 40  45  45  LEU LEU A . n 
A 1 41  SER 41  46  46  SER SER A . n 
A 1 42  ILE 42  47  47  ILE ILE A . n 
A 1 43  LEU 43  48  48  LEU LEU A . n 
A 1 44  GLU 44  49  49  GLU GLU A . n 
A 1 45  VAL 45  50  50  VAL VAL A . n 
A 1 46  ALA 46  51  51  ALA ALA A . n 
A 1 47  MET 47  52  52  MET MET A . n 
A 1 48  ILE 48  53  53  ILE ILE A . n 
A 1 49  ILE 49  54  54  ILE ILE A . n 
A 1 50  LEU 50  55  55  LEU LEU A . n 
A 1 51  ALA 51  56  56  ALA ALA A . n 
A 1 52  PHE 52  57  57  PHE PHE A . n 
A 1 53  TRP 53  58  58  TRP TRP A . n 
A 1 54  MET 54  59  59  MET MET A . n 
A 1 55  ARG 55  60  60  ARG ARG A . n 
A 1 56  ARG 56  61  61  ARG ARG A . n 
A 1 57  ARG 57  62  62  ARG ARG A . n 
A 1 58  LYS 58  63  63  LYS LYS A . n 
A 1 59  ALA 59  64  64  ALA ALA A . n 
A 1 60  VAL 60  65  65  VAL VAL A . n 
A 1 61  GLY 61  66  66  GLY GLY A . n 
A 1 62  TYR 62  67  67  TYR TYR A . n 
A 1 63  ALA 63  68  68  ALA ALA A . n 
A 1 64  PHE 64  69  69  PHE PHE A . n 
A 1 65  VAL 65  70  70  VAL VAL A . n 
A 1 66  TYR 66  71  71  TYR TYR A . n 
A 1 67  THR 67  72  72  THR THR A . n 
A 1 68  PHE 68  73  73  PHE PHE A . n 
A 1 69  ALA 69  74  74  ALA ALA A . n 
A 1 70  PHE 70  75  75  PHE PHE A . n 
A 1 71  VAL 71  76  76  VAL VAL A . n 
A 1 72  SER 72  77  77  SER SER A . n 
A 1 73  GLY 73  78  78  GLY GLY A . n 
A 1 74  ILE 74  79  79  ILE ILE A . n 
A 1 75  THR 75  80  80  THR THR A . n 
A 1 76  LEU 76  81  81  LEU LEU A . n 
A 1 77  PHE 77  82  82  PHE PHE A . n 
A 1 78  PRO 78  83  83  PRO PRO A . n 
A 1 79  ILE 79  84  84  ILE ILE A . n 
A 1 80  VAL 80  85  85  VAL VAL A . n 
A 1 81  SER 81  86  86  SER SER A . n 
A 1 82  HIS 82  87  87  HIS HIS A . n 
A 1 83  TYR 83  88  88  TYR TYR A . n 
A 1 84  ALA 84  89  89  ALA ALA A . n 
A 1 85  SER 85  90  90  SER SER A . n 
A 1 86  ILE 86  91  91  ILE ILE A . n 
A 1 87  ALA 87  92  92  ALA ALA A . n 
A 1 88  GLY 88  93  93  GLY GLY A . n 
A 1 89  ALA 89  94  94  ALA ALA A . n 
A 1 90  TYR 90  95  95  TYR TYR A . n 
A 1 91  VAL 91  96  96  VAL VAL A . n 
A 1 92  VAL 92  97  97  VAL VAL A . n 
A 1 93  LEU 93  98  98  LEU LEU A . n 
A 1 94  GLU 94  99  99  GLU GLU A . n 
A 1 95  ALA 95  100 100 ALA ALA A . n 
A 1 96  PHE 96  101 101 PHE PHE A . n 
A 1 97  GLY 97  102 102 GLY GLY A . n 
A 1 98  SER 98  103 103 SER SER A . n 
A 1 99  THR 99  104 104 THR THR A . n 
A 1 100 PHE 100 105 105 PHE PHE A . n 
A 1 101 VAL 101 106 106 VAL VAL A . n 
A 1 102 ILE 102 107 107 ILE ILE A . n 
A 1 103 PHE 103 108 108 PHE PHE A . n 
A 1 104 ALA 104 109 109 ALA ALA A . n 
A 1 105 VAL 105 110 110 VAL VAL A . n 
A 1 106 LEU 106 111 111 LEU LEU A . n 
A 1 107 GLY 107 112 112 GLY GLY A . n 
A 1 108 THR 108 113 113 THR THR A . n 
A 1 109 ILE 109 114 114 ILE ILE A . n 
A 1 110 GLY 110 115 115 GLY GLY A . n 
A 1 111 ALA 111 116 116 ALA ALA A . n 
A 1 112 LYS 112 117 117 LYS LYS A . n 
A 1 113 MET 113 118 118 MET MET A . n 
A 1 114 LYS 114 119 119 LYS LYS A . n 
A 1 115 LYS 115 120 120 LYS LYS A . n 
A 1 116 ASP 116 121 121 ASP ASP A . n 
A 1 117 LEU 117 122 122 LEU LEU A . n 
A 1 118 SER 118 123 123 SER SER A . n 
A 1 119 PHE 119 124 124 PHE PHE A . n 
A 1 120 LEU 120 125 125 LEU LEU A . n 
A 1 121 TRP 121 126 126 TRP TRP A . n 
A 1 122 SER 122 127 127 SER SER A . n 
A 1 123 PHE 123 128 128 PHE PHE A . n 
A 1 124 LEU 124 129 129 LEU LEU A . n 
A 1 125 LEU 125 130 130 LEU LEU A . n 
A 1 126 VAL 126 131 131 VAL VAL A . n 
A 1 127 ALA 127 132 132 ALA ALA A . n 
A 1 128 VAL 128 133 133 VAL VAL A . n 
A 1 129 LEU 129 134 134 LEU LEU A . n 
A 1 130 ALA 130 135 135 ALA ALA A . n 
A 1 131 LEU 131 136 136 LEU LEU A . n 
A 1 132 ALA 132 137 137 ALA ALA A . n 
A 1 133 VAL 133 138 138 VAL VAL A . n 
A 1 134 VAL 134 139 139 VAL VAL A . n 
A 1 135 GLY 135 140 140 GLY GLY A . n 
A 1 136 ILE 136 141 141 ILE ILE A . n 
A 1 137 PHE 137 142 142 PHE PHE A . n 
A 1 138 ASN 138 143 143 ASN ASN A . n 
A 1 139 ILE 139 144 144 ILE ILE A . n 
A 1 140 PHE 140 145 145 PHE PHE A . n 
A 1 141 SER 141 146 146 SER SER A . n 
A 1 142 PRO 142 147 147 PRO PRO A . n 
A 1 143 LEU 143 148 148 LEU LEU A . n 
A 1 144 ASN 144 149 149 ASN ASN A . n 
A 1 145 SER 145 150 150 SER SER A . n 
A 1 146 ALA 146 151 151 ALA ALA A . n 
A 1 147 ALA 147 152 152 ALA ALA A . n 
A 1 148 MET 148 153 153 MET MET A . n 
A 1 149 MET 149 154 154 MET MET A . n 
A 1 150 ALA 150 155 155 ALA ALA A . n 
A 1 151 TYR 151 156 156 TYR TYR A . n 
A 1 152 SER 152 157 157 SER SER A . n 
A 1 153 VAL 153 158 158 VAL VAL A . n 
A 1 154 ILE 154 159 159 ILE ILE A . n 
A 1 155 GLY 155 160 160 GLY GLY A . n 
A 1 156 THR 156 161 161 THR THR A . n 
A 1 157 ILE 157 162 162 ILE ILE A . n 
A 1 158 VAL 158 163 163 VAL VAL A . n 
A 1 159 PHE 159 164 164 PHE PHE A . n 
A 1 160 SER 160 165 165 SER SER A . n 
A 1 161 LEU 161 166 166 LEU LEU A . n 
A 1 162 TYR 162 167 167 TYR TYR A . n 
A 1 163 ILE 163 168 168 ILE ILE A . n 
A 1 164 LEU 164 169 169 LEU LEU A . n 
A 1 165 TYR 165 170 170 TYR TYR A . n 
A 1 166 ASP 166 171 171 ASP ASP A . n 
A 1 167 LEU 167 172 172 LEU LEU A . n 
A 1 168 ASN 168 173 173 ASN ASN A . n 
A 1 169 GLN 169 174 174 GLN GLN A . n 
A 1 170 ILE 170 175 175 ILE ILE A . n 
A 1 171 LYS 171 176 176 LYS LYS A . n 
A 1 172 HIS 172 177 177 HIS HIS A . n 
A 1 173 ARG 173 178 178 ARG ARG A . n 
A 1 174 HIS 174 179 179 HIS HIS A . n 
A 1 175 ILE 175 180 180 ILE ILE A . n 
A 1 176 THR 176 181 181 THR THR A . n 
A 1 177 GLU 177 182 182 GLU GLU A . n 
A 1 178 ASP 178 183 183 ASP ASP A . n 
A 1 179 LEU 179 184 184 LEU LEU A . n 
A 1 180 ILE 180 185 185 ILE ILE A . n 
A 1 181 PRO 181 186 186 PRO PRO A . n 
A 1 182 VAL 182 187 187 VAL VAL A . n 
A 1 183 MET 183 188 188 MET MET A . n 
A 1 184 ALA 184 189 189 ALA ALA A . n 
A 1 185 LEU 185 190 190 LEU LEU A . n 
A 1 186 SER 186 191 191 SER SER A . n 
A 1 187 LEU 187 192 192 LEU LEU A . n 
A 1 188 TYR 188 193 193 TYR TYR A . n 
A 1 189 LEU 189 194 194 LEU LEU A . n 
A 1 190 ASP 190 195 195 ASP ASP A . n 
A 1 191 PHE 191 196 196 PHE PHE A . n 
A 1 192 ILE 192 197 197 ILE ILE A . n 
A 1 193 ASN 193 198 198 ASN ASN A . n 
A 1 194 LEU 194 199 199 LEU LEU A . n 
A 1 195 PHE 195 200 200 PHE PHE A . n 
A 1 196 ILE 196 201 201 ILE ILE A . n 
A 1 197 ASN 197 202 202 ASN ASN A . n 
A 1 198 LEU 198 203 203 LEU LEU A . n 
A 1 199 LEU 199 204 204 LEU LEU A . n 
A 1 200 ARG 200 205 205 ARG ARG A . n 
A 1 201 PHE 201 206 206 PHE PHE A . n 
A 1 202 PHE 202 207 207 PHE PHE A . n 
A 1 203 GLY 203 208 208 GLY GLY A . n 
A 1 204 ILE 204 209 209 ILE ILE A . n 
A 1 205 LEU 205 210 210 LEU LEU A . n 
A 1 206 SER 206 211 211 SER SER A . n 
A 1 207 SER 207 212 212 SER SER A . n 
A 1 208 ASP 208 213 213 ASP ASP A . n 
A 1 209 ASP 209 214 ?   ?   ?   A . n 
# 
loop_
_pdbx_nonpoly_scheme.asym_id 
_pdbx_nonpoly_scheme.entity_id 
_pdbx_nonpoly_scheme.mon_id 
_pdbx_nonpoly_scheme.ndb_seq_num 
_pdbx_nonpoly_scheme.pdb_seq_num 
_pdbx_nonpoly_scheme.auth_seq_num 
_pdbx_nonpoly_scheme.pdb_mon_id 
_pdbx_nonpoly_scheme.auth_mon_id 
_pdbx_nonpoly_scheme.pdb_strand_id 
_pdbx_nonpoly_scheme.pdb_ins_code 
B 2 GD  1  301 301 GD  GD  A . 
C 3 HOH 1  401 1   HOH HOH A . 
C 3 HOH 2  402 18  HOH HOH A . 
C 3 HOH 3  403 6   HOH HOH A . 
C 3 HOH 4  404 2   HOH HOH A . 
C 3 HOH 5  405 28  HOH HOH A . 
C 3 HOH 6  406 12  HOH HOH A . 
C 3 HOH 7  407 8   HOH HOH A . 
C 3 HOH 8  408 27  HOH HOH A . 
C 3 HOH 9  409 19  HOH HOH A . 
C 3 HOH 10 410 23  HOH HOH A . 
C 3 HOH 11 411 21  HOH HOH A . 
C 3 HOH 12 412 17  HOH HOH A . 
C 3 HOH 13 413 29  HOH HOH A . 
C 3 HOH 14 414 14  HOH HOH A . 
C 3 HOH 15 415 4   HOH HOH A . 
C 3 HOH 16 416 10  HOH HOH A . 
C 3 HOH 17 417 13  HOH HOH A . 
C 3 HOH 18 418 30  HOH HOH A . 
C 3 HOH 19 419 15  HOH HOH A . 
C 3 HOH 20 420 7   HOH HOH A . 
C 3 HOH 21 421 22  HOH HOH A . 
C 3 HOH 22 422 20  HOH HOH A . 
C 3 HOH 23 423 24  HOH HOH A . 
C 3 HOH 24 424 32  HOH HOH A . 
C 3 HOH 25 425 26  HOH HOH A . 
C 3 HOH 26 426 16  HOH HOH A . 
C 3 HOH 27 427 33  HOH HOH A . 
C 3 HOH 28 428 31  HOH HOH A . 
C 3 HOH 29 429 3   HOH HOH A . 
C 3 HOH 30 430 25  HOH HOH A . 
C 3 HOH 31 431 11  HOH HOH A . 
# 
_pdbx_struct_assembly.id                   1 
_pdbx_struct_assembly.details              author_and_software_defined_assembly 
_pdbx_struct_assembly.method_details       PISA 
_pdbx_struct_assembly.oligomeric_details   monomeric 
_pdbx_struct_assembly.oligomeric_count     1 
# 
_pdbx_struct_assembly_gen.assembly_id       1 
_pdbx_struct_assembly_gen.oper_expression   1 
_pdbx_struct_assembly_gen.asym_id_list      A,B,C 
# 
_pdbx_struct_oper_list.id                   1 
_pdbx_struct_oper_list.type                 'identity operation' 
_pdbx_struct_oper_list.name                 1_555 
_pdbx_struct_oper_list.symmetry_operation   x,y,z 
_pdbx_struct_oper_list.matrix[1][1]         1.0000000000 
_pdbx_struct_oper_list.matrix[1][2]         0.0000000000 
_pdbx_struct_oper_list.matrix[1][3]         0.0000000000 
_pdbx_struct_oper_list.vector[1]            0.0000000000 
_pdbx_struct_oper_list.matrix[2][1]         0.0000000000 
_pdbx_struct_oper_list.matrix[2][2]         1.0000000000 
_pdbx_struct_oper_list.matrix[2][3]         0.0000000000 
_pdbx_struct_oper_list.vector[2]            0.0000000000 
_pdbx_struct_oper_list.matrix[3][1]         0.0000000000 
_pdbx_struct_oper_list.matrix[3][2]         0.0000000000 
_pdbx_struct_oper_list.matrix[3][3]         1.0000000000 
_pdbx_struct_oper_list.vector[3]            0.0000000000 
# 
loop_
_pdbx_struct_conn_angle.id 
_pdbx_struct_conn_angle.ptnr1_label_atom_id 
_pdbx_struct_conn_angle.ptnr1_label_alt_id 
_pdbx_struct_conn_angle.ptnr1_label_asym_id 
_pdbx_struct_conn_angle.ptnr1_label_comp_id 
_pdbx_struct_conn_angle.ptnr1_label_seq_id 
_pdbx_struct_conn_angle.ptnr1_auth_atom_id 
_pdbx_struct_conn_angle.ptnr1_auth_asym_id 
_pdbx_struct_conn_angle.ptnr1_auth_comp_id 
_pdbx_struct_conn_angle.ptnr1_auth_seq_id 
_pdbx_struct_conn_angle.ptnr1_PDB_ins_code 
_pdbx_struct_conn_angle.ptnr1_symmetry 
_pdbx_struct_conn_angle.ptnr2_label_atom_id 
_pdbx_struct_conn_angle.ptnr2_label_alt_id 
_pdbx_struct_conn_angle.ptnr2_label_asym_id 
_pdbx_struct_conn_angle.ptnr2_label_comp_id 
_pdbx_struct_conn_angle.ptnr2_label_seq_id 
_pdbx_struct_conn_angle.ptnr2_auth_atom_id 
_pdbx_struct_conn_angle.ptnr2_auth_asym_id 
_pdbx_struct_conn_angle.ptnr2_auth_comp_id 
_pdbx_struct_conn_angle.ptnr2_auth_seq_id 
_pdbx_struct_conn_angle.ptnr2_PDB_ins_code 
_pdbx_struct_conn_angle.ptnr2_symmetry 
_pdbx_struct_conn_angle.ptnr3_label_atom_id 
_pdbx_struct_conn_angle.ptnr3_label_alt_id 
_pdbx_struct_conn_angle.ptnr3_label_asym_id 
_pdbx_struct_conn_angle.ptnr3_label_comp_id 
_pdbx_struct_conn_angle.ptnr3_label_seq_id 
_pdbx_struct_conn_angle.ptnr3_auth_atom_id 
_pdbx_struct_conn_angle.ptnr3_auth_asym_id 
_pdbx_struct_conn_angle.ptnr3_auth_comp_id 
_pdbx_struct_conn_angle.ptnr3_auth_seq_id 
_pdbx_struct_conn_angle.ptnr3_PDB_ins_code 
_pdbx_struct_conn_angle.ptnr3_symmetry 
_pdbx_struct_conn_angle.value 
_pdbx_struct_conn_angle.value_esd 
1 ND1 ? A HIS 82  ? A HIS 87  ? 1_555 GD ? B GD . ? A GD 301 ? 1_555 ND1 ? A HIS 174 ? A HIS 179 ? 1_555 74.7  ? 
2 ND1 ? A HIS 82  ? A HIS 87  ? 1_555 GD ? B GD . ? A GD 301 ? 1_555 O   ? C HOH .   ? A HOH 425 ? 1_555 107.5 ? 
3 ND1 ? A HIS 174 ? A HIS 179 ? 1_555 GD ? B GD . ? A GD 301 ? 1_555 O   ? C HOH .   ? A HOH 425 ? 1_555 33.1  ? 
4 ND1 ? A HIS 82  ? A HIS 87  ? 1_555 GD ? B GD . ? A GD 301 ? 1_555 O   ? C HOH .   ? A HOH 429 ? 1_555 109.7 ? 
5 ND1 ? A HIS 174 ? A HIS 179 ? 1_555 GD ? B GD . ? A GD 301 ? 1_555 O   ? C HOH .   ? A HOH 429 ? 1_555 139.6 ? 
6 O   ? C HOH .   ? A HOH 425 ? 1_555 GD ? B GD . ? A GD 301 ? 1_555 O   ? C HOH .   ? A HOH 429 ? 1_555 120.5 ? 
# 
loop_
_pdbx_audit_revision_history.ordinal 
_pdbx_audit_revision_history.data_content_type 
_pdbx_audit_revision_history.major_revision 
_pdbx_audit_revision_history.minor_revision 
_pdbx_audit_revision_history.revision_date 
1 'Structure model' 1 0 2019-04-17 
2 'Structure model' 1 1 2019-06-12 
3 'Structure model' 1 2 2023-10-11 
# 
_pdbx_audit_revision_details.ordinal             1 
_pdbx_audit_revision_details.revision_ordinal    1 
_pdbx_audit_revision_details.data_content_type   'Structure model' 
_pdbx_audit_revision_details.provider            repository 
_pdbx_audit_revision_details.type                'Initial release' 
_pdbx_audit_revision_details.description         ? 
_pdbx_audit_revision_details.details             ? 
# 
loop_
_pdbx_audit_revision_group.ordinal 
_pdbx_audit_revision_group.revision_ordinal 
_pdbx_audit_revision_group.data_content_type 
_pdbx_audit_revision_group.group 
1 2 'Structure model' 'Data collection'        
2 2 'Structure model' 'Database references'    
3 3 'Structure model' 'Data collection'        
4 3 'Structure model' 'Database references'    
5 3 'Structure model' 'Derived calculations'   
6 3 'Structure model' 'Refinement description' 
# 
loop_
_pdbx_audit_revision_category.ordinal 
_pdbx_audit_revision_category.revision_ordinal 
_pdbx_audit_revision_category.data_content_type 
_pdbx_audit_revision_category.category 
1 2 'Structure model' citation                      
2 3 'Structure model' chem_comp_atom                
3 3 'Structure model' chem_comp_bond                
4 3 'Structure model' database_2                    
5 3 'Structure model' pdbx_initial_refinement_model 
6 3 'Structure model' pdbx_struct_conn_angle        
7 3 'Structure model' struct_conn                   
# 
loop_
_pdbx_audit_revision_item.ordinal 
_pdbx_audit_revision_item.revision_ordinal 
_pdbx_audit_revision_item.data_content_type 
_pdbx_audit_revision_item.item 
1  2 'Structure model' '_citation.journal_id_ISSN'                   
2  2 'Structure model' '_citation.journal_volume'                    
3  2 'Structure model' '_citation.page_first'                        
4  2 'Structure model' '_citation.page_last'                         
5  3 'Structure model' '_database_2.pdbx_DOI'                        
6  3 'Structure model' '_database_2.pdbx_database_accession'         
7  3 'Structure model' '_pdbx_struct_conn_angle.ptnr1_auth_comp_id'  
8  3 'Structure model' '_pdbx_struct_conn_angle.ptnr1_auth_seq_id'   
9  3 'Structure model' '_pdbx_struct_conn_angle.ptnr1_label_asym_id' 
10 3 'Structure model' '_pdbx_struct_conn_angle.ptnr1_label_atom_id' 
11 3 'Structure model' '_pdbx_struct_conn_angle.ptnr1_label_comp_id' 
12 3 'Structure model' '_pdbx_struct_conn_angle.ptnr1_label_seq_id'  
13 3 'Structure model' '_pdbx_struct_conn_angle.ptnr3_auth_comp_id'  
14 3 'Structure model' '_pdbx_struct_conn_angle.ptnr3_auth_seq_id'   
15 3 'Structure model' '_pdbx_struct_conn_angle.ptnr3_label_asym_id' 
16 3 'Structure model' '_pdbx_struct_conn_angle.ptnr3_label_atom_id' 
17 3 'Structure model' '_pdbx_struct_conn_angle.ptnr3_label_comp_id' 
18 3 'Structure model' '_pdbx_struct_conn_angle.ptnr3_label_seq_id'  
19 3 'Structure model' '_pdbx_struct_conn_angle.value'               
20 3 'Structure model' '_struct_conn.pdbx_dist_value'                
21 3 'Structure model' '_struct_conn.ptnr1_auth_comp_id'             
22 3 'Structure model' '_struct_conn.ptnr1_auth_seq_id'              
23 3 'Structure model' '_struct_conn.ptnr1_label_asym_id'            
24 3 'Structure model' '_struct_conn.ptnr1_label_atom_id'            
25 3 'Structure model' '_struct_conn.ptnr1_label_comp_id'            
26 3 'Structure model' '_struct_conn.ptnr1_label_seq_id'             
27 3 'Structure model' '_struct_conn.ptnr2_auth_comp_id'             
28 3 'Structure model' '_struct_conn.ptnr2_auth_seq_id'              
29 3 'Structure model' '_struct_conn.ptnr2_label_asym_id'            
30 3 'Structure model' '_struct_conn.ptnr2_label_atom_id'            
31 3 'Structure model' '_struct_conn.ptnr2_label_comp_id'            
32 3 'Structure model' '_struct_conn.ptnr2_symmetry'                 
# 
loop_
_software.citation_id 
_software.classification 
_software.compiler_name 
_software.compiler_version 
_software.contact_author 
_software.contact_author_email 
_software.date 
_software.description 
_software.dependencies 
_software.hardware 
_software.language 
_software.location 
_software.mods 
_software.name 
_software.os 
_software.os_version 
_software.type 
_software.version 
_software.pdbx_ordinal 
? refinement       ? ? ? ? ? ? ? ? ? ? ? REFMAC  ? ? ? 5.8.0135 1 
? 'data reduction' ? ? ? ? ? ? ? ? ? ? ? XDS     ? ? ? .        2 
? 'data scaling'   ? ? ? ? ? ? ? ? ? ? ? Aimless ? ? ? .        3 
? phasing          ? ? ? ? ? ? ? ? ? ? ? PHASER  ? ? ? .        4 
# 
_pdbx_validate_torsion.id              1 
_pdbx_validate_torsion.PDB_model_num   1 
_pdbx_validate_torsion.auth_comp_id    ALA 
_pdbx_validate_torsion.auth_asym_id    A 
_pdbx_validate_torsion.auth_seq_id     92 
_pdbx_validate_torsion.PDB_ins_code    ? 
_pdbx_validate_torsion.label_alt_id    ? 
_pdbx_validate_torsion.phi             -143.74 
_pdbx_validate_torsion.psi             20.57 
# 
loop_
_pdbx_unobs_or_zero_occ_atoms.id 
_pdbx_unobs_or_zero_occ_atoms.PDB_model_num 
_pdbx_unobs_or_zero_occ_atoms.polymer_flag 
_pdbx_unobs_or_zero_occ_atoms.occupancy_flag 
_pdbx_unobs_or_zero_occ_atoms.auth_asym_id 
_pdbx_unobs_or_zero_occ_atoms.auth_comp_id 
_pdbx_unobs_or_zero_occ_atoms.auth_seq_id 
_pdbx_unobs_or_zero_occ_atoms.PDB_ins_code 
_pdbx_unobs_or_zero_occ_atoms.auth_atom_id 
_pdbx_unobs_or_zero_occ_atoms.label_alt_id 
_pdbx_unobs_or_zero_occ_atoms.label_asym_id 
_pdbx_unobs_or_zero_occ_atoms.label_comp_id 
_pdbx_unobs_or_zero_occ_atoms.label_seq_id 
_pdbx_unobs_or_zero_occ_atoms.label_atom_id 
1  1 Y 1 A GLN 10 ? CG  ? A GLN 5  CG  
2  1 Y 1 A GLN 10 ? CD  ? A GLN 5  CD  
3  1 Y 1 A GLN 10 ? OE1 ? A GLN 5  OE1 
4  1 Y 1 A GLN 10 ? NE2 ? A GLN 5  NE2 
5  1 Y 1 A ARG 61 ? CG  ? A ARG 56 CG  
6  1 Y 1 A ARG 61 ? CD  ? A ARG 56 CD  
7  1 Y 1 A ARG 61 ? NE  ? A ARG 56 NE  
8  1 Y 1 A ARG 61 ? CZ  ? A ARG 56 CZ  
9  1 Y 1 A ARG 61 ? NH1 ? A ARG 56 NH1 
10 1 Y 1 A ARG 61 ? NH2 ? A ARG 56 NH2 
11 1 Y 1 A LYS 63 ? CG  ? A LYS 58 CG  
12 1 Y 1 A LYS 63 ? CD  ? A LYS 58 CD  
13 1 Y 1 A LYS 63 ? CE  ? A LYS 58 CE  
14 1 Y 1 A LYS 63 ? NZ  ? A LYS 58 NZ  
# 
loop_
_pdbx_unobs_or_zero_occ_residues.id 
_pdbx_unobs_or_zero_occ_residues.PDB_model_num 
_pdbx_unobs_or_zero_occ_residues.polymer_flag 
_pdbx_unobs_or_zero_occ_residues.occupancy_flag 
_pdbx_unobs_or_zero_occ_residues.auth_asym_id 
_pdbx_unobs_or_zero_occ_residues.auth_comp_id 
_pdbx_unobs_or_zero_occ_residues.auth_seq_id 
_pdbx_unobs_or_zero_occ_residues.PDB_ins_code 
_pdbx_unobs_or_zero_occ_residues.label_asym_id 
_pdbx_unobs_or_zero_occ_residues.label_comp_id 
_pdbx_unobs_or_zero_occ_residues.label_seq_id 
1 1 Y 1 A HIS 6   ? A HIS 1   
2 1 Y 1 A GLU 7   ? A GLU 2   
3 1 Y 1 A SER 8   ? A SER 3   
4 1 Y 1 A LYS 9   ? A LYS 4   
5 1 Y 1 A ASP 214 ? A ASP 209 
# 
loop_
_chem_comp_atom.comp_id 
_chem_comp_atom.atom_id 
_chem_comp_atom.type_symbol 
_chem_comp_atom.pdbx_aromatic_flag 
_chem_comp_atom.pdbx_stereo_config 
_chem_comp_atom.pdbx_ordinal 
ALA N    N  N N 1   
ALA CA   C  N S 2   
ALA C    C  N N 3   
ALA O    O  N N 4   
ALA CB   C  N N 5   
ALA OXT  O  N N 6   
ALA H    H  N N 7   
ALA H2   H  N N 8   
ALA HA   H  N N 9   
ALA HB1  H  N N 10  
ALA HB2  H  N N 11  
ALA HB3  H  N N 12  
ALA HXT  H  N N 13  
ARG N    N  N N 14  
ARG CA   C  N S 15  
ARG C    C  N N 16  
ARG O    O  N N 17  
ARG CB   C  N N 18  
ARG CG   C  N N 19  
ARG CD   C  N N 20  
ARG NE   N  N N 21  
ARG CZ   C  N N 22  
ARG NH1  N  N N 23  
ARG NH2  N  N N 24  
ARG OXT  O  N N 25  
ARG H    H  N N 26  
ARG H2   H  N N 27  
ARG HA   H  N N 28  
ARG HB2  H  N N 29  
ARG HB3  H  N N 30  
ARG HG2  H  N N 31  
ARG HG3  H  N N 32  
ARG HD2  H  N N 33  
ARG HD3  H  N N 34  
ARG HE   H  N N 35  
ARG HH11 H  N N 36  
ARG HH12 H  N N 37  
ARG HH21 H  N N 38  
ARG HH22 H  N N 39  
ARG HXT  H  N N 40  
ASN N    N  N N 41  
ASN CA   C  N S 42  
ASN C    C  N N 43  
ASN O    O  N N 44  
ASN CB   C  N N 45  
ASN CG   C  N N 46  
ASN OD1  O  N N 47  
ASN ND2  N  N N 48  
ASN OXT  O  N N 49  
ASN H    H  N N 50  
ASN H2   H  N N 51  
ASN HA   H  N N 52  
ASN HB2  H  N N 53  
ASN HB3  H  N N 54  
ASN HD21 H  N N 55  
ASN HD22 H  N N 56  
ASN HXT  H  N N 57  
ASP N    N  N N 58  
ASP CA   C  N S 59  
ASP C    C  N N 60  
ASP O    O  N N 61  
ASP CB   C  N N 62  
ASP CG   C  N N 63  
ASP OD1  O  N N 64  
ASP OD2  O  N N 65  
ASP OXT  O  N N 66  
ASP H    H  N N 67  
ASP H2   H  N N 68  
ASP HA   H  N N 69  
ASP HB2  H  N N 70  
ASP HB3  H  N N 71  
ASP HD2  H  N N 72  
ASP HXT  H  N N 73  
GD  GD   GD N N 74  
GLN N    N  N N 75  
GLN CA   C  N S 76  
GLN C    C  N N 77  
GLN O    O  N N 78  
GLN CB   C  N N 79  
GLN CG   C  N N 80  
GLN CD   C  N N 81  
GLN OE1  O  N N 82  
GLN NE2  N  N N 83  
GLN OXT  O  N N 84  
GLN H    H  N N 85  
GLN H2   H  N N 86  
GLN HA   H  N N 87  
GLN HB2  H  N N 88  
GLN HB3  H  N N 89  
GLN HG2  H  N N 90  
GLN HG3  H  N N 91  
GLN HE21 H  N N 92  
GLN HE22 H  N N 93  
GLN HXT  H  N N 94  
GLU N    N  N N 95  
GLU CA   C  N S 96  
GLU C    C  N N 97  
GLU O    O  N N 98  
GLU CB   C  N N 99  
GLU CG   C  N N 100 
GLU CD   C  N N 101 
GLU OE1  O  N N 102 
GLU OE2  O  N N 103 
GLU OXT  O  N N 104 
GLU H    H  N N 105 
GLU H2   H  N N 106 
GLU HA   H  N N 107 
GLU HB2  H  N N 108 
GLU HB3  H  N N 109 
GLU HG2  H  N N 110 
GLU HG3  H  N N 111 
GLU HE2  H  N N 112 
GLU HXT  H  N N 113 
GLY N    N  N N 114 
GLY CA   C  N N 115 
GLY C    C  N N 116 
GLY O    O  N N 117 
GLY OXT  O  N N 118 
GLY H    H  N N 119 
GLY H2   H  N N 120 
GLY HA2  H  N N 121 
GLY HA3  H  N N 122 
GLY HXT  H  N N 123 
HIS N    N  N N 124 
HIS CA   C  N S 125 
HIS C    C  N N 126 
HIS O    O  N N 127 
HIS CB   C  N N 128 
HIS CG   C  Y N 129 
HIS ND1  N  Y N 130 
HIS CD2  C  Y N 131 
HIS CE1  C  Y N 132 
HIS NE2  N  Y N 133 
HIS OXT  O  N N 134 
HIS H    H  N N 135 
HIS H2   H  N N 136 
HIS HA   H  N N 137 
HIS HB2  H  N N 138 
HIS HB3  H  N N 139 
HIS HD1  H  N N 140 
HIS HD2  H  N N 141 
HIS HE1  H  N N 142 
HIS HE2  H  N N 143 
HIS HXT  H  N N 144 
HOH O    O  N N 145 
HOH H1   H  N N 146 
HOH H2   H  N N 147 
ILE N    N  N N 148 
ILE CA   C  N S 149 
ILE C    C  N N 150 
ILE O    O  N N 151 
ILE CB   C  N S 152 
ILE CG1  C  N N 153 
ILE CG2  C  N N 154 
ILE CD1  C  N N 155 
ILE OXT  O  N N 156 
ILE H    H  N N 157 
ILE H2   H  N N 158 
ILE HA   H  N N 159 
ILE HB   H  N N 160 
ILE HG12 H  N N 161 
ILE HG13 H  N N 162 
ILE HG21 H  N N 163 
ILE HG22 H  N N 164 
ILE HG23 H  N N 165 
ILE HD11 H  N N 166 
ILE HD12 H  N N 167 
ILE HD13 H  N N 168 
ILE HXT  H  N N 169 
LEU N    N  N N 170 
LEU CA   C  N S 171 
LEU C    C  N N 172 
LEU O    O  N N 173 
LEU CB   C  N N 174 
LEU CG   C  N N 175 
LEU CD1  C  N N 176 
LEU CD2  C  N N 177 
LEU OXT  O  N N 178 
LEU H    H  N N 179 
LEU H2   H  N N 180 
LEU HA   H  N N 181 
LEU HB2  H  N N 182 
LEU HB3  H  N N 183 
LEU HG   H  N N 184 
LEU HD11 H  N N 185 
LEU HD12 H  N N 186 
LEU HD13 H  N N 187 
LEU HD21 H  N N 188 
LEU HD22 H  N N 189 
LEU HD23 H  N N 190 
LEU HXT  H  N N 191 
LYS N    N  N N 192 
LYS CA   C  N S 193 
LYS C    C  N N 194 
LYS O    O  N N 195 
LYS CB   C  N N 196 
LYS CG   C  N N 197 
LYS CD   C  N N 198 
LYS CE   C  N N 199 
LYS NZ   N  N N 200 
LYS OXT  O  N N 201 
LYS H    H  N N 202 
LYS H2   H  N N 203 
LYS HA   H  N N 204 
LYS HB2  H  N N 205 
LYS HB3  H  N N 206 
LYS HG2  H  N N 207 
LYS HG3  H  N N 208 
LYS HD2  H  N N 209 
LYS HD3  H  N N 210 
LYS HE2  H  N N 211 
LYS HE3  H  N N 212 
LYS HZ1  H  N N 213 
LYS HZ2  H  N N 214 
LYS HZ3  H  N N 215 
LYS HXT  H  N N 216 
MET N    N  N N 217 
MET CA   C  N S 218 
MET C    C  N N 219 
MET O    O  N N 220 
MET CB   C  N N 221 
MET CG   C  N N 222 
MET SD   S  N N 223 
MET CE   C  N N 224 
MET OXT  O  N N 225 
MET H    H  N N 226 
MET H2   H  N N 227 
MET HA   H  N N 228 
MET HB2  H  N N 229 
MET HB3  H  N N 230 
MET HG2  H  N N 231 
MET HG3  H  N N 232 
MET HE1  H  N N 233 
MET HE2  H  N N 234 
MET HE3  H  N N 235 
MET HXT  H  N N 236 
PHE N    N  N N 237 
PHE CA   C  N S 238 
PHE C    C  N N 239 
PHE O    O  N N 240 
PHE CB   C  N N 241 
PHE CG   C  Y N 242 
PHE CD1  C  Y N 243 
PHE CD2  C  Y N 244 
PHE CE1  C  Y N 245 
PHE CE2  C  Y N 246 
PHE CZ   C  Y N 247 
PHE OXT  O  N N 248 
PHE H    H  N N 249 
PHE H2   H  N N 250 
PHE HA   H  N N 251 
PHE HB2  H  N N 252 
PHE HB3  H  N N 253 
PHE HD1  H  N N 254 
PHE HD2  H  N N 255 
PHE HE1  H  N N 256 
PHE HE2  H  N N 257 
PHE HZ   H  N N 258 
PHE HXT  H  N N 259 
PRO N    N  N N 260 
PRO CA   C  N S 261 
PRO C    C  N N 262 
PRO O    O  N N 263 
PRO CB   C  N N 264 
PRO CG   C  N N 265 
PRO CD   C  N N 266 
PRO OXT  O  N N 267 
PRO H    H  N N 268 
PRO HA   H  N N 269 
PRO HB2  H  N N 270 
PRO HB3  H  N N 271 
PRO HG2  H  N N 272 
PRO HG3  H  N N 273 
PRO HD2  H  N N 274 
PRO HD3  H  N N 275 
PRO HXT  H  N N 276 
SER N    N  N N 277 
SER CA   C  N S 278 
SER C    C  N N 279 
SER O    O  N N 280 
SER CB   C  N N 281 
SER OG   O  N N 282 
SER OXT  O  N N 283 
SER H    H  N N 284 
SER H2   H  N N 285 
SER HA   H  N N 286 
SER HB2  H  N N 287 
SER HB3  H  N N 288 
SER HG   H  N N 289 
SER HXT  H  N N 290 
THR N    N  N N 291 
THR CA   C  N S 292 
THR C    C  N N 293 
THR O    O  N N 294 
THR CB   C  N R 295 
THR OG1  O  N N 296 
THR CG2  C  N N 297 
THR OXT  O  N N 298 
THR H    H  N N 299 
THR H2   H  N N 300 
THR HA   H  N N 301 
THR HB   H  N N 302 
THR HG1  H  N N 303 
THR HG21 H  N N 304 
THR HG22 H  N N 305 
THR HG23 H  N N 306 
THR HXT  H  N N 307 
TRP N    N  N N 308 
TRP CA   C  N S 309 
TRP C    C  N N 310 
TRP O    O  N N 311 
TRP CB   C  N N 312 
TRP CG   C  Y N 313 
TRP CD1  C  Y N 314 
TRP CD2  C  Y N 315 
TRP NE1  N  Y N 316 
TRP CE2  C  Y N 317 
TRP CE3  C  Y N 318 
TRP CZ2  C  Y N 319 
TRP CZ3  C  Y N 320 
TRP CH2  C  Y N 321 
TRP OXT  O  N N 322 
TRP H    H  N N 323 
TRP H2   H  N N 324 
TRP HA   H  N N 325 
TRP HB2  H  N N 326 
TRP HB3  H  N N 327 
TRP HD1  H  N N 328 
TRP HE1  H  N N 329 
TRP HE3  H  N N 330 
TRP HZ2  H  N N 331 
TRP HZ3  H  N N 332 
TRP HH2  H  N N 333 
TRP HXT  H  N N 334 
TYR N    N  N N 335 
TYR CA   C  N S 336 
TYR C    C  N N 337 
TYR O    O  N N 338 
TYR CB   C  N N 339 
TYR CG   C  Y N 340 
TYR CD1  C  Y N 341 
TYR CD2  C  Y N 342 
TYR CE1  C  Y N 343 
TYR CE2  C  Y N 344 
TYR CZ   C  Y N 345 
TYR OH   O  N N 346 
TYR OXT  O  N N 347 
TYR H    H  N N 348 
TYR H2   H  N N 349 
TYR HA   H  N N 350 
TYR HB2  H  N N 351 
TYR HB3  H  N N 352 
TYR HD1  H  N N 353 
TYR HD2  H  N N 354 
TYR HE1  H  N N 355 
TYR HE2  H  N N 356 
TYR HH   H  N N 357 
TYR HXT  H  N N 358 
VAL N    N  N N 359 
VAL CA   C  N S 360 
VAL C    C  N N 361 
VAL O    O  N N 362 
VAL CB   C  N N 363 
VAL CG1  C  N N 364 
VAL CG2  C  N N 365 
VAL OXT  O  N N 366 
VAL H    H  N N 367 
VAL H2   H  N N 368 
VAL HA   H  N N 369 
VAL HB   H  N N 370 
VAL HG11 H  N N 371 
VAL HG12 H  N N 372 
VAL HG13 H  N N 373 
VAL HG21 H  N N 374 
VAL HG22 H  N N 375 
VAL HG23 H  N N 376 
VAL HXT  H  N N 377 
# 
loop_
_chem_comp_bond.comp_id 
_chem_comp_bond.atom_id_1 
_chem_comp_bond.atom_id_2 
_chem_comp_bond.value_order 
_chem_comp_bond.pdbx_aromatic_flag 
_chem_comp_bond.pdbx_stereo_config 
_chem_comp_bond.pdbx_ordinal 
ALA N   CA   sing N N 1   
ALA N   H    sing N N 2   
ALA N   H2   sing N N 3   
ALA CA  C    sing N N 4   
ALA CA  CB   sing N N 5   
ALA CA  HA   sing N N 6   
ALA C   O    doub N N 7   
ALA C   OXT  sing N N 8   
ALA CB  HB1  sing N N 9   
ALA CB  HB2  sing N N 10  
ALA CB  HB3  sing N N 11  
ALA OXT HXT  sing N N 12  
ARG N   CA   sing N N 13  
ARG N   H    sing N N 14  
ARG N   H2   sing N N 15  
ARG CA  C    sing N N 16  
ARG CA  CB   sing N N 17  
ARG CA  HA   sing N N 18  
ARG C   O    doub N N 19  
ARG C   OXT  sing N N 20  
ARG CB  CG   sing N N 21  
ARG CB  HB2  sing N N 22  
ARG CB  HB3  sing N N 23  
ARG CG  CD   sing N N 24  
ARG CG  HG2  sing N N 25  
ARG CG  HG3  sing N N 26  
ARG CD  NE   sing N N 27  
ARG CD  HD2  sing N N 28  
ARG CD  HD3  sing N N 29  
ARG NE  CZ   sing N N 30  
ARG NE  HE   sing N N 31  
ARG CZ  NH1  sing N N 32  
ARG CZ  NH2  doub N N 33  
ARG NH1 HH11 sing N N 34  
ARG NH1 HH12 sing N N 35  
ARG NH2 HH21 sing N N 36  
ARG NH2 HH22 sing N N 37  
ARG OXT HXT  sing N N 38  
ASN N   CA   sing N N 39  
ASN N   H    sing N N 40  
ASN N   H2   sing N N 41  
ASN CA  C    sing N N 42  
ASN CA  CB   sing N N 43  
ASN CA  HA   sing N N 44  
ASN C   O    doub N N 45  
ASN C   OXT  sing N N 46  
ASN CB  CG   sing N N 47  
ASN CB  HB2  sing N N 48  
ASN CB  HB3  sing N N 49  
ASN CG  OD1  doub N N 50  
ASN CG  ND2  sing N N 51  
ASN ND2 HD21 sing N N 52  
ASN ND2 HD22 sing N N 53  
ASN OXT HXT  sing N N 54  
ASP N   CA   sing N N 55  
ASP N   H    sing N N 56  
ASP N   H2   sing N N 57  
ASP CA  C    sing N N 58  
ASP CA  CB   sing N N 59  
ASP CA  HA   sing N N 60  
ASP C   O    doub N N 61  
ASP C   OXT  sing N N 62  
ASP CB  CG   sing N N 63  
ASP CB  HB2  sing N N 64  
ASP CB  HB3  sing N N 65  
ASP CG  OD1  doub N N 66  
ASP CG  OD2  sing N N 67  
ASP OD2 HD2  sing N N 68  
ASP OXT HXT  sing N N 69  
GLN N   CA   sing N N 70  
GLN N   H    sing N N 71  
GLN N   H2   sing N N 72  
GLN CA  C    sing N N 73  
GLN CA  CB   sing N N 74  
GLN CA  HA   sing N N 75  
GLN C   O    doub N N 76  
GLN C   OXT  sing N N 77  
GLN CB  CG   sing N N 78  
GLN CB  HB2  sing N N 79  
GLN CB  HB3  sing N N 80  
GLN CG  CD   sing N N 81  
GLN CG  HG2  sing N N 82  
GLN CG  HG3  sing N N 83  
GLN CD  OE1  doub N N 84  
GLN CD  NE2  sing N N 85  
GLN NE2 HE21 sing N N 86  
GLN NE2 HE22 sing N N 87  
GLN OXT HXT  sing N N 88  
GLU N   CA   sing N N 89  
GLU N   H    sing N N 90  
GLU N   H2   sing N N 91  
GLU CA  C    sing N N 92  
GLU CA  CB   sing N N 93  
GLU CA  HA   sing N N 94  
GLU C   O    doub N N 95  
GLU C   OXT  sing N N 96  
GLU CB  CG   sing N N 97  
GLU CB  HB2  sing N N 98  
GLU CB  HB3  sing N N 99  
GLU CG  CD   sing N N 100 
GLU CG  HG2  sing N N 101 
GLU CG  HG3  sing N N 102 
GLU CD  OE1  doub N N 103 
GLU CD  OE2  sing N N 104 
GLU OE2 HE2  sing N N 105 
GLU OXT HXT  sing N N 106 
GLY N   CA   sing N N 107 
GLY N   H    sing N N 108 
GLY N   H2   sing N N 109 
GLY CA  C    sing N N 110 
GLY CA  HA2  sing N N 111 
GLY CA  HA3  sing N N 112 
GLY C   O    doub N N 113 
GLY C   OXT  sing N N 114 
GLY OXT HXT  sing N N 115 
HIS N   CA   sing N N 116 
HIS N   H    sing N N 117 
HIS N   H2   sing N N 118 
HIS CA  C    sing N N 119 
HIS CA  CB   sing N N 120 
HIS CA  HA   sing N N 121 
HIS C   O    doub N N 122 
HIS C   OXT  sing N N 123 
HIS CB  CG   sing N N 124 
HIS CB  HB2  sing N N 125 
HIS CB  HB3  sing N N 126 
HIS CG  ND1  sing Y N 127 
HIS CG  CD2  doub Y N 128 
HIS ND1 CE1  doub Y N 129 
HIS ND1 HD1  sing N N 130 
HIS CD2 NE2  sing Y N 131 
HIS CD2 HD2  sing N N 132 
HIS CE1 NE2  sing Y N 133 
HIS CE1 HE1  sing N N 134 
HIS NE2 HE2  sing N N 135 
HIS OXT HXT  sing N N 136 
HOH O   H1   sing N N 137 
HOH O   H2   sing N N 138 
ILE N   CA   sing N N 139 
ILE N   H    sing N N 140 
ILE N   H2   sing N N 141 
ILE CA  C    sing N N 142 
ILE CA  CB   sing N N 143 
ILE CA  HA   sing N N 144 
ILE C   O    doub N N 145 
ILE C   OXT  sing N N 146 
ILE CB  CG1  sing N N 147 
ILE CB  CG2  sing N N 148 
ILE CB  HB   sing N N 149 
ILE CG1 CD1  sing N N 150 
ILE CG1 HG12 sing N N 151 
ILE CG1 HG13 sing N N 152 
ILE CG2 HG21 sing N N 153 
ILE CG2 HG22 sing N N 154 
ILE CG2 HG23 sing N N 155 
ILE CD1 HD11 sing N N 156 
ILE CD1 HD12 sing N N 157 
ILE CD1 HD13 sing N N 158 
ILE OXT HXT  sing N N 159 
LEU N   CA   sing N N 160 
LEU N   H    sing N N 161 
LEU N   H2   sing N N 162 
LEU CA  C    sing N N 163 
LEU CA  CB   sing N N 164 
LEU CA  HA   sing N N 165 
LEU C   O    doub N N 166 
LEU C   OXT  sing N N 167 
LEU CB  CG   sing N N 168 
LEU CB  HB2  sing N N 169 
LEU CB  HB3  sing N N 170 
LEU CG  CD1  sing N N 171 
LEU CG  CD2  sing N N 172 
LEU CG  HG   sing N N 173 
LEU CD1 HD11 sing N N 174 
LEU CD1 HD12 sing N N 175 
LEU CD1 HD13 sing N N 176 
LEU CD2 HD21 sing N N 177 
LEU CD2 HD22 sing N N 178 
LEU CD2 HD23 sing N N 179 
LEU OXT HXT  sing N N 180 
LYS N   CA   sing N N 181 
LYS N   H    sing N N 182 
LYS N   H2   sing N N 183 
LYS CA  C    sing N N 184 
LYS CA  CB   sing N N 185 
LYS CA  HA   sing N N 186 
LYS C   O    doub N N 187 
LYS C   OXT  sing N N 188 
LYS CB  CG   sing N N 189 
LYS CB  HB2  sing N N 190 
LYS CB  HB3  sing N N 191 
LYS CG  CD   sing N N 192 
LYS CG  HG2  sing N N 193 
LYS CG  HG3  sing N N 194 
LYS CD  CE   sing N N 195 
LYS CD  HD2  sing N N 196 
LYS CD  HD3  sing N N 197 
LYS CE  NZ   sing N N 198 
LYS CE  HE2  sing N N 199 
LYS CE  HE3  sing N N 200 
LYS NZ  HZ1  sing N N 201 
LYS NZ  HZ2  sing N N 202 
LYS NZ  HZ3  sing N N 203 
LYS OXT HXT  sing N N 204 
MET N   CA   sing N N 205 
MET N   H    sing N N 206 
MET N   H2   sing N N 207 
MET CA  C    sing N N 208 
MET CA  CB   sing N N 209 
MET CA  HA   sing N N 210 
MET C   O    doub N N 211 
MET C   OXT  sing N N 212 
MET CB  CG   sing N N 213 
MET CB  HB2  sing N N 214 
MET CB  HB3  sing N N 215 
MET CG  SD   sing N N 216 
MET CG  HG2  sing N N 217 
MET CG  HG3  sing N N 218 
MET SD  CE   sing N N 219 
MET CE  HE1  sing N N 220 
MET CE  HE2  sing N N 221 
MET CE  HE3  sing N N 222 
MET OXT HXT  sing N N 223 
PHE N   CA   sing N N 224 
PHE N   H    sing N N 225 
PHE N   H2   sing N N 226 
PHE CA  C    sing N N 227 
PHE CA  CB   sing N N 228 
PHE CA  HA   sing N N 229 
PHE C   O    doub N N 230 
PHE C   OXT  sing N N 231 
PHE CB  CG   sing N N 232 
PHE CB  HB2  sing N N 233 
PHE CB  HB3  sing N N 234 
PHE CG  CD1  doub Y N 235 
PHE CG  CD2  sing Y N 236 
PHE CD1 CE1  sing Y N 237 
PHE CD1 HD1  sing N N 238 
PHE CD2 CE2  doub Y N 239 
PHE CD2 HD2  sing N N 240 
PHE CE1 CZ   doub Y N 241 
PHE CE1 HE1  sing N N 242 
PHE CE2 CZ   sing Y N 243 
PHE CE2 HE2  sing N N 244 
PHE CZ  HZ   sing N N 245 
PHE OXT HXT  sing N N 246 
PRO N   CA   sing N N 247 
PRO N   CD   sing N N 248 
PRO N   H    sing N N 249 
PRO CA  C    sing N N 250 
PRO CA  CB   sing N N 251 
PRO CA  HA   sing N N 252 
PRO C   O    doub N N 253 
PRO C   OXT  sing N N 254 
PRO CB  CG   sing N N 255 
PRO CB  HB2  sing N N 256 
PRO CB  HB3  sing N N 257 
PRO CG  CD   sing N N 258 
PRO CG  HG2  sing N N 259 
PRO CG  HG3  sing N N 260 
PRO CD  HD2  sing N N 261 
PRO CD  HD3  sing N N 262 
PRO OXT HXT  sing N N 263 
SER N   CA   sing N N 264 
SER N   H    sing N N 265 
SER N   H2   sing N N 266 
SER CA  C    sing N N 267 
SER CA  CB   sing N N 268 
SER CA  HA   sing N N 269 
SER C   O    doub N N 270 
SER C   OXT  sing N N 271 
SER CB  OG   sing N N 272 
SER CB  HB2  sing N N 273 
SER CB  HB3  sing N N 274 
SER OG  HG   sing N N 275 
SER OXT HXT  sing N N 276 
THR N   CA   sing N N 277 
THR N   H    sing N N 278 
THR N   H2   sing N N 279 
THR CA  C    sing N N 280 
THR CA  CB   sing N N 281 
THR CA  HA   sing N N 282 
THR C   O    doub N N 283 
THR C   OXT  sing N N 284 
THR CB  OG1  sing N N 285 
THR CB  CG2  sing N N 286 
THR CB  HB   sing N N 287 
THR OG1 HG1  sing N N 288 
THR CG2 HG21 sing N N 289 
THR CG2 HG22 sing N N 290 
THR CG2 HG23 sing N N 291 
THR OXT HXT  sing N N 292 
TRP N   CA   sing N N 293 
TRP N   H    sing N N 294 
TRP N   H2   sing N N 295 
TRP CA  C    sing N N 296 
TRP CA  CB   sing N N 297 
TRP CA  HA   sing N N 298 
TRP C   O    doub N N 299 
TRP C   OXT  sing N N 300 
TRP CB  CG   sing N N 301 
TRP CB  HB2  sing N N 302 
TRP CB  HB3  sing N N 303 
TRP CG  CD1  doub Y N 304 
TRP CG  CD2  sing Y N 305 
TRP CD1 NE1  sing Y N 306 
TRP CD1 HD1  sing N N 307 
TRP CD2 CE2  doub Y N 308 
TRP CD2 CE3  sing Y N 309 
TRP NE1 CE2  sing Y N 310 
TRP NE1 HE1  sing N N 311 
TRP CE2 CZ2  sing Y N 312 
TRP CE3 CZ3  doub Y N 313 
TRP CE3 HE3  sing N N 314 
TRP CZ2 CH2  doub Y N 315 
TRP CZ2 HZ2  sing N N 316 
TRP CZ3 CH2  sing Y N 317 
TRP CZ3 HZ3  sing N N 318 
TRP CH2 HH2  sing N N 319 
TRP OXT HXT  sing N N 320 
TYR N   CA   sing N N 321 
TYR N   H    sing N N 322 
TYR N   H2   sing N N 323 
TYR CA  C    sing N N 324 
TYR CA  CB   sing N N 325 
TYR CA  HA   sing N N 326 
TYR C   O    doub N N 327 
TYR C   OXT  sing N N 328 
TYR CB  CG   sing N N 329 
TYR CB  HB2  sing N N 330 
TYR CB  HB3  sing N N 331 
TYR CG  CD1  doub Y N 332 
TYR CG  CD2  sing Y N 333 
TYR CD1 CE1  sing Y N 334 
TYR CD1 HD1  sing N N 335 
TYR CD2 CE2  doub Y N 336 
TYR CD2 HD2  sing N N 337 
TYR CE1 CZ   doub Y N 338 
TYR CE1 HE1  sing N N 339 
TYR CE2 CZ   sing Y N 340 
TYR CE2 HE2  sing N N 341 
TYR CZ  OH   sing N N 342 
TYR OH  HH   sing N N 343 
TYR OXT HXT  sing N N 344 
VAL N   CA   sing N N 345 
VAL N   H    sing N N 346 
VAL N   H2   sing N N 347 
VAL CA  C    sing N N 348 
VAL CA  CB   sing N N 349 
VAL CA  HA   sing N N 350 
VAL C   O    doub N N 351 
VAL C   OXT  sing N N 352 
VAL CB  CG1  sing N N 353 
VAL CB  CG2  sing N N 354 
VAL CB  HB   sing N N 355 
VAL CG1 HG11 sing N N 356 
VAL CG1 HG12 sing N N 357 
VAL CG1 HG13 sing N N 358 
VAL CG2 HG21 sing N N 359 
VAL CG2 HG22 sing N N 360 
VAL CG2 HG23 sing N N 361 
VAL OXT HXT  sing N N 362 
# 
loop_
_pdbx_entity_nonpoly.entity_id 
_pdbx_entity_nonpoly.name 
_pdbx_entity_nonpoly.comp_id 
2 'GADOLINIUM ATOM' GD  
3 water             HOH 
# 
_pdbx_initial_refinement_model.id               1 
_pdbx_initial_refinement_model.entity_id_list   ? 
_pdbx_initial_refinement_model.type             'experimental model' 
_pdbx_initial_refinement_model.source_name      PDB 
_pdbx_initial_refinement_model.accession_code   4PGR 
_pdbx_initial_refinement_model.details          ? 
# 
_pdbx_struct_assembly_auth_evidence.id                     1 
_pdbx_struct_assembly_auth_evidence.assembly_id            1 
_pdbx_struct_assembly_auth_evidence.experimental_support   none 
_pdbx_struct_assembly_auth_evidence.details                ? 
# 
